data_6PT0
#
_entry.id   6PT0
#
_cell.length_a   1.00
_cell.length_b   1.00
_cell.length_c   1.00
_cell.angle_alpha   90.00
_cell.angle_beta   90.00
_cell.angle_gamma   90.00
#
_symmetry.space_group_name_H-M   'P 1'
#
loop_
_entity.id
_entity.type
_entity.pdbx_description
1 polymer 'Cannabinoid receptor 2'
2 polymer 'Guanine nucleotide-binding protein G(i) subunit alpha-1'
3 polymer 'Guanine nucleotide-binding protein G(I)/G(S)/G(T) subunit beta-1'
4 polymer 'Guanine nucleotide-binding protein G(I)/G(S)/G(O) subunit gamma-2'
5 polymer scFv16
6 non-polymer {(3R)-5-methyl-3-[(morpholin-4-yl)methyl]-2,3-dihydro[1,4]oxazino[2,3,4-hi]indol-6-yl}(naphthalen-1-yl)methanone
7 non-polymer 'PALMITIC ACID'
8 non-polymer CHOLESTEROL
#
loop_
_entity_poly.entity_id
_entity_poly.type
_entity_poly.pdbx_seq_one_letter_code
_entity_poly.pdbx_strand_id
1 'polypeptide(L)'
;MEECWVTEIANGSKDGLDSNPMKDYMILSGPQKTAVAVLCTLLGLLSALENVAVLYLILSSHQLRRKPSYLFIGSLAGAD
FLASVVFACSFVNFHVFHGVDSKAVFLLKIGSVTMTFTASVGSLLLTAIDRYLCLRYPPSYKALLTRGRALVTLGIMWVL
SALVSYLPLMGWTCCPRPCSELFPLIPNDYLLSWLLFIAFLFSGIIYTYGHVLWKAHQHVASLSGHQDRQVPGMARMRLD
VRLAKTLGLVLAVLLICWFPVLALMAHSLATTLSDQVKKAFAFCSMLCLINSMVNPVIYALRSGEIRSSAHHCLAHWKKC
VRGLGSEAKEEAPRSSVTETEADGKITPWPDSRDLDLSDCAAAHHHHHH
;
R
2 'polypeptide(L)'
;MGCTLSAEDKAAVERSKMIDRNLREDGEKAAREVKLLLLGAGESGKNTIVKQMKIIHEAGYSEEECKQYKAVVYSNTIQS
IIAIIRAMGRLKIDFGDSARADDARQLFVLAGAAEEGFMTAELAGVIKRLWKDSGVQACFNRSREYQLNDSAAYYLNDLD
RIAQPNYIPTQQDVLRTRVKTTGIVETHFTFKDLHFKMFDVGAQRSERKKWIHCFEGVTAIIFCVALSDYDLVLAEDEEM
NRMHASMKLFDSICNNKWFTDTSIILFLNKKDLFEEKIKKSPLTICYPEYAGSNTYEEAAAYIQCQFEDLNKRKDTKEIY
THFTCSTDTKNVQFVFDAVTDVIIKNNLKDCGLF
;
A
3 'polypeptide(L)'
;MHHHHHHHHMGSLLQSELDQLRQEAEQLKNQIRDARKACADATLSQITNNIDPVGRIQMRTRRTLRGHLAKIYAMHWGTD
SRLLVSASQDGKLIIWDSYTTNKVHAIPLRSSWVMTCAYAPSGNYVACGGLDNICSIYNLKTREGNVRVSRELAGHTGYL
SCCRFLDDNQIVTSSGDTTCALWDIETGQQTTTFTGHTGDVMSLSLAPDTRLFVSGACDASAKLWDVREGMCRQTFTGHE
SDINAICFFPNGNAFATGSDDATCRLFDLRADQELMTYSHDNIICGITSVSFSKSGRLLLAGYDDFNCNVWDALKADRAG
VLAGHDNRVSCLGVTDDGMAVATGSWDSFLKIWN
;
B
4 'polypeptide(L)' MASNNTASIAQARKLVEQLKMEANIDRIKVSKAAADLMAYCEAHAKEDPLLTPVPASENPFREKKFFC C
5 'polypeptide(L)'
;DVQLVESGGGLVQPGGSRKLSCSASGFAFSSFGMHWVRQAPEKGLEWVAYISSGSGTIYYADTVKGRFTISRDDPKNTLF
LQMTSLRSEDTAMYYCVRSIYYYGSSPFDFWGQGTTLTVSSGGGGSGGGGSGGGGSDIVMTQATSSVPVTPGESVSISCR
SSKSLLHSNGNTYLYWFLQRPGQSPQLLIYRMSNLASGVPDRFSGSGSGTAFTLTISRLEAEDVGVYYCMQHLEYPLTFG
AGTKLELKAAAHHHHHHHH
;
E
#
# COMPACT_ATOMS: atom_id res chain seq x y z
N MET A 22 -32.52 -26.31 51.09
CA MET A 22 -31.66 -25.38 51.84
C MET A 22 -32.51 -24.48 52.73
N LYS A 23 -32.43 -24.71 54.04
CA LYS A 23 -33.23 -23.96 55.00
C LYS A 23 -32.51 -22.70 55.49
N ASP A 24 -31.24 -22.84 55.88
CA ASP A 24 -30.49 -21.68 56.36
C ASP A 24 -30.06 -20.77 55.22
N TYR A 25 -29.82 -21.32 54.02
CA TYR A 25 -29.43 -20.49 52.88
C TYR A 25 -30.58 -19.62 52.41
N MET A 26 -31.76 -20.22 52.22
CA MET A 26 -32.92 -19.49 51.75
C MET A 26 -33.54 -18.68 52.88
N ILE A 27 -33.79 -17.40 52.62
CA ILE A 27 -34.41 -16.49 53.57
C ILE A 27 -35.77 -16.09 53.01
N LEU A 28 -36.82 -16.27 53.81
CA LEU A 28 -38.20 -16.01 53.38
C LEU A 28 -38.73 -14.80 54.15
N SER A 29 -38.88 -13.68 53.44
CA SER A 29 -39.49 -12.49 54.02
C SER A 29 -40.32 -11.81 52.93
N GLY A 30 -41.54 -11.41 53.28
CA GLY A 30 -42.50 -10.83 52.37
C GLY A 30 -42.08 -9.55 51.65
N PRO A 31 -41.76 -8.49 52.42
CA PRO A 31 -41.21 -7.28 51.77
C PRO A 31 -39.91 -7.51 51.00
N GLN A 32 -39.06 -8.42 51.47
CA GLN A 32 -37.89 -8.82 50.70
C GLN A 32 -38.30 -9.47 49.38
N LYS A 33 -39.20 -10.47 49.46
CA LYS A 33 -39.67 -11.21 48.28
C LYS A 33 -40.36 -10.30 47.26
N THR A 34 -40.95 -9.20 47.71
CA THR A 34 -41.50 -8.24 46.76
C THR A 34 -40.41 -7.32 46.21
N ALA A 35 -39.75 -6.57 47.10
CA ALA A 35 -38.93 -5.43 46.69
C ALA A 35 -37.64 -5.87 46.01
N VAL A 36 -36.94 -6.87 46.58
CA VAL A 36 -35.68 -7.31 46.01
C VAL A 36 -35.89 -7.97 44.66
N ALA A 37 -37.01 -8.69 44.51
CA ALA A 37 -37.33 -9.32 43.22
C ALA A 37 -37.67 -8.28 42.16
N VAL A 38 -38.49 -7.29 42.50
CA VAL A 38 -38.84 -6.25 41.53
C VAL A 38 -37.62 -5.42 41.15
N LEU A 39 -36.75 -5.14 42.13
CA LEU A 39 -35.53 -4.39 41.86
C LEU A 39 -34.56 -5.18 40.98
N CYS A 40 -34.40 -6.48 41.26
CA CYS A 40 -33.52 -7.33 40.45
C CYS A 40 -34.05 -7.47 39.02
N THR A 41 -35.37 -7.61 38.88
CA THR A 41 -35.97 -7.73 37.55
C THR A 41 -35.79 -6.45 36.74
N LEU A 42 -36.00 -5.28 37.38
CA LEU A 42 -35.85 -4.02 36.67
C LEU A 42 -34.40 -3.74 36.30
N LEU A 43 -33.47 -3.98 37.24
CA LEU A 43 -32.05 -3.75 36.96
C LEU A 43 -31.53 -4.69 35.89
N GLY A 44 -31.91 -5.98 35.95
CA GLY A 44 -31.47 -6.93 34.95
C GLY A 44 -32.05 -6.65 33.57
N LEU A 45 -33.32 -6.24 33.52
CA LEU A 45 -33.96 -5.93 32.24
C LEU A 45 -33.35 -4.70 31.59
N LEU A 46 -33.14 -3.63 32.38
CA LEU A 46 -32.55 -2.41 31.83
C LEU A 46 -31.08 -2.61 31.48
N SER A 47 -30.35 -3.43 32.25
CA SER A 47 -28.98 -3.76 31.92
C SER A 47 -28.89 -4.57 30.63
N ALA A 48 -29.82 -5.51 30.45
CA ALA A 48 -29.85 -6.30 29.21
C ALA A 48 -30.18 -5.44 28.00
N LEU A 49 -31.11 -4.48 28.16
CA LEU A 49 -31.43 -3.57 27.06
C LEU A 49 -30.26 -2.68 26.68
N GLU A 50 -29.60 -2.09 27.70
CA GLU A 50 -28.42 -1.25 27.44
C GLU A 50 -27.28 -2.06 26.82
N ASN A 51 -27.10 -3.31 27.27
CA ASN A 51 -26.04 -4.14 26.73
C ASN A 51 -26.31 -4.57 25.30
N VAL A 52 -27.56 -4.92 24.97
CA VAL A 52 -27.91 -5.24 23.58
C VAL A 52 -27.75 -4.02 22.68
N ALA A 53 -28.09 -2.83 23.21
CA ALA A 53 -27.92 -1.59 22.44
C ALA A 53 -26.46 -1.30 22.15
N VAL A 54 -25.59 -1.43 23.16
CA VAL A 54 -24.18 -1.11 22.93
C VAL A 54 -23.48 -2.22 22.13
N LEU A 55 -23.92 -3.48 22.25
CA LEU A 55 -23.37 -4.55 21.43
C LEU A 55 -23.75 -4.39 19.96
N TYR A 56 -25.00 -4.03 19.68
CA TYR A 56 -25.40 -3.75 18.30
C TYR A 56 -24.69 -2.51 17.77
N LEU A 57 -24.49 -1.51 18.62
CA LEU A 57 -23.79 -0.30 18.22
C LEU A 57 -22.32 -0.57 17.87
N ILE A 58 -21.67 -1.48 18.59
CA ILE A 58 -20.28 -1.79 18.29
C ILE A 58 -20.16 -2.73 17.10
N LEU A 59 -20.98 -3.78 17.06
CA LEU A 59 -20.87 -4.77 15.99
C LEU A 59 -21.51 -4.34 14.68
N SER A 60 -22.30 -3.26 14.68
CA SER A 60 -22.93 -2.80 13.45
C SER A 60 -21.90 -2.18 12.51
N SER A 61 -20.98 -1.38 13.05
CA SER A 61 -19.93 -0.77 12.24
C SER A 61 -18.73 -1.71 12.17
N HIS A 62 -18.29 -1.98 10.94
CA HIS A 62 -17.12 -2.83 10.76
C HIS A 62 -15.83 -2.14 11.19
N GLN A 63 -15.80 -0.81 11.11
CA GLN A 63 -14.63 -0.07 11.59
C GLN A 63 -14.50 -0.14 13.11
N LEU A 64 -15.62 -0.22 13.83
CA LEU A 64 -15.55 -0.41 15.28
C LEU A 64 -15.12 -1.83 15.62
N ARG A 65 -15.54 -2.81 14.83
CA ARG A 65 -15.09 -4.19 14.99
C ARG A 65 -13.59 -4.32 14.69
N ARG A 66 -13.07 -3.49 13.78
CA ARG A 66 -11.65 -3.52 13.46
C ARG A 66 -10.80 -2.98 14.62
N LYS A 67 -11.32 -2.00 15.36
CA LYS A 67 -10.58 -1.41 16.47
C LYS A 67 -10.52 -2.37 17.64
N PRO A 68 -9.33 -2.69 18.15
CA PRO A 68 -9.23 -3.70 19.22
C PRO A 68 -9.67 -3.20 20.59
N SER A 69 -9.55 -1.89 20.85
CA SER A 69 -10.02 -1.36 22.12
C SER A 69 -11.54 -1.39 22.22
N TYR A 70 -12.22 -1.01 21.13
CA TYR A 70 -13.67 -1.18 21.10
C TYR A 70 -14.07 -2.64 21.03
N LEU A 71 -13.19 -3.52 20.54
CA LEU A 71 -13.43 -4.96 20.63
C LEU A 71 -13.39 -5.43 22.08
N PHE A 72 -12.48 -4.88 22.89
CA PHE A 72 -12.46 -5.19 24.31
C PHE A 72 -13.69 -4.63 25.02
N ILE A 73 -14.13 -3.43 24.61
CA ILE A 73 -15.36 -2.85 25.17
C ILE A 73 -16.58 -3.69 24.77
N GLY A 74 -16.58 -4.23 23.56
CA GLY A 74 -17.66 -5.12 23.14
C GLY A 74 -17.66 -6.45 23.87
N SER A 75 -16.47 -6.98 24.16
CA SER A 75 -16.38 -8.18 24.97
C SER A 75 -16.87 -7.93 26.41
N LEU A 76 -16.54 -6.75 26.94
CA LEU A 76 -17.07 -6.31 28.23
C LEU A 76 -18.59 -6.24 28.20
N ALA A 77 -19.15 -5.69 27.11
CA ALA A 77 -20.60 -5.57 26.97
C ALA A 77 -21.27 -6.93 26.84
N GLY A 78 -20.66 -7.86 26.11
CA GLY A 78 -21.24 -9.18 25.97
C GLY A 78 -21.18 -9.99 27.26
N ALA A 79 -20.05 -9.90 27.97
CA ALA A 79 -19.94 -10.53 29.28
C ALA A 79 -20.93 -9.91 30.27
N ASP A 80 -21.17 -8.60 30.17
CA ASP A 80 -22.12 -7.96 31.07
C ASP A 80 -23.56 -8.33 30.72
N PHE A 81 -23.86 -8.49 29.43
CA PHE A 81 -25.18 -8.97 29.02
C PHE A 81 -25.45 -10.38 29.53
N LEU A 82 -24.48 -11.27 29.35
CA LEU A 82 -24.64 -12.65 29.84
C LEU A 82 -24.71 -12.69 31.36
N ALA A 83 -23.96 -11.80 32.03
CA ALA A 83 -24.05 -11.67 33.48
C ALA A 83 -25.43 -11.21 33.92
N SER A 84 -26.00 -10.23 33.21
CA SER A 84 -27.33 -9.72 33.54
C SER A 84 -28.40 -10.79 33.38
N VAL A 85 -28.40 -11.50 32.25
CA VAL A 85 -29.47 -12.46 32.01
C VAL A 85 -29.31 -13.71 32.90
N VAL A 86 -28.08 -14.21 33.09
CA VAL A 86 -27.88 -15.41 33.89
C VAL A 86 -28.08 -15.10 35.38
N PHE A 87 -27.59 -13.95 35.85
CA PHE A 87 -27.80 -13.54 37.23
C PHE A 87 -29.27 -13.27 37.52
N ALA A 88 -29.99 -12.66 36.58
CA ALA A 88 -31.42 -12.40 36.77
C ALA A 88 -32.21 -13.69 36.85
N CYS A 89 -31.98 -14.62 35.91
CA CYS A 89 -32.68 -15.90 35.91
C CYS A 89 -32.35 -16.72 37.16
N SER A 90 -31.08 -16.74 37.56
CA SER A 90 -30.65 -17.50 38.73
C SER A 90 -31.23 -16.91 40.02
N PHE A 91 -31.24 -15.57 40.12
CA PHE A 91 -31.73 -14.93 41.34
C PHE A 91 -33.24 -15.08 41.46
N VAL A 92 -33.97 -14.97 40.34
CA VAL A 92 -35.41 -15.18 40.36
C VAL A 92 -35.75 -16.63 40.70
N ASN A 93 -35.07 -17.59 40.06
CA ASN A 93 -35.33 -19.01 40.32
C ASN A 93 -34.95 -19.41 41.75
N PHE A 94 -33.97 -18.73 42.36
CA PHE A 94 -33.61 -19.08 43.72
C PHE A 94 -34.55 -18.43 44.74
N HIS A 95 -34.98 -17.19 44.50
CA HIS A 95 -35.68 -16.44 45.54
C HIS A 95 -37.20 -16.34 45.33
N VAL A 96 -37.64 -16.03 44.11
CA VAL A 96 -39.06 -15.74 43.87
C VAL A 96 -39.90 -17.00 44.01
N PHE A 97 -39.44 -18.10 43.43
CA PHE A 97 -40.20 -19.35 43.45
C PHE A 97 -39.64 -20.39 44.40
N HIS A 98 -38.42 -20.18 44.92
CA HIS A 98 -37.69 -21.13 45.77
C HIS A 98 -37.55 -22.49 45.09
N GLY A 99 -37.23 -22.47 43.80
CA GLY A 99 -37.10 -23.70 43.04
C GLY A 99 -35.87 -24.49 43.45
N VAL A 100 -36.05 -25.81 43.57
CA VAL A 100 -34.98 -26.71 43.96
C VAL A 100 -34.55 -27.51 42.73
N ASP A 101 -33.25 -27.63 42.52
CA ASP A 101 -32.69 -28.30 41.36
C ASP A 101 -31.64 -29.30 41.81
N SER A 102 -31.28 -30.21 40.90
CA SER A 102 -30.19 -31.14 41.14
C SER A 102 -28.87 -30.40 41.28
N LYS A 103 -27.93 -31.02 42.00
CA LYS A 103 -26.64 -30.41 42.31
C LYS A 103 -25.82 -30.10 41.06
N ALA A 104 -25.95 -30.92 40.01
CA ALA A 104 -25.17 -30.73 38.79
C ALA A 104 -25.56 -29.44 38.07
N VAL A 105 -26.85 -29.27 37.77
CA VAL A 105 -27.30 -28.09 37.05
C VAL A 105 -27.21 -26.84 37.95
N PHE A 106 -27.31 -27.00 39.27
CA PHE A 106 -27.18 -25.87 40.18
C PHE A 106 -25.75 -25.37 40.23
N LEU A 107 -24.77 -26.28 40.32
CA LEU A 107 -23.38 -25.87 40.28
C LEU A 107 -22.97 -25.38 38.90
N LEU A 108 -23.62 -25.89 37.84
CA LEU A 108 -23.44 -25.33 36.50
C LEU A 108 -23.91 -23.89 36.43
N LYS A 109 -25.04 -23.59 37.08
CA LYS A 109 -25.58 -22.23 37.10
C LYS A 109 -24.67 -21.29 37.90
N ILE A 110 -24.22 -21.74 39.08
CA ILE A 110 -23.30 -20.95 39.89
C ILE A 110 -21.98 -20.71 39.16
N GLY A 111 -21.46 -21.74 38.49
CA GLY A 111 -20.26 -21.58 37.69
C GLY A 111 -20.45 -20.67 36.49
N SER A 112 -21.66 -20.65 35.92
CA SER A 112 -21.95 -19.72 34.83
C SER A 112 -21.95 -18.28 35.32
N VAL A 113 -22.55 -18.02 36.49
CA VAL A 113 -22.52 -16.69 37.10
C VAL A 113 -21.08 -16.28 37.40
N THR A 114 -20.29 -17.21 37.94
CA THR A 114 -18.89 -16.93 38.26
C THR A 114 -18.07 -16.67 37.00
N MET A 115 -18.38 -17.38 35.91
CA MET A 115 -17.70 -17.17 34.64
C MET A 115 -18.01 -15.81 34.06
N THR A 116 -19.28 -15.38 34.17
CA THR A 116 -19.66 -14.07 33.66
C THR A 116 -19.00 -12.94 34.44
N PHE A 117 -19.01 -13.02 35.78
CA PHE A 117 -18.37 -11.94 36.56
C PHE A 117 -16.86 -11.97 36.44
N THR A 118 -16.25 -13.16 36.35
CA THR A 118 -14.81 -13.27 36.18
C THR A 118 -14.39 -12.77 34.79
N ALA A 119 -15.19 -13.04 33.77
CA ALA A 119 -14.91 -12.51 32.44
C ALA A 119 -15.11 -11.00 32.37
N SER A 120 -16.05 -10.47 33.14
CA SER A 120 -16.23 -9.01 33.23
C SER A 120 -15.01 -8.35 33.86
N VAL A 121 -14.53 -8.88 34.99
CA VAL A 121 -13.37 -8.31 35.66
C VAL A 121 -12.11 -8.48 34.80
N GLY A 122 -12.00 -9.62 34.11
CA GLY A 122 -10.89 -9.82 33.19
C GLY A 122 -10.94 -8.90 31.98
N SER A 123 -12.15 -8.55 31.51
CA SER A 123 -12.26 -7.64 30.38
C SER A 123 -11.92 -6.21 30.80
N LEU A 124 -12.28 -5.82 32.04
CA LEU A 124 -11.78 -4.55 32.56
C LEU A 124 -10.26 -4.55 32.71
N LEU A 125 -9.68 -5.70 33.09
CA LEU A 125 -8.22 -5.80 33.16
C LEU A 125 -7.59 -5.69 31.77
N LEU A 126 -8.19 -6.30 30.76
CA LEU A 126 -7.69 -6.18 29.39
C LEU A 126 -7.80 -4.76 28.87
N THR A 127 -8.88 -4.06 29.22
CA THR A 127 -9.00 -2.64 28.87
C THR A 127 -7.94 -1.80 29.59
N ALA A 128 -7.63 -2.15 30.84
CA ALA A 128 -6.60 -1.46 31.59
C ALA A 128 -5.22 -1.64 30.95
N ILE A 129 -4.90 -2.89 30.57
CA ILE A 129 -3.61 -3.16 29.92
C ILE A 129 -3.57 -2.53 28.52
N ASP A 130 -4.73 -2.40 27.86
CA ASP A 130 -4.83 -1.68 26.60
C ASP A 130 -4.45 -0.21 26.77
N ARG A 131 -5.02 0.46 27.78
CA ARG A 131 -4.66 1.84 28.06
C ARG A 131 -3.21 1.99 28.55
N TYR A 132 -2.69 0.98 29.25
CA TYR A 132 -1.30 1.03 29.69
C TYR A 132 -0.33 0.91 28.53
N LEU A 133 -0.64 0.05 27.56
CA LEU A 133 0.16 0.01 26.33
C LEU A 133 -0.05 1.26 25.49
N CYS A 134 -1.22 1.89 25.60
CA CYS A 134 -1.46 3.14 24.90
C CYS A 134 -0.59 4.27 25.45
N LEU A 135 -0.38 4.30 26.77
CA LEU A 135 0.42 5.37 27.38
C LEU A 135 1.83 4.92 27.76
N ARG A 136 2.23 3.71 27.40
CA ARG A 136 3.57 3.20 27.69
C ARG A 136 4.48 3.25 26.47
N TYR A 137 3.98 2.79 25.32
CA TYR A 137 4.66 2.97 24.04
C TYR A 137 3.61 3.48 23.04
N PRO A 138 3.35 4.78 23.04
CA PRO A 138 2.24 5.32 22.19
C PRO A 138 2.46 5.20 20.69
N PRO A 139 3.67 5.39 20.10
CA PRO A 139 3.75 5.08 18.65
C PRO A 139 3.73 3.59 18.37
N SER A 140 4.34 2.79 19.23
CA SER A 140 4.37 1.35 19.05
C SER A 140 3.01 0.69 19.30
N TYR A 141 2.10 1.39 19.98
CA TYR A 141 0.77 0.86 20.31
C TYR A 141 -0.02 0.37 19.09
N LYS A 142 0.12 1.06 17.96
CA LYS A 142 -0.59 0.67 16.75
C LYS A 142 -0.09 -0.67 16.21
N ALA A 143 1.22 -0.90 16.25
CA ALA A 143 1.78 -2.13 15.70
C ALA A 143 1.71 -3.30 16.69
N LEU A 144 1.90 -3.02 17.98
CA LEU A 144 2.00 -4.10 18.96
C LEU A 144 0.65 -4.73 19.24
N LEU A 145 -0.36 -3.91 19.54
CA LEU A 145 -1.66 -4.44 19.96
C LEU A 145 -2.52 -4.59 18.72
N THR A 146 -2.24 -5.66 17.98
CA THR A 146 -2.93 -5.97 16.74
C THR A 146 -4.32 -6.53 17.06
N ARG A 147 -5.26 -6.36 16.11
CA ARG A 147 -6.59 -6.95 16.22
C ARG A 147 -6.54 -8.46 16.37
N GLY A 148 -5.63 -9.12 15.63
CA GLY A 148 -5.47 -10.55 15.77
C GLY A 148 -4.91 -10.96 17.11
N ARG A 149 -3.89 -10.23 17.60
CA ARG A 149 -3.35 -10.47 18.93
C ARG A 149 -4.38 -10.17 20.02
N ALA A 150 -5.24 -9.16 19.78
CA ALA A 150 -6.32 -8.88 20.72
C ALA A 150 -7.33 -10.01 20.77
N LEU A 151 -7.67 -10.59 19.61
CA LEU A 151 -8.54 -11.77 19.57
C LEU A 151 -7.90 -12.96 20.27
N VAL A 152 -6.58 -13.13 20.11
CA VAL A 152 -5.88 -14.23 20.76
C VAL A 152 -5.91 -14.09 22.29
N THR A 153 -5.55 -12.91 22.79
CA THR A 153 -5.54 -12.71 24.25
C THR A 153 -6.95 -12.67 24.81
N LEU A 154 -7.94 -12.27 24.02
CA LEU A 154 -9.33 -12.32 24.48
C LEU A 154 -9.82 -13.76 24.59
N GLY A 155 -9.47 -14.60 23.61
CA GLY A 155 -9.79 -16.01 23.71
C GLY A 155 -9.10 -16.69 24.88
N ILE A 156 -7.84 -16.30 25.14
CA ILE A 156 -7.12 -16.82 26.31
C ILE A 156 -7.81 -16.39 27.61
N MET A 157 -8.28 -15.15 27.67
CA MET A 157 -8.97 -14.67 28.86
C MET A 157 -10.31 -15.37 29.07
N TRP A 158 -11.08 -15.59 28.01
CA TRP A 158 -12.35 -16.31 28.13
C TRP A 158 -12.14 -17.77 28.52
N VAL A 159 -11.14 -18.44 27.93
CA VAL A 159 -10.87 -19.83 28.27
C VAL A 159 -10.37 -19.96 29.71
N LEU A 160 -9.52 -19.03 30.16
CA LEU A 160 -9.03 -19.05 31.54
C LEU A 160 -10.16 -18.78 32.53
N SER A 161 -11.06 -17.84 32.20
CA SER A 161 -12.20 -17.55 33.06
C SER A 161 -13.15 -18.74 33.16
N ALA A 162 -13.42 -19.39 32.02
CA ALA A 162 -14.28 -20.58 32.02
C ALA A 162 -13.65 -21.73 32.77
N LEU A 163 -12.32 -21.90 32.67
CA LEU A 163 -11.64 -22.97 33.38
C LEU A 163 -11.68 -22.76 34.89
N VAL A 164 -11.28 -21.57 35.35
CA VAL A 164 -11.26 -21.28 36.78
C VAL A 164 -12.69 -21.18 37.34
N SER A 165 -13.69 -20.95 36.50
CA SER A 165 -15.06 -20.88 36.99
C SER A 165 -15.77 -22.24 37.02
N TYR A 166 -15.56 -23.09 36.04
CA TYR A 166 -16.16 -24.42 36.03
C TYR A 166 -15.27 -25.47 36.66
N LEU A 167 -14.15 -25.06 37.26
CA LEU A 167 -13.37 -25.95 38.13
C LEU A 167 -14.16 -26.62 39.26
N PRO A 168 -15.00 -25.95 40.07
CA PRO A 168 -15.70 -26.69 41.14
C PRO A 168 -16.78 -27.63 40.66
N LEU A 169 -17.33 -27.41 39.46
CA LEU A 169 -18.33 -28.33 38.90
C LEU A 169 -17.72 -29.70 38.66
N MET A 170 -16.65 -29.77 37.87
CA MET A 170 -16.02 -31.04 37.55
C MET A 170 -15.16 -31.58 38.69
N GLY A 171 -14.41 -30.69 39.36
CA GLY A 171 -13.39 -31.11 40.31
C GLY A 171 -13.84 -31.77 41.60
N TRP A 172 -14.51 -31.02 42.47
CA TRP A 172 -14.79 -31.54 43.80
C TRP A 172 -15.99 -30.83 44.40
N THR A 173 -16.55 -31.44 45.45
CA THR A 173 -17.68 -30.92 46.20
C THR A 173 -17.33 -31.02 47.68
N CYS A 174 -17.77 -30.03 48.47
CA CYS A 174 -17.38 -29.93 49.87
C CYS A 174 -18.16 -30.89 50.78
N CYS A 175 -18.15 -32.19 50.47
CA CYS A 175 -18.79 -33.16 51.35
C CYS A 175 -18.01 -33.43 52.64
N PRO A 176 -16.69 -33.71 52.64
CA PRO A 176 -16.04 -33.90 53.95
C PRO A 176 -15.82 -32.61 54.72
N ARG A 177 -15.40 -31.54 54.06
CA ARG A 177 -15.11 -30.28 54.73
C ARG A 177 -16.39 -29.48 54.93
N PRO A 178 -16.44 -28.60 55.94
CA PRO A 178 -17.61 -27.73 56.10
C PRO A 178 -17.69 -26.69 55.00
N CYS A 179 -18.92 -26.37 54.62
CA CYS A 179 -19.19 -25.45 53.53
C CYS A 179 -19.49 -24.06 54.08
N SER A 180 -19.03 -23.04 53.36
CA SER A 180 -19.31 -21.66 53.73
C SER A 180 -20.80 -21.36 53.61
N GLU A 181 -21.36 -20.69 54.62
CA GLU A 181 -22.78 -20.38 54.64
C GLU A 181 -23.17 -19.34 53.60
N LEU A 182 -22.21 -18.58 53.06
CA LEU A 182 -22.54 -17.51 52.14
C LEU A 182 -23.03 -18.04 50.80
N PHE A 183 -22.44 -19.13 50.32
CA PHE A 183 -22.82 -19.70 49.04
C PHE A 183 -23.19 -21.17 49.22
N PRO A 184 -24.31 -21.62 48.64
CA PRO A 184 -24.70 -23.04 48.78
C PRO A 184 -23.78 -23.96 47.99
N LEU A 185 -23.26 -24.98 48.68
CA LEU A 185 -22.46 -26.08 48.11
C LEU A 185 -21.19 -25.57 47.43
N ILE A 186 -20.49 -24.66 48.11
CA ILE A 186 -19.24 -24.09 47.62
C ILE A 186 -18.18 -24.31 48.69
N PRO A 187 -17.03 -24.92 48.37
CA PRO A 187 -16.00 -25.17 49.38
C PRO A 187 -15.29 -23.90 49.83
N ASN A 188 -14.80 -23.95 51.06
CA ASN A 188 -14.21 -22.78 51.70
C ASN A 188 -12.86 -22.43 51.08
N ASP A 189 -12.03 -23.44 50.80
CA ASP A 189 -10.69 -23.19 50.26
C ASP A 189 -10.74 -22.67 48.85
N TYR A 190 -11.66 -23.19 48.02
CA TYR A 190 -11.84 -22.65 46.68
C TYR A 190 -12.43 -21.25 46.71
N LEU A 191 -13.27 -20.95 47.71
CA LEU A 191 -13.76 -19.58 47.90
C LEU A 191 -12.62 -18.63 48.19
N LEU A 192 -11.69 -19.05 49.08
CA LEU A 192 -10.49 -18.25 49.35
C LEU A 192 -9.62 -18.09 48.12
N SER A 193 -9.49 -19.16 47.32
CA SER A 193 -8.66 -19.11 46.12
C SER A 193 -9.26 -18.17 45.07
N TRP A 194 -10.57 -18.22 44.87
CA TRP A 194 -11.22 -17.33 43.92
C TRP A 194 -11.18 -15.89 44.39
N LEU A 195 -11.28 -15.67 45.71
CA LEU A 195 -11.17 -14.31 46.24
C LEU A 195 -9.76 -13.76 46.05
N LEU A 196 -8.73 -14.61 46.25
CA LEU A 196 -7.36 -14.17 46.00
C LEU A 196 -7.12 -13.90 44.52
N PHE A 197 -7.74 -14.70 43.65
CA PHE A 197 -7.60 -14.48 42.20
C PHE A 197 -8.24 -13.16 41.78
N ILE A 198 -9.47 -12.90 42.22
CA ILE A 198 -10.15 -11.66 41.82
C ILE A 198 -9.52 -10.46 42.52
N ALA A 199 -8.94 -10.65 43.71
CA ALA A 199 -8.21 -9.56 44.37
C ALA A 199 -6.91 -9.26 43.63
N PHE A 200 -6.26 -10.28 43.07
CA PHE A 200 -5.10 -10.05 42.20
C PHE A 200 -5.50 -9.31 40.94
N LEU A 201 -6.69 -9.62 40.40
CA LEU A 201 -7.19 -8.90 39.21
C LEU A 201 -7.45 -7.42 39.52
N PHE A 202 -8.14 -7.15 40.64
CA PHE A 202 -8.38 -5.76 41.03
C PHE A 202 -7.10 -5.03 41.40
N SER A 203 -6.13 -5.72 42.01
CA SER A 203 -4.85 -5.10 42.31
C SER A 203 -4.08 -4.77 41.04
N GLY A 204 -4.19 -5.63 40.02
CA GLY A 204 -3.63 -5.33 38.72
C GLY A 204 -4.29 -4.13 38.07
N ILE A 205 -5.60 -3.99 38.23
CA ILE A 205 -6.32 -2.84 37.71
C ILE A 205 -5.88 -1.55 38.41
N ILE A 206 -5.74 -1.60 39.74
CA ILE A 206 -5.28 -0.43 40.51
C ILE A 206 -3.87 -0.04 40.11
N TYR A 207 -2.95 -1.01 40.06
CA TYR A 207 -1.57 -0.79 39.67
C TYR A 207 -1.46 -0.25 38.25
N THR A 208 -2.30 -0.77 37.35
CA THR A 208 -2.25 -0.37 35.95
C THR A 208 -2.73 1.06 35.75
N TYR A 209 -3.90 1.41 36.31
CA TYR A 209 -4.38 2.79 36.17
C TYR A 209 -3.53 3.77 36.96
N GLY A 210 -2.88 3.32 38.04
CA GLY A 210 -1.92 4.16 38.73
C GLY A 210 -0.72 4.51 37.86
N HIS A 211 -0.17 3.51 37.16
CA HIS A 211 0.91 3.80 36.22
C HIS A 211 0.46 4.61 35.02
N VAL A 212 -0.79 4.43 34.58
CA VAL A 212 -1.34 5.25 33.49
C VAL A 212 -1.39 6.72 33.89
N LEU A 213 -1.95 7.00 35.08
CA LEU A 213 -2.01 8.38 35.58
C LEU A 213 -0.62 8.94 35.86
N TRP A 214 0.32 8.10 36.33
CA TRP A 214 1.67 8.58 36.60
C TRP A 214 2.41 8.95 35.31
N LYS A 215 2.31 8.11 34.28
CA LYS A 215 2.95 8.42 33.00
C LYS A 215 2.28 9.62 32.33
N ALA A 216 0.96 9.77 32.49
CA ALA A 216 0.29 10.95 31.96
C ALA A 216 0.74 12.22 32.66
N HIS A 217 0.88 12.18 34.00
CA HIS A 217 1.36 13.34 34.74
C HIS A 217 2.80 13.68 34.37
N GLN A 218 3.65 12.66 34.21
CA GLN A 218 5.04 12.89 33.82
C GLN A 218 5.14 13.47 32.42
N HIS A 219 4.29 12.99 31.49
CA HIS A 219 4.29 13.51 30.13
C HIS A 219 3.81 14.96 30.07
N VAL A 220 2.73 15.28 30.80
CA VAL A 220 2.22 16.65 30.81
C VAL A 220 3.22 17.60 31.48
N ALA A 221 3.88 17.14 32.54
CA ALA A 221 4.91 17.96 33.19
C ALA A 221 6.11 18.19 32.28
N SER A 222 6.54 17.15 31.55
CA SER A 222 7.65 17.30 30.62
C SER A 222 7.30 18.21 29.45
N LEU A 223 6.05 18.16 28.99
CA LEU A 223 5.63 19.05 27.91
C LEU A 223 5.52 20.50 28.39
N SER A 224 5.00 20.71 29.61
CA SER A 224 4.82 22.06 30.12
C SER A 224 6.13 22.70 30.57
N GLY A 225 7.12 21.91 30.96
CA GLY A 225 8.35 22.47 31.50
C GLY A 225 9.21 23.18 30.48
N HIS A 226 9.17 22.75 29.22
CA HIS A 226 10.08 23.31 28.21
C HIS A 226 9.67 24.72 27.80
N GLN A 227 8.37 24.98 27.68
CA GLN A 227 7.87 26.29 27.27
C GLN A 227 7.31 27.01 28.47
N ASP A 228 7.86 28.20 28.76
CA ASP A 228 7.43 28.97 29.93
C ASP A 228 6.08 29.66 29.68
N ARG A 229 5.89 30.21 28.49
CA ARG A 229 4.68 30.95 28.16
C ARG A 229 3.52 30.06 27.72
N GLN A 230 3.68 28.73 27.79
CA GLN A 230 2.65 27.82 27.31
C GLN A 230 1.40 27.87 28.19
N VAL A 231 1.55 27.70 29.49
CA VAL A 231 0.41 27.71 30.41
C VAL A 231 -0.28 29.08 30.59
N PRO A 232 0.37 30.28 30.44
CA PRO A 232 -0.46 31.48 30.28
C PRO A 232 -1.02 31.64 28.87
N GLY A 233 -0.35 31.06 27.87
CA GLY A 233 -0.78 31.26 26.50
C GLY A 233 -2.10 30.58 26.15
N MET A 234 -2.28 29.35 26.61
CA MET A 234 -3.49 28.58 26.30
C MET A 234 -4.31 28.37 27.56
N ALA A 235 -5.61 28.61 27.45
CA ALA A 235 -6.55 28.38 28.54
C ALA A 235 -7.24 27.01 28.46
N ARG A 236 -6.85 26.17 27.49
CA ARG A 236 -7.45 24.85 27.36
C ARG A 236 -7.02 23.95 28.51
N MET A 237 -7.96 23.17 29.02
CA MET A 237 -7.67 22.23 30.10
C MET A 237 -6.75 21.12 29.60
N ARG A 238 -5.71 20.83 30.39
CA ARG A 238 -4.74 19.81 30.03
C ARG A 238 -5.37 18.42 30.11
N LEU A 239 -4.76 17.47 29.40
CA LEU A 239 -5.28 16.11 29.37
C LEU A 239 -5.07 15.38 30.70
N ASP A 240 -4.15 15.86 31.54
CA ASP A 240 -3.91 15.25 32.84
C ASP A 240 -5.14 15.35 33.74
N VAL A 241 -5.75 16.55 33.80
CA VAL A 241 -6.90 16.76 34.68
C VAL A 241 -8.12 15.99 34.18
N ARG A 242 -8.36 16.02 32.86
CA ARG A 242 -9.51 15.32 32.28
C ARG A 242 -9.35 13.81 32.40
N LEU A 243 -8.13 13.31 32.16
CA LEU A 243 -7.85 11.89 32.31
C LEU A 243 -7.95 11.45 33.77
N ALA A 244 -7.51 12.31 34.69
CA ALA A 244 -7.63 12.02 36.11
C ALA A 244 -9.09 11.95 36.54
N LYS A 245 -9.92 12.88 36.05
CA LYS A 245 -11.35 12.87 36.38
C LYS A 245 -12.04 11.62 35.81
N THR A 246 -11.73 11.26 34.55
CA THR A 246 -12.37 10.11 33.93
C THR A 246 -11.97 8.80 34.60
N LEU A 247 -10.67 8.57 34.77
CA LEU A 247 -10.22 7.33 35.38
C LEU A 247 -10.55 7.28 36.88
N GLY A 248 -10.60 8.44 37.54
CA GLY A 248 -11.02 8.47 38.93
C GLY A 248 -12.49 8.13 39.10
N LEU A 249 -13.34 8.64 38.20
CA LEU A 249 -14.76 8.30 38.24
C LEU A 249 -14.98 6.81 38.00
N VAL A 250 -14.34 6.26 36.95
CA VAL A 250 -14.50 4.84 36.62
C VAL A 250 -13.97 3.95 37.72
N LEU A 251 -12.75 4.22 38.20
CA LEU A 251 -12.14 3.42 39.24
C LEU A 251 -12.85 3.58 40.58
N ALA A 252 -13.42 4.77 40.85
CA ALA A 252 -14.15 4.98 42.09
C ALA A 252 -15.47 4.21 42.10
N VAL A 253 -16.19 4.22 40.97
CA VAL A 253 -17.40 3.39 40.84
C VAL A 253 -17.05 1.92 41.01
N LEU A 254 -15.95 1.49 40.38
CA LEU A 254 -15.48 0.10 40.49
C LEU A 254 -15.17 -0.29 41.94
N LEU A 255 -14.40 0.53 42.64
CA LEU A 255 -13.99 0.20 44.00
C LEU A 255 -15.16 0.26 44.97
N ILE A 256 -15.96 1.33 44.91
CA ILE A 256 -17.07 1.49 45.85
C ILE A 256 -18.17 0.46 45.60
N CYS A 257 -18.32 -0.03 44.38
CA CYS A 257 -19.37 -1.01 44.11
C CYS A 257 -18.87 -2.45 44.06
N TRP A 258 -17.57 -2.70 44.19
CA TRP A 258 -17.08 -4.06 44.40
C TRP A 258 -16.49 -4.31 45.78
N PHE A 259 -16.23 -3.26 46.57
CA PHE A 259 -15.69 -3.43 47.92
C PHE A 259 -16.62 -4.08 48.95
N PRO A 260 -17.94 -3.78 49.04
CA PRO A 260 -18.75 -4.48 50.05
C PRO A 260 -18.98 -5.95 49.75
N VAL A 261 -19.07 -6.35 48.47
CA VAL A 261 -19.27 -7.75 48.12
C VAL A 261 -18.05 -8.58 48.53
N LEU A 262 -16.86 -8.14 48.12
CA LEU A 262 -15.63 -8.83 48.49
C LEU A 262 -15.35 -8.74 49.98
N ALA A 263 -15.77 -7.65 50.63
CA ALA A 263 -15.59 -7.51 52.06
C ALA A 263 -16.48 -8.49 52.84
N LEU A 264 -17.73 -8.66 52.40
CA LEU A 264 -18.59 -9.65 53.04
C LEU A 264 -18.14 -11.07 52.72
N MET A 265 -17.53 -11.30 51.54
CA MET A 265 -16.93 -12.60 51.27
C MET A 265 -15.76 -12.88 52.20
N ALA A 266 -14.92 -11.88 52.46
CA ALA A 266 -13.82 -12.06 53.41
C ALA A 266 -14.32 -12.23 54.83
N HIS A 267 -15.42 -11.56 55.19
CA HIS A 267 -16.01 -11.73 56.52
C HIS A 267 -16.64 -13.11 56.67
N SER A 268 -17.21 -13.65 55.59
CA SER A 268 -17.71 -15.03 55.62
C SER A 268 -16.56 -16.03 55.71
N LEU A 269 -15.41 -15.71 55.10
CA LEU A 269 -14.21 -16.50 55.33
C LEU A 269 -13.75 -16.43 56.78
N ALA A 270 -13.95 -15.27 57.42
CA ALA A 270 -13.51 -15.10 58.80
C ALA A 270 -14.38 -15.88 59.77
N THR A 271 -15.69 -15.60 59.77
CA THR A 271 -16.59 -16.24 60.73
C THR A 271 -17.99 -16.30 60.12
N THR A 272 -18.84 -17.12 60.74
CA THR A 272 -20.23 -17.28 60.33
C THR A 272 -21.12 -16.47 61.26
N LEU A 273 -21.78 -15.46 60.70
CA LEU A 273 -22.64 -14.56 61.45
C LEU A 273 -24.10 -14.81 60.99
N SER A 274 -25.02 -13.97 61.45
CA SER A 274 -26.45 -14.20 61.31
C SER A 274 -26.92 -14.06 59.86
N ASP A 275 -28.19 -14.41 59.64
CA ASP A 275 -28.80 -14.39 58.32
C ASP A 275 -29.02 -12.97 57.78
N GLN A 276 -29.05 -11.97 58.66
CA GLN A 276 -29.14 -10.59 58.20
C GLN A 276 -27.89 -10.17 57.45
N VAL A 277 -26.75 -10.79 57.74
CA VAL A 277 -25.54 -10.59 56.94
C VAL A 277 -25.73 -11.16 55.53
N LYS A 278 -26.44 -12.28 55.42
CA LYS A 278 -26.76 -12.84 54.11
C LYS A 278 -27.72 -11.94 53.35
N LYS A 279 -28.68 -11.32 54.05
CA LYS A 279 -29.58 -10.35 53.44
C LYS A 279 -28.80 -9.11 52.95
N ALA A 280 -27.86 -8.64 53.77
CA ALA A 280 -26.99 -7.54 53.37
C ALA A 280 -26.12 -7.91 52.18
N PHE A 281 -25.69 -9.17 52.09
CA PHE A 281 -24.94 -9.64 50.93
C PHE A 281 -25.82 -9.69 49.69
N ALA A 282 -27.11 -10.01 49.85
CA ALA A 282 -28.04 -9.95 48.73
C ALA A 282 -28.21 -8.52 48.23
N PHE A 283 -28.31 -7.56 49.14
CA PHE A 283 -28.36 -6.15 48.73
C PHE A 283 -27.04 -5.67 48.11
N CYS A 284 -25.91 -6.19 48.60
CA CYS A 284 -24.62 -5.86 47.97
C CYS A 284 -24.49 -6.47 46.58
N SER A 285 -25.09 -7.65 46.36
CA SER A 285 -25.11 -8.22 45.02
C SER A 285 -26.03 -7.45 44.10
N MET A 286 -27.12 -6.88 44.66
CA MET A 286 -27.93 -5.92 43.92
C MET A 286 -27.13 -4.69 43.52
N LEU A 287 -26.28 -4.21 44.44
CA LEU A 287 -25.37 -3.09 44.13
C LEU A 287 -24.35 -3.47 43.07
N CYS A 288 -23.91 -4.73 43.07
CA CYS A 288 -23.03 -5.23 42.02
C CYS A 288 -23.74 -5.25 40.67
N LEU A 289 -25.02 -5.59 40.65
CA LEU A 289 -25.81 -5.51 39.42
C LEU A 289 -26.03 -4.05 39.00
N ILE A 290 -26.10 -3.13 39.96
CA ILE A 290 -26.16 -1.70 39.64
C ILE A 290 -24.86 -1.26 38.95
N ASN A 291 -23.71 -1.71 39.46
CA ASN A 291 -22.45 -1.45 38.78
C ASN A 291 -22.40 -2.11 37.42
N SER A 292 -23.01 -3.29 37.30
CA SER A 292 -23.09 -4.01 36.03
C SER A 292 -23.85 -3.21 34.98
N MET A 293 -24.95 -2.55 35.37
CA MET A 293 -25.62 -1.69 34.38
C MET A 293 -24.93 -0.34 34.20
N VAL A 294 -24.16 0.13 35.19
CA VAL A 294 -23.48 1.42 35.05
C VAL A 294 -22.30 1.32 34.09
N ASN A 295 -21.60 0.18 34.09
CA ASN A 295 -20.38 0.00 33.30
C ASN A 295 -20.51 0.23 31.78
N PRO A 296 -21.49 -0.35 31.05
CA PRO A 296 -21.54 -0.05 29.61
C PRO A 296 -21.96 1.37 29.31
N VAL A 297 -22.72 2.00 30.21
CA VAL A 297 -23.11 3.40 30.04
C VAL A 297 -21.88 4.31 30.06
N ILE A 298 -21.01 4.13 31.05
CA ILE A 298 -19.83 4.99 31.13
C ILE A 298 -18.81 4.64 30.05
N TYR A 299 -18.60 3.34 29.78
CA TYR A 299 -17.65 2.96 28.74
C TYR A 299 -18.14 3.28 27.33
N ALA A 300 -19.44 3.52 27.14
CA ALA A 300 -19.95 4.01 25.87
C ALA A 300 -19.93 5.53 25.79
N LEU A 301 -20.39 6.21 26.84
CA LEU A 301 -20.51 7.66 26.82
C LEU A 301 -19.16 8.37 26.88
N ARG A 302 -18.12 7.74 27.44
CA ARG A 302 -16.80 8.36 27.37
C ARG A 302 -16.21 8.32 25.97
N SER A 303 -16.65 7.40 25.12
CA SER A 303 -16.13 7.30 23.76
C SER A 303 -16.93 8.20 22.83
N GLY A 304 -16.23 9.18 22.23
CA GLY A 304 -16.90 10.09 21.31
C GLY A 304 -17.30 9.44 20.01
N GLU A 305 -16.53 8.45 19.53
CA GLU A 305 -16.90 7.72 18.33
C GLU A 305 -18.15 6.88 18.56
N ILE A 306 -18.28 6.31 19.76
CA ILE A 306 -19.49 5.58 20.14
C ILE A 306 -20.69 6.53 20.22
N ARG A 307 -20.47 7.76 20.70
CA ARG A 307 -21.55 8.74 20.74
C ARG A 307 -21.99 9.16 19.33
N SER A 308 -21.01 9.38 18.44
CA SER A 308 -21.34 9.74 17.06
C SER A 308 -22.05 8.61 16.33
N SER A 309 -21.60 7.37 16.53
CA SER A 309 -22.27 6.22 15.92
C SER A 309 -23.65 6.00 16.54
N ALA A 310 -23.83 6.33 17.82
CA ALA A 310 -25.15 6.24 18.45
C ALA A 310 -26.10 7.27 17.89
N HIS A 311 -25.63 8.49 17.65
CA HIS A 311 -26.46 9.51 17.01
C HIS A 311 -26.80 9.13 15.57
N HIS A 312 -25.84 8.51 14.87
CA HIS A 312 -26.10 8.03 13.50
C HIS A 312 -27.11 6.91 13.48
N CYS A 313 -27.03 5.98 14.45
CA CYS A 313 -28.00 4.89 14.51
C CYS A 313 -29.37 5.36 14.94
N LEU A 314 -29.45 6.37 15.82
CA LEU A 314 -30.75 6.94 16.16
C LEU A 314 -31.36 7.69 14.99
N ALA A 315 -30.53 8.38 14.20
CA ALA A 315 -31.02 9.01 12.98
C ALA A 315 -31.47 7.98 11.95
N HIS A 316 -30.80 6.84 11.89
CA HIS A 316 -31.23 5.76 11.00
C HIS A 316 -32.55 5.14 11.47
N TRP A 317 -32.70 4.94 12.78
CA TRP A 317 -33.93 4.35 13.31
C TRP A 317 -35.11 5.30 13.18
N LYS A 318 -34.88 6.60 13.33
CA LYS A 318 -35.96 7.56 13.13
C LYS A 318 -36.36 7.65 11.66
N LYS A 319 -35.40 7.57 10.76
CA LYS A 319 -35.69 7.59 9.33
C LYS A 319 -36.02 6.19 8.82
N GLY B 2 -7.42 -27.38 -2.78
CA GLY B 2 -6.31 -28.27 -3.07
C GLY B 2 -6.35 -28.85 -4.47
N CYS B 3 -7.57 -29.08 -4.96
CA CYS B 3 -7.74 -29.61 -6.31
C CYS B 3 -7.33 -28.61 -7.37
N THR B 4 -7.69 -27.34 -7.18
CA THR B 4 -7.33 -26.30 -8.13
C THR B 4 -5.83 -26.00 -8.10
N LEU B 5 -5.20 -26.10 -6.94
CA LEU B 5 -3.78 -25.81 -6.82
C LEU B 5 -2.93 -26.90 -7.47
N SER B 6 -1.75 -26.48 -7.94
CA SER B 6 -0.76 -27.37 -8.53
C SER B 6 0.57 -27.14 -7.82
N ALA B 7 1.65 -27.73 -8.34
CA ALA B 7 2.97 -27.53 -7.74
C ALA B 7 3.42 -26.08 -7.85
N GLU B 8 3.36 -25.50 -9.05
CA GLU B 8 3.73 -24.11 -9.24
C GLU B 8 2.75 -23.17 -8.58
N ASP B 9 1.47 -23.56 -8.50
CA ASP B 9 0.49 -22.74 -7.79
C ASP B 9 0.74 -22.72 -6.29
N LYS B 10 1.10 -23.87 -5.70
CA LYS B 10 1.47 -23.90 -4.28
C LYS B 10 2.75 -23.12 -4.03
N ALA B 11 3.71 -23.19 -4.94
CA ALA B 11 4.93 -22.39 -4.79
C ALA B 11 4.65 -20.90 -4.95
N ALA B 12 3.69 -20.53 -5.80
CA ALA B 12 3.31 -19.14 -5.95
C ALA B 12 2.59 -18.63 -4.71
N VAL B 13 1.74 -19.46 -4.10
CA VAL B 13 1.09 -19.09 -2.84
C VAL B 13 2.12 -18.98 -1.71
N GLU B 14 3.15 -19.83 -1.73
CA GLU B 14 4.22 -19.73 -0.74
C GLU B 14 5.03 -18.45 -0.92
N ARG B 15 5.32 -18.07 -2.17
CA ARG B 15 5.99 -16.81 -2.44
C ARG B 15 5.10 -15.62 -2.04
N SER B 16 3.80 -15.73 -2.27
CA SER B 16 2.86 -14.68 -1.87
C SER B 16 2.81 -14.53 -0.36
N LYS B 17 2.89 -15.64 0.38
CA LYS B 17 2.96 -15.58 1.83
C LYS B 17 4.26 -14.94 2.31
N MET B 18 5.38 -15.24 1.63
CA MET B 18 6.65 -14.61 1.99
C MET B 18 6.64 -13.12 1.68
N ILE B 19 6.06 -12.75 0.53
CA ILE B 19 5.92 -11.35 0.16
C ILE B 19 5.02 -10.63 1.16
N ASP B 20 3.81 -11.15 1.44
CA ASP B 20 2.90 -10.55 2.44
C ASP B 20 3.54 -10.44 3.82
N ARG B 21 4.43 -11.38 4.16
CA ARG B 21 5.14 -11.31 5.43
C ARG B 21 6.12 -10.13 5.45
N ASN B 22 6.95 -10.00 4.40
CA ASN B 22 7.85 -8.85 4.31
C ASN B 22 7.07 -7.54 4.18
N LEU B 23 5.90 -7.59 3.54
CA LEU B 23 5.04 -6.42 3.38
C LEU B 23 4.53 -5.97 4.74
N ARG B 24 4.03 -6.92 5.54
CA ARG B 24 3.55 -6.61 6.88
C ARG B 24 4.69 -6.13 7.79
N GLU B 25 5.89 -6.77 7.70
CA GLU B 25 7.07 -6.31 8.45
C GLU B 25 7.44 -4.86 8.11
N ASP B 26 7.44 -4.52 6.82
CA ASP B 26 7.69 -3.15 6.41
C ASP B 26 6.55 -2.22 6.82
N GLY B 27 5.31 -2.75 6.86
CA GLY B 27 4.19 -1.95 7.30
C GLY B 27 4.23 -1.62 8.78
N GLU B 28 4.58 -2.60 9.62
CA GLU B 28 4.74 -2.32 11.04
C GLU B 28 6.01 -1.53 11.33
N LYS B 29 7.00 -1.58 10.44
CA LYS B 29 8.13 -0.67 10.56
C LYS B 29 7.73 0.76 10.19
N ALA B 30 6.81 0.91 9.23
CA ALA B 30 6.33 2.23 8.84
C ALA B 30 5.27 2.76 9.79
N ALA B 31 4.67 1.91 10.61
CA ALA B 31 3.77 2.35 11.67
C ALA B 31 4.51 2.69 12.95
N ARG B 32 5.77 2.27 13.09
CA ARG B 32 6.61 2.60 14.23
C ARG B 32 7.44 3.86 13.97
N GLU B 33 7.09 4.64 12.93
CA GLU B 33 7.83 5.83 12.58
C GLU B 33 6.86 6.97 12.32
N VAL B 34 7.33 8.18 12.57
CA VAL B 34 6.51 9.39 12.44
C VAL B 34 6.78 10.01 11.07
N LYS B 35 5.71 10.26 10.31
CA LYS B 35 5.77 11.04 9.09
C LYS B 35 5.11 12.39 9.36
N LEU B 36 5.82 13.48 9.06
CA LEU B 36 5.27 14.80 9.34
C LEU B 36 5.59 15.78 8.22
N LEU B 37 4.59 16.59 7.88
CA LEU B 37 4.66 17.59 6.82
C LEU B 37 5.36 18.86 7.32
N LEU B 38 5.93 19.60 6.37
CA LEU B 38 6.62 20.87 6.64
C LEU B 38 6.25 21.89 5.57
N LEU B 39 5.26 22.72 5.85
CA LEU B 39 4.98 23.92 5.06
C LEU B 39 5.65 25.14 5.66
N GLY B 40 6.20 25.98 4.80
CA GLY B 40 6.78 27.24 5.22
C GLY B 40 6.77 28.24 4.10
N ALA B 41 6.78 29.52 4.46
CA ALA B 41 6.83 30.58 3.47
C ALA B 41 8.24 30.69 2.89
N GLY B 42 8.33 31.27 1.69
CA GLY B 42 9.61 31.50 1.06
C GLY B 42 10.47 32.52 1.80
N GLU B 43 9.83 33.50 2.43
CA GLU B 43 10.56 34.46 3.25
C GLU B 43 10.99 33.83 4.58
N SER B 44 10.25 32.81 5.03
CA SER B 44 10.51 32.21 6.34
C SER B 44 11.84 31.46 6.37
N GLY B 45 11.99 30.46 5.51
CA GLY B 45 13.21 29.68 5.48
C GLY B 45 13.09 28.35 6.21
N LYS B 46 12.93 27.28 5.45
CA LYS B 46 12.80 25.94 6.01
C LYS B 46 14.14 25.19 6.06
N ASN B 47 15.09 25.60 5.22
CA ASN B 47 16.40 24.94 5.13
C ASN B 47 17.10 24.94 6.49
N THR B 48 17.15 26.10 7.15
CA THR B 48 17.80 26.20 8.45
C THR B 48 17.11 25.34 9.50
N ILE B 49 15.78 25.17 9.40
CA ILE B 49 15.05 24.29 10.31
C ILE B 49 15.44 22.84 10.06
N VAL B 50 15.58 22.45 8.79
CA VAL B 50 15.99 21.09 8.45
C VAL B 50 17.44 20.84 8.88
N LYS B 51 18.30 21.85 8.75
CA LYS B 51 19.69 21.68 9.15
C LYS B 51 19.85 21.59 10.68
N GLN B 52 19.06 22.37 11.44
CA GLN B 52 19.17 22.27 12.88
C GLN B 52 18.50 21.01 13.43
N MET B 53 17.42 20.54 12.78
CA MET B 53 16.74 19.35 13.28
C MET B 53 17.43 18.06 12.86
N LYS B 54 18.02 18.03 11.67
CA LYS B 54 18.68 16.83 11.15
C LYS B 54 20.18 17.10 11.18
N ILE B 55 20.85 16.56 12.20
CA ILE B 55 22.29 16.67 12.34
C ILE B 55 22.93 15.49 11.62
N ILE B 56 24.03 15.77 10.89
CA ILE B 56 24.74 14.71 10.17
C ILE B 56 25.39 13.74 11.14
N HIS B 57 25.98 14.26 12.22
CA HIS B 57 26.62 13.40 13.21
C HIS B 57 25.61 12.58 14.00
N GLU B 58 24.38 13.10 14.17
CA GLU B 58 23.36 12.37 14.91
C GLU B 58 22.88 11.13 14.16
N ALA B 59 22.65 11.26 12.85
CA ALA B 59 22.14 10.16 12.04
C ALA B 59 23.11 9.89 10.89
N GLY B 60 23.80 8.75 10.97
CA GLY B 60 24.68 8.33 9.89
C GLY B 60 23.93 7.65 8.76
N TYR B 61 24.63 7.48 7.64
CA TYR B 61 24.05 6.79 6.50
C TYR B 61 23.85 5.31 6.80
N SER B 62 22.69 4.79 6.41
CA SER B 62 22.36 3.39 6.69
C SER B 62 23.16 2.46 5.78
N GLU B 63 23.70 1.39 6.39
CA GLU B 63 24.52 0.43 5.67
C GLU B 63 23.69 -0.39 4.67
N GLU B 64 22.43 -0.67 5.01
CA GLU B 64 21.58 -1.48 4.14
C GLU B 64 21.27 -0.77 2.83
N GLU B 65 20.99 0.54 2.88
CA GLU B 65 20.72 1.30 1.68
C GLU B 65 21.99 1.70 0.92
N CYS B 66 23.17 1.41 1.47
CA CYS B 66 24.41 1.75 0.77
C CYS B 66 24.60 0.91 -0.50
N LYS B 67 24.09 -0.32 -0.51
CA LYS B 67 24.12 -1.12 -1.73
C LYS B 67 23.19 -0.54 -2.79
N GLN B 68 22.02 -0.06 -2.38
CA GLN B 68 21.14 0.64 -3.31
C GLN B 68 21.78 1.94 -3.80
N TYR B 69 22.54 2.62 -2.94
CA TYR B 69 23.19 3.87 -3.31
C TYR B 69 24.29 3.62 -4.34
N LYS B 70 25.13 2.60 -4.13
CA LYS B 70 26.16 2.29 -5.11
C LYS B 70 25.56 1.73 -6.39
N ALA B 71 24.40 1.07 -6.31
CA ALA B 71 23.67 0.67 -7.52
C ALA B 71 23.19 1.89 -8.30
N VAL B 72 22.72 2.92 -7.59
CA VAL B 72 22.38 4.20 -8.22
C VAL B 72 23.62 4.83 -8.87
N VAL B 73 24.78 4.68 -8.23
CA VAL B 73 26.03 5.22 -8.78
C VAL B 73 26.40 4.51 -10.09
N TYR B 74 26.29 3.17 -10.11
CA TYR B 74 26.55 2.43 -11.34
C TYR B 74 25.52 2.75 -12.42
N SER B 75 24.26 2.97 -12.02
CA SER B 75 23.23 3.34 -12.99
C SER B 75 23.49 4.71 -13.59
N ASN B 76 23.95 5.66 -12.78
CA ASN B 76 24.32 6.98 -13.31
C ASN B 76 25.56 6.91 -14.19
N THR B 77 26.49 5.99 -13.89
CA THR B 77 27.64 5.80 -14.77
C THR B 77 27.22 5.23 -16.13
N ILE B 78 26.29 4.27 -16.12
CA ILE B 78 25.75 3.70 -17.35
C ILE B 78 24.96 4.76 -18.13
N GLN B 79 24.22 5.62 -17.42
CA GLN B 79 23.49 6.71 -18.05
C GLN B 79 24.44 7.73 -18.67
N SER B 80 25.56 8.01 -18.00
CA SER B 80 26.56 8.93 -18.52
C SER B 80 27.21 8.38 -19.79
N ILE B 81 27.59 7.10 -19.78
CA ILE B 81 28.26 6.57 -20.96
C ILE B 81 27.28 6.33 -22.11
N ILE B 82 25.99 6.04 -21.80
CA ILE B 82 25.02 5.90 -22.88
C ILE B 82 24.70 7.26 -23.47
N ALA B 83 24.78 8.34 -22.66
CA ALA B 83 24.63 9.68 -23.19
C ALA B 83 25.82 10.08 -24.05
N ILE B 84 27.03 9.64 -23.65
CA ILE B 84 28.23 9.91 -24.46
C ILE B 84 28.15 9.21 -25.81
N ILE B 85 27.75 7.93 -25.81
CA ILE B 85 27.73 7.22 -27.09
C ILE B 85 26.55 7.68 -27.95
N ARG B 86 25.46 8.14 -27.33
CA ARG B 86 24.38 8.73 -28.11
C ARG B 86 24.80 10.07 -28.71
N ALA B 87 25.57 10.88 -27.95
CA ALA B 87 26.08 12.14 -28.47
C ALA B 87 27.07 11.91 -29.61
N MET B 88 27.85 10.83 -29.52
CA MET B 88 28.70 10.42 -30.63
C MET B 88 27.94 9.65 -31.71
N GLY B 89 26.66 9.39 -31.51
CA GLY B 89 25.83 8.80 -32.55
C GLY B 89 24.89 9.81 -33.19
N ARG B 90 24.37 10.73 -32.38
CA ARG B 90 23.44 11.76 -32.84
C ARG B 90 24.18 13.07 -33.18
N LEU B 91 25.51 13.00 -33.35
CA LEU B 91 26.31 14.17 -33.66
C LEU B 91 25.96 14.72 -35.05
N LYS B 92 25.79 16.04 -35.13
CA LYS B 92 25.37 16.66 -36.39
C LYS B 92 26.50 16.67 -37.40
N ILE B 93 27.70 17.07 -36.99
CA ILE B 93 28.88 17.07 -37.84
C ILE B 93 29.72 15.85 -37.45
N ASP B 94 30.00 15.00 -38.44
CA ASP B 94 30.67 13.73 -38.18
C ASP B 94 32.10 13.94 -37.74
N PHE B 95 32.52 13.17 -36.73
CA PHE B 95 33.85 13.25 -36.16
C PHE B 95 34.57 11.92 -36.41
N GLY B 96 35.81 12.00 -36.87
CA GLY B 96 36.57 10.80 -37.16
C GLY B 96 36.93 10.03 -35.89
N ASP B 97 36.75 8.72 -35.94
CA ASP B 97 36.98 7.84 -34.80
C ASP B 97 38.12 6.88 -35.13
N SER B 98 39.00 6.66 -34.16
CA SER B 98 40.13 5.75 -34.35
C SER B 98 39.67 4.31 -34.51
N ALA B 99 38.60 3.91 -33.84
CA ALA B 99 38.08 2.56 -33.90
C ALA B 99 36.75 2.56 -34.66
N ARG B 100 36.66 1.74 -35.71
CA ARG B 100 35.41 1.61 -36.44
C ARG B 100 34.39 0.80 -35.66
N ALA B 101 34.85 -0.07 -34.75
CA ALA B 101 34.00 -0.89 -33.88
C ALA B 101 33.27 -0.09 -32.80
N ASP B 102 33.50 1.23 -32.73
CA ASP B 102 32.91 2.11 -31.72
C ASP B 102 31.38 1.97 -31.66
N ASP B 103 30.72 1.95 -32.83
CA ASP B 103 29.28 1.76 -32.88
C ASP B 103 28.89 0.39 -32.34
N ALA B 104 29.69 -0.64 -32.66
CA ALA B 104 29.51 -1.94 -32.03
C ALA B 104 29.77 -1.85 -30.53
N ARG B 105 30.75 -1.03 -30.12
CA ARG B 105 30.95 -0.71 -28.71
C ARG B 105 29.70 -0.11 -28.11
N GLN B 106 28.98 0.73 -28.90
CA GLN B 106 27.69 1.27 -28.48
C GLN B 106 26.71 0.16 -28.17
N LEU B 107 26.61 -0.82 -29.09
CA LEU B 107 25.78 -2.00 -28.87
C LEU B 107 26.26 -2.73 -27.63
N PHE B 108 27.59 -2.83 -27.48
CA PHE B 108 28.20 -3.44 -26.30
C PHE B 108 27.78 -2.72 -25.04
N VAL B 109 27.69 -1.39 -25.09
CA VAL B 109 27.15 -0.62 -23.97
C VAL B 109 25.66 -0.89 -23.81
N LEU B 110 24.98 -1.27 -24.90
CA LEU B 110 23.62 -1.78 -24.80
C LEU B 110 23.61 -3.17 -24.15
N ALA B 111 24.63 -3.99 -24.45
CA ALA B 111 24.68 -5.35 -23.92
C ALA B 111 24.89 -5.35 -22.41
N GLY B 112 25.80 -4.50 -21.93
CA GLY B 112 25.91 -4.25 -20.50
C GLY B 112 24.67 -3.59 -19.93
N ALA B 113 23.94 -2.83 -20.77
CA ALA B 113 22.63 -2.34 -20.36
C ALA B 113 21.61 -3.47 -20.30
N ALA B 114 21.83 -4.54 -21.08
CA ALA B 114 20.90 -5.66 -21.08
C ALA B 114 20.92 -6.41 -19.75
N GLU B 115 22.11 -6.73 -19.25
CA GLU B 115 22.20 -7.48 -18.01
C GLU B 115 22.06 -6.57 -16.79
N GLU B 116 23.00 -5.64 -16.62
CA GLU B 116 23.08 -4.70 -15.48
C GLU B 116 23.07 -5.40 -14.14
N GLY B 117 23.78 -6.53 -14.04
CA GLY B 117 23.89 -7.23 -12.78
C GLY B 117 24.89 -6.57 -11.86
N PHE B 118 26.10 -6.35 -12.38
CA PHE B 118 27.19 -5.73 -11.65
C PHE B 118 28.06 -4.99 -12.65
N MET B 119 29.09 -4.31 -12.14
CA MET B 119 30.00 -3.57 -12.99
C MET B 119 30.84 -4.54 -13.83
N THR B 120 30.78 -4.37 -15.15
CA THR B 120 31.50 -5.23 -16.08
C THR B 120 32.88 -4.63 -16.34
N ALA B 121 33.93 -5.43 -16.11
CA ALA B 121 35.30 -4.93 -16.20
C ALA B 121 35.69 -4.62 -17.65
N GLU B 122 35.30 -5.47 -18.60
CA GLU B 122 35.63 -5.22 -19.99
C GLU B 122 34.83 -4.05 -20.56
N LEU B 123 33.63 -3.80 -20.03
CA LEU B 123 32.88 -2.60 -20.39
C LEU B 123 33.61 -1.35 -19.92
N ALA B 124 34.14 -1.37 -18.69
CA ALA B 124 34.94 -0.27 -18.19
C ALA B 124 36.20 -0.10 -19.03
N GLY B 125 36.79 -1.20 -19.49
CA GLY B 125 37.97 -1.12 -20.32
C GLY B 125 37.71 -0.52 -21.69
N VAL B 126 36.61 -0.91 -22.34
CA VAL B 126 36.33 -0.34 -23.66
C VAL B 126 35.85 1.11 -23.54
N ILE B 127 35.17 1.47 -22.45
CA ILE B 127 34.83 2.88 -22.24
C ILE B 127 36.08 3.70 -21.95
N LYS B 128 37.06 3.12 -21.25
CA LYS B 128 38.34 3.79 -21.03
C LYS B 128 39.11 3.96 -22.34
N ARG B 129 39.06 2.97 -23.22
CA ARG B 129 39.73 3.07 -24.52
C ARG B 129 39.06 4.11 -25.41
N LEU B 130 37.73 4.23 -25.34
CA LEU B 130 37.03 5.29 -26.08
C LEU B 130 37.35 6.66 -25.50
N TRP B 131 37.38 6.77 -24.16
CA TRP B 131 37.69 8.02 -23.49
C TRP B 131 39.15 8.45 -23.68
N LYS B 132 40.02 7.51 -24.05
CA LYS B 132 41.44 7.83 -24.31
C LYS B 132 41.60 8.80 -25.48
N ASP B 133 40.68 8.76 -26.45
CA ASP B 133 40.70 9.72 -27.54
C ASP B 133 40.38 11.12 -27.02
N SER B 134 41.19 12.10 -27.42
CA SER B 134 41.04 13.47 -26.96
C SER B 134 39.76 14.12 -27.50
N GLY B 135 39.31 13.71 -28.69
CA GLY B 135 38.07 14.23 -29.22
C GLY B 135 36.85 13.82 -28.40
N VAL B 136 36.87 12.61 -27.85
CA VAL B 136 35.79 12.15 -26.98
C VAL B 136 35.76 12.97 -25.68
N GLN B 137 36.95 13.35 -25.18
CA GLN B 137 37.01 14.19 -23.99
C GLN B 137 36.54 15.61 -24.29
N ALA B 138 36.93 16.17 -25.44
CA ALA B 138 36.50 17.51 -25.82
C ALA B 138 35.06 17.57 -26.28
N CYS B 139 34.43 16.41 -26.55
CA CYS B 139 33.04 16.38 -26.96
C CYS B 139 32.07 16.77 -25.85
N PHE B 140 32.50 16.69 -24.59
CA PHE B 140 31.63 16.99 -23.46
C PHE B 140 31.25 18.48 -23.42
N ASN B 141 32.18 19.36 -23.79
CA ASN B 141 31.90 20.79 -23.82
C ASN B 141 30.85 21.13 -24.87
N ARG B 142 30.91 20.47 -26.03
CA ARG B 142 29.86 20.63 -27.03
C ARG B 142 28.56 19.97 -26.60
N SER B 143 28.65 18.89 -25.82
CA SER B 143 27.47 18.22 -25.30
C SER B 143 26.75 19.02 -24.24
N ARG B 144 27.46 19.96 -23.59
CA ARG B 144 26.85 20.88 -22.63
C ARG B 144 25.79 21.78 -23.25
N GLU B 145 25.80 21.94 -24.58
CA GLU B 145 24.84 22.81 -25.26
C GLU B 145 23.41 22.31 -25.10
N TYR B 146 23.13 21.09 -25.56
CA TYR B 146 21.78 20.56 -25.49
C TYR B 146 21.49 20.03 -24.08
N GLN B 147 20.30 19.45 -23.91
CA GLN B 147 19.84 18.97 -22.61
C GLN B 147 20.68 17.78 -22.15
N LEU B 148 21.37 17.95 -21.02
CA LEU B 148 22.31 16.96 -20.52
C LEU B 148 22.29 17.03 -19.00
N ASN B 149 22.74 15.94 -18.37
CA ASN B 149 22.78 15.88 -16.91
C ASN B 149 23.81 16.86 -16.36
N ASP B 150 23.42 17.62 -15.34
CA ASP B 150 24.33 18.54 -14.70
C ASP B 150 25.40 17.81 -13.90
N SER B 151 25.02 16.75 -13.20
CA SER B 151 25.96 15.92 -12.45
C SER B 151 26.50 14.78 -13.32
N ALA B 152 27.03 15.13 -14.48
CA ALA B 152 27.61 14.15 -15.41
C ALA B 152 29.12 14.23 -15.49
N ALA B 153 29.71 15.42 -15.34
CA ALA B 153 31.16 15.58 -15.43
C ALA B 153 31.87 14.88 -14.29
N TYR B 154 31.24 14.80 -13.12
CA TYR B 154 31.83 14.10 -11.97
C TYR B 154 32.00 12.61 -12.24
N TYR B 155 31.05 12.01 -12.96
CA TYR B 155 31.16 10.59 -13.29
C TYR B 155 32.00 10.36 -14.54
N LEU B 156 31.94 11.27 -15.51
CA LEU B 156 32.69 11.10 -16.75
C LEU B 156 34.16 11.46 -16.62
N ASN B 157 34.55 12.22 -15.59
CA ASN B 157 35.95 12.51 -15.36
C ASN B 157 36.60 11.53 -14.39
N ASP B 158 35.80 10.82 -13.60
CA ASP B 158 36.30 9.83 -12.65
C ASP B 158 36.17 8.41 -13.18
N LEU B 159 36.20 8.23 -14.51
CA LEU B 159 35.98 6.92 -15.11
C LEU B 159 37.07 5.92 -14.73
N ASP B 160 38.31 6.39 -14.60
CA ASP B 160 39.37 5.53 -14.09
C ASP B 160 39.16 5.21 -12.62
N ARG B 161 38.66 6.18 -11.84
CA ARG B 161 38.36 5.93 -10.44
C ARG B 161 37.16 5.02 -10.27
N ILE B 162 36.18 5.12 -11.16
CA ILE B 162 35.04 4.19 -11.16
C ILE B 162 35.51 2.80 -11.57
N ALA B 163 36.49 2.73 -12.49
CA ALA B 163 37.00 1.45 -13.00
C ALA B 163 37.63 0.57 -11.92
N GLN B 164 38.12 1.18 -10.84
CA GLN B 164 38.59 0.41 -9.70
C GLN B 164 37.41 -0.26 -9.00
N PRO B 165 37.51 -1.56 -8.65
CA PRO B 165 36.38 -2.22 -8.00
C PRO B 165 36.15 -1.78 -6.56
N ASN B 166 37.22 -1.41 -5.84
CA ASN B 166 37.06 -0.85 -4.50
C ASN B 166 36.43 0.53 -4.60
N TYR B 167 35.41 0.78 -3.79
CA TYR B 167 34.65 2.03 -3.89
C TYR B 167 34.43 2.59 -2.50
N ILE B 168 34.28 3.91 -2.43
CA ILE B 168 34.15 4.64 -1.18
C ILE B 168 32.77 5.28 -1.13
N PRO B 169 31.93 4.96 -0.13
CA PRO B 169 30.65 5.66 0.01
C PRO B 169 30.76 6.94 0.84
N THR B 170 30.29 8.06 0.29
CA THR B 170 30.30 9.34 0.97
C THR B 170 28.92 9.99 0.87
N GLN B 171 28.70 10.98 1.74
CA GLN B 171 27.50 11.80 1.61
C GLN B 171 27.56 12.74 0.40
N GLN B 172 28.77 13.06 -0.07
CA GLN B 172 28.92 13.78 -1.34
C GLN B 172 28.42 12.95 -2.51
N ASP B 173 28.59 11.62 -2.43
CA ASP B 173 28.17 10.72 -3.51
C ASP B 173 26.66 10.74 -3.68
N VAL B 174 25.91 10.63 -2.58
CA VAL B 174 24.46 10.76 -2.68
C VAL B 174 24.03 12.21 -2.86
N LEU B 175 24.89 13.17 -2.52
CA LEU B 175 24.60 14.57 -2.79
C LEU B 175 24.65 14.87 -4.28
N ARG B 176 25.44 14.09 -5.04
CA ARG B 176 25.47 14.23 -6.50
C ARG B 176 24.12 13.90 -7.12
N THR B 177 23.37 12.96 -6.54
CA THR B 177 22.01 12.70 -6.98
C THR B 177 21.01 13.65 -6.32
N ARG B 178 21.32 14.12 -5.11
CA ARG B 178 20.44 15.01 -4.36
C ARG B 178 20.41 16.42 -4.94
N VAL B 179 21.43 16.81 -5.71
CA VAL B 179 21.55 18.17 -6.21
C VAL B 179 20.49 18.54 -7.24
N LYS B 180 19.77 17.56 -7.78
CA LYS B 180 18.68 17.85 -8.73
C LYS B 180 17.51 18.53 -8.04
N THR B 181 17.31 18.27 -6.74
CA THR B 181 16.32 18.84 -5.80
C THR B 181 14.92 19.09 -6.36
N THR B 182 14.41 18.17 -7.16
CA THR B 182 13.06 18.25 -7.68
C THR B 182 12.13 17.36 -6.85
N GLY B 183 10.99 17.92 -6.47
CA GLY B 183 10.01 17.17 -5.69
C GLY B 183 10.16 17.36 -4.20
N ILE B 184 9.35 16.58 -3.48
CA ILE B 184 9.40 16.60 -2.03
C ILE B 184 10.69 15.95 -1.55
N VAL B 185 11.22 16.45 -0.44
CA VAL B 185 12.45 15.93 0.15
C VAL B 185 12.09 15.21 1.44
N GLU B 186 12.52 13.96 1.55
CA GLU B 186 12.34 13.14 2.73
C GLU B 186 13.61 13.23 3.57
N THR B 187 13.55 13.96 4.69
CA THR B 187 14.69 14.02 5.59
C THR B 187 14.38 13.16 6.81
N HIS B 188 15.23 12.15 7.03
CA HIS B 188 15.01 11.11 8.03
C HIS B 188 15.98 11.32 9.18
N PHE B 189 15.46 11.48 10.40
CA PHE B 189 16.34 11.56 11.55
C PHE B 189 15.74 10.79 12.72
N THR B 190 16.63 10.25 13.56
CA THR B 190 16.23 9.44 14.69
C THR B 190 16.39 10.23 15.98
N PHE B 191 15.44 10.04 16.90
CA PHE B 191 15.51 10.66 18.22
C PHE B 191 14.65 9.85 19.19
N LYS B 192 15.29 9.30 20.22
CA LYS B 192 14.64 8.61 21.35
C LYS B 192 13.77 7.46 20.85
N ASP B 193 14.37 6.63 19.99
CA ASP B 193 13.76 5.47 19.34
C ASP B 193 12.57 5.86 18.45
N LEU B 194 12.50 7.12 18.02
CA LEU B 194 11.53 7.55 17.02
C LEU B 194 12.24 7.88 15.72
N HIS B 195 11.62 7.49 14.62
CA HIS B 195 12.13 7.73 13.27
C HIS B 195 11.26 8.82 12.65
N PHE B 196 11.70 10.07 12.73
CA PHE B 196 10.97 11.18 12.15
C PHE B 196 11.34 11.34 10.69
N LYS B 197 10.32 11.59 9.87
CA LYS B 197 10.45 11.76 8.42
C LYS B 197 9.79 13.09 8.09
N MET B 198 10.61 14.11 7.85
CA MET B 198 10.11 15.43 7.50
C MET B 198 9.94 15.51 5.99
N PHE B 199 8.72 15.82 5.55
CA PHE B 199 8.40 16.01 4.14
C PHE B 199 8.16 17.50 3.92
N ASP B 200 9.13 18.20 3.33
CA ASP B 200 8.96 19.59 2.95
C ASP B 200 8.68 19.70 1.45
N VAL B 201 7.49 20.20 1.12
CA VAL B 201 7.07 20.21 -0.28
C VAL B 201 7.74 21.34 -1.06
N GLY B 202 8.08 22.45 -0.41
CA GLY B 202 8.77 23.54 -1.06
C GLY B 202 7.86 24.35 -2.00
N ALA B 203 8.53 25.19 -2.79
CA ALA B 203 7.86 26.05 -3.76
C ALA B 203 7.94 25.50 -5.17
N GLN B 204 8.17 24.20 -5.32
CA GLN B 204 8.29 23.59 -6.65
C GLN B 204 6.96 23.63 -7.40
N ARG B 205 5.86 23.43 -6.70
CA ARG B 205 4.55 23.30 -7.33
C ARG B 205 3.71 24.54 -7.06
N SER B 206 2.99 24.98 -8.09
CA SER B 206 2.24 26.23 -8.02
C SER B 206 0.92 26.07 -7.29
N GLU B 207 0.14 25.06 -7.65
CA GLU B 207 -1.22 24.87 -7.13
C GLU B 207 -1.28 23.61 -6.29
N ARG B 208 -2.02 23.68 -5.18
CA ARG B 208 -2.07 22.60 -4.20
C ARG B 208 -3.49 22.12 -3.93
N LYS B 209 -4.43 22.39 -4.86
CA LYS B 209 -5.80 21.92 -4.70
C LYS B 209 -5.89 20.40 -4.73
N LYS B 210 -5.00 19.74 -5.47
CA LYS B 210 -5.03 18.29 -5.56
C LYS B 210 -4.09 17.62 -4.55
N TRP B 211 -2.78 17.87 -4.68
CA TRP B 211 -1.79 17.03 -4.02
C TRP B 211 -1.69 17.23 -2.51
N ILE B 212 -2.52 18.08 -1.90
CA ILE B 212 -2.59 18.09 -0.45
C ILE B 212 -3.40 16.90 0.07
N HIS B 213 -4.28 16.31 -0.76
CA HIS B 213 -5.20 15.28 -0.30
C HIS B 213 -4.49 13.98 0.03
N CYS B 214 -3.27 13.78 -0.47
CA CYS B 214 -2.53 12.58 -0.11
C CYS B 214 -1.92 12.67 1.28
N PHE B 215 -1.81 13.87 1.85
CA PHE B 215 -1.24 14.05 3.17
C PHE B 215 -2.27 13.92 4.29
N GLU B 216 -3.38 13.22 4.03
CA GLU B 216 -4.37 12.98 5.07
C GLU B 216 -3.83 12.11 6.19
N GLY B 217 -3.13 11.03 5.84
CA GLY B 217 -2.49 10.22 6.84
C GLY B 217 -1.13 10.78 7.21
N VAL B 218 -1.10 11.53 8.31
CA VAL B 218 0.10 12.21 8.80
C VAL B 218 -0.06 12.33 10.31
N THR B 219 1.03 12.67 11.00
CA THR B 219 1.00 12.79 12.45
C THR B 219 0.99 14.24 12.90
N ALA B 220 1.98 15.02 12.50
CA ALA B 220 2.03 16.45 12.79
C ALA B 220 2.10 17.23 11.48
N ILE B 221 1.98 18.55 11.60
CA ILE B 221 2.16 19.48 10.49
C ILE B 221 3.05 20.60 11.03
N ILE B 222 4.33 20.56 10.70
CA ILE B 222 5.22 21.65 11.08
C ILE B 222 4.95 22.83 10.17
N PHE B 223 4.86 24.03 10.76
CA PHE B 223 4.47 25.23 10.02
C PHE B 223 5.41 26.35 10.48
N CYS B 224 6.49 26.56 9.73
CA CYS B 224 7.54 27.48 10.10
C CYS B 224 7.29 28.82 9.40
N VAL B 225 7.01 29.86 10.18
CA VAL B 225 6.87 31.21 9.66
C VAL B 225 7.77 32.16 10.45
N ALA B 226 8.52 32.99 9.74
CA ALA B 226 9.37 34.00 10.35
C ALA B 226 8.54 35.25 10.59
N LEU B 227 8.42 35.66 11.85
CA LEU B 227 7.61 36.82 12.21
C LEU B 227 8.33 38.16 12.00
N SER B 228 9.51 38.15 11.38
CA SER B 228 10.20 39.37 10.98
C SER B 228 9.79 39.84 9.59
N ASP B 229 8.77 39.23 8.99
CA ASP B 229 8.39 39.52 7.61
C ASP B 229 7.49 40.72 7.46
N TYR B 230 7.04 41.33 8.57
CA TYR B 230 6.15 42.49 8.49
C TYR B 230 6.86 43.70 7.87
N ASP B 231 8.16 43.82 8.07
CA ASP B 231 8.95 44.86 7.43
C ASP B 231 9.71 44.35 6.21
N LEU B 232 10.04 43.06 6.18
CA LEU B 232 10.73 42.46 5.03
C LEU B 232 9.78 42.39 3.84
N VAL B 233 10.37 42.35 2.64
CA VAL B 233 9.64 42.47 1.40
C VAL B 233 9.74 41.15 0.63
N LEU B 234 8.60 40.50 0.42
CA LEU B 234 8.45 39.42 -0.57
C LEU B 234 7.04 39.62 -1.12
N ALA B 235 6.94 40.38 -2.22
CA ALA B 235 5.64 40.82 -2.73
C ALA B 235 5.64 40.75 -4.25
N GLU B 236 4.70 40.01 -4.80
CA GLU B 236 4.41 40.04 -6.22
C GLU B 236 3.40 41.13 -6.58
N ASP B 237 2.90 41.86 -5.60
CA ASP B 237 1.91 42.91 -5.80
C ASP B 237 2.14 43.98 -4.72
N GLU B 238 1.13 44.82 -4.50
CA GLU B 238 1.23 45.84 -3.45
C GLU B 238 1.10 45.26 -2.04
N GLU B 239 0.73 43.99 -1.89
CA GLU B 239 0.65 43.35 -0.58
C GLU B 239 2.08 43.03 -0.13
N MET B 240 2.73 44.03 0.46
CA MET B 240 4.11 43.87 0.90
C MET B 240 4.20 43.02 2.15
N ASN B 241 3.15 43.00 2.97
CA ASN B 241 3.18 42.30 4.24
C ASN B 241 3.03 40.81 4.00
N ARG B 242 4.13 40.08 4.15
CA ARG B 242 4.15 38.63 4.03
C ARG B 242 3.37 37.94 5.16
N MET B 243 3.18 38.64 6.29
CA MET B 243 2.45 38.06 7.43
C MET B 243 1.00 37.77 7.06
N HIS B 244 0.36 38.62 6.25
CA HIS B 244 -1.00 38.33 5.79
C HIS B 244 -1.03 37.13 4.86
N ALA B 245 0.05 36.92 4.10
CA ALA B 245 0.16 35.75 3.25
C ALA B 245 0.26 34.50 4.12
N SER B 246 1.03 34.60 5.21
CA SER B 246 1.15 33.50 6.16
C SER B 246 -0.17 33.23 6.88
N MET B 247 -0.95 34.29 7.15
CA MET B 247 -2.26 34.12 7.78
C MET B 247 -3.22 33.40 6.84
N LYS B 248 -3.22 33.77 5.55
CA LYS B 248 -4.05 33.09 4.56
C LYS B 248 -3.59 31.64 4.36
N LEU B 249 -2.27 31.40 4.44
CA LEU B 249 -1.72 30.06 4.32
C LEU B 249 -2.18 29.18 5.48
N PHE B 250 -2.07 29.69 6.70
CA PHE B 250 -2.49 28.95 7.89
C PHE B 250 -4.01 28.79 7.94
N ASP B 251 -4.77 29.76 7.39
CA ASP B 251 -6.21 29.61 7.32
C ASP B 251 -6.60 28.54 6.30
N SER B 252 -5.86 28.45 5.19
CA SER B 252 -6.16 27.44 4.19
C SER B 252 -5.76 26.05 4.65
N ILE B 253 -4.72 25.95 5.49
CA ILE B 253 -4.23 24.63 5.91
C ILE B 253 -4.90 24.14 7.19
N CYS B 254 -4.97 24.98 8.23
CA CYS B 254 -5.52 24.56 9.52
C CYS B 254 -7.02 24.32 9.45
N ASN B 255 -7.72 25.00 8.55
CA ASN B 255 -9.16 24.82 8.38
C ASN B 255 -9.51 23.94 7.19
N ASN B 256 -8.53 23.23 6.63
CA ASN B 256 -8.77 22.37 5.49
C ASN B 256 -9.54 21.12 5.93
N LYS B 257 -10.32 20.56 5.00
CA LYS B 257 -11.14 19.39 5.30
C LYS B 257 -10.32 18.13 5.50
N TRP B 258 -9.12 18.07 4.93
CA TRP B 258 -8.28 16.89 5.12
C TRP B 258 -7.50 16.93 6.42
N PHE B 259 -7.25 18.15 6.92
CA PHE B 259 -6.45 18.35 8.13
C PHE B 259 -7.33 18.66 9.34
N THR B 260 -8.54 18.10 9.38
CA THR B 260 -9.48 18.39 10.46
C THR B 260 -9.15 17.65 11.75
N ASP B 261 -8.28 16.64 11.71
CA ASP B 261 -7.89 15.90 12.90
C ASP B 261 -6.41 15.99 13.20
N THR B 262 -5.59 16.49 12.29
CA THR B 262 -4.15 16.58 12.47
C THR B 262 -3.78 18.00 12.93
N SER B 263 -2.99 18.08 14.00
CA SER B 263 -2.65 19.36 14.59
C SER B 263 -1.53 20.04 13.79
N ILE B 264 -1.17 21.25 14.22
CA ILE B 264 -0.14 22.05 13.58
C ILE B 264 0.83 22.53 14.66
N ILE B 265 2.10 22.16 14.51
CA ILE B 265 3.17 22.67 15.36
C ILE B 265 3.75 23.89 14.64
N LEU B 266 3.51 25.07 15.18
CA LEU B 266 3.81 26.32 14.50
C LEU B 266 5.09 26.91 15.09
N PHE B 267 6.10 27.13 14.24
CA PHE B 267 7.39 27.65 14.64
C PHE B 267 7.56 29.10 14.21
N LEU B 268 7.69 29.99 15.19
CA LEU B 268 8.12 31.36 14.94
C LEU B 268 9.63 31.33 14.79
N ASN B 269 10.13 31.57 13.58
CA ASN B 269 11.52 31.23 13.27
C ASN B 269 12.50 32.28 13.79
N LYS B 270 12.42 33.50 13.27
CA LYS B 270 13.41 34.53 13.56
C LYS B 270 12.86 35.45 14.65
N LYS B 271 13.15 35.12 15.91
CA LYS B 271 12.71 35.95 17.02
C LYS B 271 13.77 36.96 17.46
N ASP B 272 15.05 36.67 17.23
CA ASP B 272 16.09 37.64 17.57
C ASP B 272 16.11 38.82 16.60
N LEU B 273 15.92 38.54 15.31
CA LEU B 273 15.76 39.61 14.33
C LEU B 273 14.46 40.37 14.56
N PHE B 274 13.42 39.66 14.99
CA PHE B 274 12.17 40.32 15.40
C PHE B 274 12.38 41.21 16.61
N GLU B 275 13.20 40.76 17.57
CA GLU B 275 13.49 41.57 18.74
C GLU B 275 14.27 42.83 18.37
N GLU B 276 15.27 42.70 17.50
CA GLU B 276 16.05 43.86 17.05
C GLU B 276 15.18 44.83 16.25
N LYS B 277 14.32 44.32 15.37
CA LYS B 277 13.49 45.19 14.55
C LYS B 277 12.27 45.72 15.29
N ILE B 278 11.93 45.18 16.46
CA ILE B 278 10.88 45.78 17.28
C ILE B 278 11.47 46.76 18.29
N LYS B 279 12.74 46.60 18.67
CA LYS B 279 13.41 47.65 19.44
C LYS B 279 13.76 48.84 18.55
N LYS B 280 14.08 48.58 17.29
CA LYS B 280 14.39 49.67 16.36
C LYS B 280 13.14 50.49 16.03
N SER B 281 12.05 49.82 15.65
CA SER B 281 10.82 50.49 15.28
C SER B 281 9.62 49.73 15.81
N PRO B 282 8.61 50.43 16.31
CA PRO B 282 7.42 49.75 16.83
C PRO B 282 6.57 49.16 15.71
N LEU B 283 5.69 48.25 16.09
CA LEU B 283 4.73 47.64 15.18
C LEU B 283 3.45 48.45 15.04
N THR B 284 3.40 49.64 15.64
CA THR B 284 2.23 50.52 15.49
C THR B 284 2.08 51.05 14.07
N ILE B 285 3.19 51.13 13.32
CA ILE B 285 3.15 51.64 11.94
C ILE B 285 2.35 50.69 11.05
N CYS B 286 2.43 49.38 11.30
CA CYS B 286 1.75 48.37 10.51
C CYS B 286 0.23 48.49 10.56
N TYR B 287 -0.36 48.26 11.73
CA TYR B 287 -1.79 48.43 11.98
C TYR B 287 -1.98 48.70 13.46
N PRO B 288 -3.03 49.48 13.83
CA PRO B 288 -3.27 49.76 15.26
C PRO B 288 -3.67 48.53 16.07
N GLU B 289 -4.65 47.77 15.57
CA GLU B 289 -5.07 46.55 16.27
C GLU B 289 -4.00 45.47 16.24
N TYR B 290 -3.11 45.50 15.25
CA TYR B 290 -1.96 44.60 15.21
C TYR B 290 -0.98 44.89 16.35
N ALA B 291 -0.91 46.15 16.78
CA ALA B 291 -0.04 46.56 17.88
C ALA B 291 -0.81 46.45 19.20
N GLY B 292 -0.70 45.28 19.83
CA GLY B 292 -1.27 45.13 21.16
C GLY B 292 -0.54 45.95 22.20
N SER B 293 0.78 45.81 22.26
CA SER B 293 1.61 46.61 23.15
C SER B 293 2.94 46.88 22.48
N ASN B 294 3.60 47.96 22.92
CA ASN B 294 4.88 48.34 22.36
C ASN B 294 5.99 47.39 22.78
N THR B 295 5.83 46.71 23.91
CA THR B 295 6.85 45.82 24.45
C THR B 295 7.05 44.59 23.56
N TYR B 296 8.22 43.97 23.73
CA TYR B 296 8.56 42.77 22.96
C TYR B 296 7.67 41.59 23.31
N GLU B 297 7.45 41.36 24.61
CA GLU B 297 6.89 40.09 25.08
C GLU B 297 5.43 39.92 24.68
N GLU B 298 4.58 40.90 25.03
CA GLU B 298 3.14 40.80 24.77
C GLU B 298 2.84 40.74 23.28
N ALA B 299 3.56 41.53 22.49
CA ALA B 299 3.49 41.42 21.03
C ALA B 299 3.89 40.02 20.57
N ALA B 300 4.95 39.46 21.18
CA ALA B 300 5.32 38.08 20.91
C ALA B 300 4.23 37.11 21.33
N ALA B 301 3.44 37.46 22.35
CA ALA B 301 2.23 36.70 22.64
C ALA B 301 1.17 36.96 21.59
N TYR B 302 0.97 38.23 21.21
CA TYR B 302 -0.17 38.62 20.38
C TYR B 302 -0.13 37.96 19.01
N ILE B 303 1.06 37.89 18.41
CA ILE B 303 1.27 37.22 17.14
C ILE B 303 0.84 35.76 17.22
N GLN B 304 1.26 35.05 18.27
CA GLN B 304 0.87 33.65 18.35
C GLN B 304 -0.61 33.54 18.72
N CYS B 305 -1.14 34.54 19.44
CA CYS B 305 -2.58 34.61 19.65
C CYS B 305 -3.32 34.79 18.33
N GLN B 306 -2.70 35.55 17.41
CA GLN B 306 -3.26 35.72 16.08
C GLN B 306 -3.26 34.41 15.30
N PHE B 307 -2.37 33.48 15.64
CA PHE B 307 -2.45 32.16 15.06
C PHE B 307 -3.36 31.21 15.84
N GLU B 308 -3.65 31.52 17.11
CA GLU B 308 -4.49 30.62 17.89
C GLU B 308 -5.96 30.69 17.48
N ASP B 309 -6.43 31.86 17.06
CA ASP B 309 -7.84 32.06 16.75
C ASP B 309 -8.17 31.92 15.27
N LEU B 310 -7.22 31.45 14.45
CA LEU B 310 -7.52 31.13 13.06
C LEU B 310 -8.14 29.75 12.91
N ASN B 311 -7.98 28.87 13.90
CA ASN B 311 -8.64 27.57 13.90
C ASN B 311 -10.13 27.77 14.12
N LYS B 312 -10.93 27.53 13.07
CA LYS B 312 -12.36 27.84 13.10
C LYS B 312 -13.10 26.77 13.90
N ARG B 313 -13.28 27.04 15.20
CA ARG B 313 -14.16 26.33 16.14
C ARG B 313 -13.73 24.90 16.44
N LYS B 314 -12.64 24.40 15.88
CA LYS B 314 -12.24 23.02 16.08
C LYS B 314 -11.55 22.85 17.42
N ASP B 315 -11.91 21.79 18.14
CA ASP B 315 -11.34 21.49 19.44
C ASP B 315 -10.61 20.14 19.45
N THR B 316 -10.59 19.43 18.33
CA THR B 316 -9.89 18.17 18.22
C THR B 316 -8.48 18.32 17.66
N LYS B 317 -8.03 19.56 17.44
CA LYS B 317 -6.69 19.84 16.95
C LYS B 317 -6.17 21.08 17.65
N GLU B 318 -4.94 21.00 18.15
CA GLU B 318 -4.38 22.03 19.02
C GLU B 318 -3.08 22.54 18.43
N ILE B 319 -2.98 23.87 18.30
CA ILE B 319 -1.81 24.50 17.70
C ILE B 319 -0.70 24.56 18.74
N TYR B 320 0.35 23.76 18.54
CA TYR B 320 1.49 23.72 19.46
C TYR B 320 2.51 24.76 19.00
N THR B 321 2.41 25.96 19.56
CA THR B 321 3.24 27.06 19.14
C THR B 321 4.59 27.02 19.86
N HIS B 322 5.62 27.61 19.23
CA HIS B 322 6.97 27.58 19.76
C HIS B 322 7.74 28.73 19.13
N PHE B 323 8.83 29.12 19.78
CA PHE B 323 9.73 30.18 19.30
C PHE B 323 11.10 29.57 19.05
N THR B 324 11.57 29.69 17.81
CA THR B 324 12.79 29.00 17.39
C THR B 324 14.02 29.77 17.84
N CYS B 325 14.95 29.06 18.47
CA CYS B 325 16.24 29.60 18.88
C CYS B 325 17.34 28.73 18.30
N SER B 326 18.59 29.22 18.40
CA SER B 326 19.74 28.53 17.83
C SER B 326 20.26 27.48 18.81
N THR B 327 19.45 26.43 18.99
CA THR B 327 19.82 25.30 19.83
C THR B 327 19.20 24.05 19.23
N ASP B 328 20.04 23.05 18.94
CA ASP B 328 19.56 21.81 18.35
C ASP B 328 18.74 20.99 19.33
N THR B 329 19.10 21.02 20.62
CA THR B 329 18.45 20.18 21.62
C THR B 329 17.01 20.62 21.87
N LYS B 330 16.79 21.95 21.98
CA LYS B 330 15.48 22.46 22.37
C LYS B 330 14.41 22.21 21.29
N ASN B 331 14.76 22.44 20.02
CA ASN B 331 13.77 22.31 18.96
C ASN B 331 13.40 20.85 18.69
N VAL B 332 14.41 19.97 18.66
CA VAL B 332 14.16 18.54 18.47
C VAL B 332 13.43 17.96 19.68
N GLN B 333 13.74 18.45 20.88
CA GLN B 333 13.05 17.98 22.08
C GLN B 333 11.59 18.44 22.10
N PHE B 334 11.33 19.66 21.61
CA PHE B 334 9.95 20.14 21.53
C PHE B 334 9.16 19.37 20.49
N VAL B 335 9.79 19.07 19.34
CA VAL B 335 9.12 18.26 18.31
C VAL B 335 8.83 16.87 18.85
N PHE B 336 9.77 16.30 19.62
CA PHE B 336 9.57 14.99 20.24
C PHE B 336 8.40 15.00 21.21
N ASP B 337 8.35 15.99 22.11
CA ASP B 337 7.29 16.03 23.11
C ASP B 337 5.94 16.36 22.48
N ALA B 338 5.92 17.24 21.48
CA ALA B 338 4.66 17.62 20.85
C ALA B 338 4.09 16.49 20.00
N VAL B 339 4.95 15.82 19.21
CA VAL B 339 4.50 14.68 18.42
C VAL B 339 4.10 13.52 19.31
N THR B 340 4.79 13.34 20.45
CA THR B 340 4.39 12.32 21.41
C THR B 340 3.03 12.62 22.01
N ASP B 341 2.76 13.91 22.29
CA ASP B 341 1.44 14.31 22.80
C ASP B 341 0.35 14.09 21.75
N VAL B 342 0.65 14.36 20.48
CA VAL B 342 -0.30 14.14 19.39
C VAL B 342 -0.60 12.66 19.25
N ILE B 343 0.43 11.81 19.32
CA ILE B 343 0.25 10.37 19.20
C ILE B 343 -0.54 9.82 20.38
N ILE B 344 -0.29 10.34 21.59
CA ILE B 344 -1.06 9.93 22.77
C ILE B 344 -2.52 10.33 22.63
N LYS B 345 -2.79 11.55 22.13
CA LYS B 345 -4.18 11.98 21.96
C LYS B 345 -4.91 11.18 20.88
N ASN B 346 -4.23 10.89 19.76
CA ASN B 346 -4.87 10.12 18.70
C ASN B 346 -5.11 8.66 19.11
N ASN B 347 -4.15 8.05 19.82
CA ASN B 347 -4.38 6.68 20.27
C ASN B 347 -5.41 6.60 21.38
N LEU B 348 -5.51 7.62 22.24
CA LEU B 348 -6.58 7.61 23.23
C LEU B 348 -7.95 7.89 22.59
N LYS B 349 -7.99 8.68 21.52
CA LYS B 349 -9.23 8.83 20.77
C LYS B 349 -9.61 7.53 20.07
N ASP B 350 -8.61 6.78 19.60
CA ASP B 350 -8.85 5.46 19.04
C ASP B 350 -9.32 4.47 20.10
N CYS B 351 -8.80 4.60 21.32
CA CYS B 351 -9.30 3.78 22.42
C CYS B 351 -10.67 4.24 22.89
N GLY B 352 -10.98 5.53 22.72
CA GLY B 352 -12.23 6.07 23.20
C GLY B 352 -12.19 6.62 24.60
N LEU B 353 -11.01 6.80 25.18
CA LEU B 353 -10.95 7.28 26.56
C LEU B 353 -11.26 8.78 26.64
N PHE B 354 -10.88 9.55 25.64
CA PHE B 354 -11.41 10.92 25.52
C PHE B 354 -12.83 10.90 24.98
N GLN C 15 0.38 47.53 -25.20
CA GLN C 15 -0.78 47.86 -24.38
C GLN C 15 -2.08 47.77 -25.19
N SER C 16 -1.97 47.96 -26.50
CA SER C 16 -3.11 47.82 -27.41
C SER C 16 -3.01 46.61 -28.32
N GLU C 17 -1.79 46.21 -28.70
CA GLU C 17 -1.61 45.02 -29.53
C GLU C 17 -2.00 43.75 -28.79
N LEU C 18 -1.67 43.68 -27.50
CA LEU C 18 -2.08 42.54 -26.68
C LEU C 18 -3.60 42.48 -26.55
N ASP C 19 -4.25 43.64 -26.43
CA ASP C 19 -5.70 43.69 -26.34
C ASP C 19 -6.37 43.27 -27.65
N GLN C 20 -5.80 43.67 -28.79
CA GLN C 20 -6.45 43.31 -30.04
C GLN C 20 -6.13 41.86 -30.46
N LEU C 21 -4.99 41.31 -30.04
CA LEU C 21 -4.78 39.87 -30.18
C LEU C 21 -5.75 39.09 -29.28
N ARG C 22 -6.03 39.62 -28.08
CA ARG C 22 -7.02 38.99 -27.20
C ARG C 22 -8.43 39.05 -27.82
N GLN C 23 -8.76 40.16 -28.48
CA GLN C 23 -10.04 40.26 -29.18
C GLN C 23 -10.11 39.31 -30.36
N GLU C 24 -8.98 39.11 -31.07
CA GLU C 24 -8.94 38.13 -32.16
C GLU C 24 -9.12 36.71 -31.63
N ALA C 25 -8.53 36.40 -30.47
CA ALA C 25 -8.70 35.09 -29.86
C ALA C 25 -10.14 34.88 -29.39
N GLU C 26 -10.77 35.92 -28.84
CA GLU C 26 -12.17 35.85 -28.45
C GLU C 26 -13.07 35.67 -29.66
N GLN C 27 -12.73 36.31 -30.79
CA GLN C 27 -13.48 36.13 -32.02
C GLN C 27 -13.35 34.71 -32.55
N LEU C 28 -12.15 34.12 -32.45
CA LEU C 28 -11.97 32.74 -32.89
C LEU C 28 -12.71 31.76 -31.99
N LYS C 29 -12.75 32.02 -30.67
CA LYS C 29 -13.52 31.18 -29.77
C LYS C 29 -15.01 31.29 -30.05
N ASN C 30 -15.50 32.50 -30.35
CA ASN C 30 -16.90 32.67 -30.73
C ASN C 30 -17.20 31.99 -32.05
N GLN C 31 -16.24 31.98 -32.98
CA GLN C 31 -16.44 31.33 -34.28
C GLN C 31 -16.52 29.82 -34.13
N ILE C 32 -15.63 29.22 -33.33
CA ILE C 32 -15.68 27.77 -33.16
C ILE C 32 -16.89 27.36 -32.31
N ARG C 33 -17.33 28.23 -31.39
CA ARG C 33 -18.55 27.96 -30.63
C ARG C 33 -19.79 28.01 -31.54
N ASP C 34 -19.83 28.99 -32.46
CA ASP C 34 -20.92 29.05 -33.42
C ASP C 34 -20.89 27.89 -34.40
N ALA C 35 -19.70 27.41 -34.76
CA ALA C 35 -19.60 26.24 -35.64
C ALA C 35 -20.10 24.98 -34.97
N ARG C 36 -19.65 24.73 -33.72
CA ARG C 36 -20.11 23.53 -33.01
C ARG C 36 -21.57 23.63 -32.58
N LYS C 37 -22.12 24.85 -32.47
CA LYS C 37 -23.56 24.99 -32.26
C LYS C 37 -24.33 24.77 -33.55
N ALA C 38 -23.78 25.19 -34.69
CA ALA C 38 -24.45 25.04 -35.97
C ALA C 38 -24.49 23.59 -36.43
N CYS C 39 -23.46 22.80 -36.11
CA CYS C 39 -23.48 21.39 -36.48
C CYS C 39 -24.17 20.50 -35.45
N ALA C 40 -24.91 21.09 -34.50
CA ALA C 40 -25.48 20.38 -33.36
C ALA C 40 -26.98 20.14 -33.51
N ASP C 41 -27.42 19.73 -34.71
CA ASP C 41 -28.84 19.63 -35.01
C ASP C 41 -29.56 18.56 -34.19
N ALA C 42 -28.93 17.40 -33.99
CA ALA C 42 -29.56 16.29 -33.27
C ALA C 42 -28.60 15.77 -32.22
N THR C 43 -29.04 15.82 -30.95
CA THR C 43 -28.23 15.34 -29.85
C THR C 43 -28.31 13.82 -29.74
N LEU C 44 -27.39 13.25 -28.96
CA LEU C 44 -27.30 11.80 -28.81
C LEU C 44 -28.46 11.23 -28.01
N SER C 45 -28.94 11.99 -27.00
CA SER C 45 -30.04 11.52 -26.17
C SER C 45 -31.36 11.46 -26.94
N GLN C 46 -31.50 12.29 -27.98
CA GLN C 46 -32.68 12.21 -28.83
C GLN C 46 -32.61 11.04 -29.79
N ILE C 47 -31.40 10.66 -30.21
CA ILE C 47 -31.25 9.54 -31.14
C ILE C 47 -31.39 8.21 -30.42
N THR C 48 -30.92 8.12 -29.16
CA THR C 48 -30.90 6.85 -28.44
C THR C 48 -32.17 6.58 -27.64
N ASN C 49 -33.33 7.08 -28.08
CA ASN C 49 -34.58 6.74 -27.43
C ASN C 49 -35.17 5.43 -27.91
N ASN C 50 -34.61 4.82 -28.96
CA ASN C 50 -35.15 3.59 -29.52
C ASN C 50 -34.36 2.34 -29.16
N ILE C 51 -33.12 2.50 -28.67
CA ILE C 51 -32.32 1.35 -28.30
C ILE C 51 -32.84 0.76 -26.99
N ASP C 52 -32.68 -0.54 -26.82
CA ASP C 52 -33.17 -1.23 -25.62
C ASP C 52 -32.28 -0.90 -24.44
N PRO C 53 -32.80 -0.29 -23.38
CA PRO C 53 -31.95 0.07 -22.24
C PRO C 53 -31.65 -1.12 -21.33
N VAL C 54 -30.45 -1.11 -20.75
CA VAL C 54 -30.07 -2.05 -19.71
C VAL C 54 -30.29 -1.39 -18.36
N GLY C 55 -31.12 -2.01 -17.52
CA GLY C 55 -31.51 -1.41 -16.27
C GLY C 55 -30.95 -2.09 -15.05
N ARG C 56 -30.80 -3.40 -15.11
CA ARG C 56 -30.34 -4.21 -13.97
C ARG C 56 -28.95 -4.75 -14.30
N ILE C 57 -27.92 -3.97 -13.94
CA ILE C 57 -26.54 -4.42 -14.09
C ILE C 57 -25.98 -4.64 -12.69
N GLN C 58 -26.09 -5.88 -12.20
CA GLN C 58 -25.64 -6.23 -10.86
C GLN C 58 -24.34 -7.02 -10.97
N MET C 59 -23.25 -6.42 -10.53
CA MET C 59 -21.93 -7.06 -10.55
C MET C 59 -21.50 -7.34 -9.11
N ARG C 60 -21.04 -8.55 -8.87
CA ARG C 60 -20.59 -8.97 -7.55
C ARG C 60 -19.08 -8.96 -7.48
N THR C 61 -18.56 -8.63 -6.30
CA THR C 61 -17.11 -8.70 -6.09
C THR C 61 -16.69 -10.16 -6.00
N ARG C 62 -15.62 -10.50 -6.74
CA ARG C 62 -15.13 -11.86 -6.76
C ARG C 62 -13.81 -12.05 -6.02
N ARG C 63 -13.00 -11.00 -5.93
CA ARG C 63 -11.78 -11.03 -5.13
C ARG C 63 -11.63 -9.71 -4.40
N THR C 64 -11.15 -9.78 -3.16
CA THR C 64 -10.81 -8.61 -2.37
C THR C 64 -9.34 -8.77 -1.97
N LEU C 65 -8.47 -8.10 -2.73
CA LEU C 65 -7.04 -8.24 -2.52
C LEU C 65 -6.61 -7.58 -1.22
N ARG C 66 -5.70 -8.24 -0.49
CA ARG C 66 -5.33 -7.85 0.86
C ARG C 66 -3.81 -7.80 1.00
N GLY C 67 -3.31 -6.78 1.69
CA GLY C 67 -1.88 -6.66 1.89
C GLY C 67 -1.38 -5.23 1.82
N HIS C 68 -2.27 -4.29 1.58
CA HIS C 68 -1.92 -2.87 1.50
C HIS C 68 -2.15 -2.23 2.86
N LEU C 69 -1.06 -1.72 3.46
CA LEU C 69 -1.20 -0.96 4.69
C LEU C 69 -1.85 0.39 4.44
N ALA C 70 -1.35 1.13 3.45
CA ALA C 70 -1.83 2.47 3.15
C ALA C 70 -2.77 2.46 1.95
N LYS C 71 -3.22 3.66 1.57
CA LYS C 71 -4.30 3.81 0.60
C LYS C 71 -3.81 3.80 -0.84
N ILE C 72 -4.63 3.22 -1.72
CA ILE C 72 -4.31 3.05 -3.14
C ILE C 72 -4.51 4.38 -3.87
N TYR C 73 -3.67 4.65 -4.87
CA TYR C 73 -3.89 5.80 -5.73
C TYR C 73 -4.06 5.48 -7.21
N ALA C 74 -3.58 4.33 -7.69
CA ALA C 74 -3.72 4.02 -9.10
C ALA C 74 -3.62 2.52 -9.32
N MET C 75 -4.10 2.10 -10.48
CA MET C 75 -4.01 0.72 -10.94
C MET C 75 -4.08 0.71 -12.45
N HIS C 76 -3.66 -0.41 -13.04
CA HIS C 76 -3.68 -0.57 -14.49
C HIS C 76 -3.64 -2.05 -14.83
N TRP C 77 -4.55 -2.48 -15.69
CA TRP C 77 -4.61 -3.87 -16.11
C TRP C 77 -3.58 -4.17 -17.20
N GLY C 78 -3.14 -5.43 -17.23
CA GLY C 78 -2.30 -5.90 -18.30
C GLY C 78 -3.09 -6.26 -19.54
N THR C 79 -2.35 -6.49 -20.63
CA THR C 79 -2.97 -6.93 -21.88
C THR C 79 -3.47 -8.37 -21.81
N ASP C 80 -2.98 -9.16 -20.87
CA ASP C 80 -3.40 -10.54 -20.69
C ASP C 80 -4.61 -10.67 -19.76
N SER C 81 -5.07 -9.57 -19.19
CA SER C 81 -6.24 -9.49 -18.30
C SER C 81 -6.11 -10.38 -17.06
N ARG C 82 -4.89 -10.59 -16.58
CA ARG C 82 -4.70 -11.48 -15.44
C ARG C 82 -3.88 -10.78 -14.36
N LEU C 83 -2.94 -9.94 -14.75
CA LEU C 83 -2.10 -9.19 -13.83
C LEU C 83 -2.55 -7.73 -13.79
N LEU C 84 -2.54 -7.14 -12.60
CA LEU C 84 -2.86 -5.73 -12.43
C LEU C 84 -1.91 -5.08 -11.43
N VAL C 85 -1.31 -3.97 -11.83
CA VAL C 85 -0.42 -3.22 -10.95
C VAL C 85 -1.26 -2.38 -9.99
N SER C 86 -0.70 -2.04 -8.83
CA SER C 86 -1.36 -1.16 -7.88
C SER C 86 -0.32 -0.42 -7.06
N ALA C 87 -0.50 0.89 -6.91
CA ALA C 87 0.43 1.76 -6.18
C ALA C 87 -0.26 2.35 -4.95
N SER C 88 0.46 2.34 -3.82
CA SER C 88 -0.05 2.90 -2.57
C SER C 88 1.05 3.72 -1.90
N GLN C 89 0.78 4.18 -0.68
CA GLN C 89 1.72 4.98 0.08
C GLN C 89 2.63 4.18 1.00
N ASP C 90 2.40 2.88 1.15
CA ASP C 90 3.22 2.09 2.06
C ASP C 90 4.62 1.79 1.52
N GLY C 91 4.96 2.26 0.32
CA GLY C 91 6.26 2.03 -0.27
C GLY C 91 6.29 0.88 -1.24
N LYS C 92 5.46 -0.15 -1.01
CA LYS C 92 5.43 -1.30 -1.88
C LYS C 92 4.36 -1.13 -2.96
N LEU C 93 4.82 -1.09 -4.20
CA LEU C 93 3.95 -1.12 -5.38
C LEU C 93 3.76 -2.58 -5.77
N ILE C 94 2.53 -3.08 -5.66
CA ILE C 94 2.26 -4.51 -5.70
C ILE C 94 1.63 -4.87 -7.05
N ILE C 95 2.13 -5.92 -7.67
CA ILE C 95 1.61 -6.42 -8.94
C ILE C 95 0.78 -7.67 -8.63
N TRP C 96 -0.53 -7.48 -8.58
CA TRP C 96 -1.45 -8.53 -8.19
C TRP C 96 -1.75 -9.47 -9.35
N ASP C 97 -1.98 -10.73 -9.02
CA ASP C 97 -2.55 -11.72 -9.92
C ASP C 97 -4.04 -11.83 -9.60
N SER C 98 -4.87 -11.51 -10.60
CA SER C 98 -6.30 -11.33 -10.35
C SER C 98 -7.04 -12.65 -10.16
N TYR C 99 -6.71 -13.66 -10.97
CA TYR C 99 -7.51 -14.89 -11.00
C TYR C 99 -7.35 -15.73 -9.74
N THR C 100 -6.25 -15.57 -9.00
CA THR C 100 -5.99 -16.45 -7.86
C THR C 100 -5.43 -15.70 -6.66
N THR C 101 -5.57 -14.37 -6.61
CA THR C 101 -5.51 -13.51 -5.42
C THR C 101 -4.07 -13.35 -4.88
N ASN C 102 -3.12 -14.12 -5.39
CA ASN C 102 -1.77 -14.09 -4.83
C ASN C 102 -0.94 -12.97 -5.44
N LYS C 103 0.03 -12.49 -4.67
CA LYS C 103 0.92 -11.44 -5.12
C LYS C 103 2.04 -12.02 -5.98
N VAL C 104 2.50 -11.20 -6.93
CA VAL C 104 3.56 -11.60 -7.86
C VAL C 104 4.84 -10.82 -7.60
N HIS C 105 4.73 -9.50 -7.42
CA HIS C 105 5.86 -8.67 -7.03
C HIS C 105 5.40 -7.59 -6.08
N ALA C 106 6.31 -7.17 -5.21
CA ALA C 106 6.12 -6.01 -4.35
C ALA C 106 7.37 -5.15 -4.47
N ILE C 107 7.33 -4.18 -5.38
CA ILE C 107 8.47 -3.33 -5.68
C ILE C 107 8.61 -2.28 -4.58
N PRO C 108 9.76 -2.22 -3.89
CA PRO C 108 9.96 -1.13 -2.92
C PRO C 108 10.27 0.17 -3.65
N LEU C 109 9.44 1.18 -3.43
CA LEU C 109 9.60 2.47 -4.10
C LEU C 109 10.57 3.34 -3.32
N ARG C 110 11.21 4.27 -4.03
CA ARG C 110 12.12 5.20 -3.38
C ARG C 110 11.35 6.34 -2.72
N SER C 111 10.51 7.02 -3.51
CA SER C 111 9.57 8.00 -2.98
C SER C 111 8.20 7.33 -2.92
N SER C 112 7.70 7.12 -1.70
CA SER C 112 6.43 6.42 -1.50
C SER C 112 5.21 7.26 -1.84
N TRP C 113 5.38 8.54 -2.17
CA TRP C 113 4.27 9.45 -2.42
C TRP C 113 3.93 9.44 -3.91
N VAL C 114 3.44 8.29 -4.36
CA VAL C 114 3.15 8.05 -5.76
C VAL C 114 1.66 8.26 -6.02
N MET C 115 1.36 8.86 -7.17
CA MET C 115 -0.01 9.12 -7.57
C MET C 115 -0.43 8.38 -8.81
N THR C 116 0.48 7.68 -9.50
CA THR C 116 0.11 6.98 -10.71
C THR C 116 0.99 5.75 -10.91
N CYS C 117 0.51 4.87 -11.78
CA CYS C 117 1.25 3.68 -12.19
C CYS C 117 0.68 3.22 -13.53
N ALA C 118 1.40 2.32 -14.18
CA ALA C 118 1.03 1.83 -15.50
C ALA C 118 1.52 0.40 -15.64
N TYR C 119 1.21 -0.21 -16.78
CA TYR C 119 1.66 -1.56 -17.08
C TYR C 119 1.82 -1.65 -18.59
N ALA C 120 3.03 -2.01 -19.03
CA ALA C 120 3.38 -2.03 -20.44
C ALA C 120 2.51 -3.00 -21.23
N PRO C 121 2.20 -2.68 -22.49
CA PRO C 121 1.44 -3.62 -23.34
C PRO C 121 2.21 -4.88 -23.70
N SER C 122 3.52 -4.92 -23.52
CA SER C 122 4.28 -6.15 -23.65
C SER C 122 4.40 -6.90 -22.33
N GLY C 123 4.03 -6.27 -21.21
CA GLY C 123 4.18 -6.87 -19.90
C GLY C 123 5.55 -6.75 -19.28
N ASN C 124 6.50 -6.12 -19.98
CA ASN C 124 7.87 -6.06 -19.50
C ASN C 124 8.06 -5.00 -18.43
N TYR C 125 7.71 -3.75 -18.73
CA TYR C 125 8.01 -2.63 -17.86
C TYR C 125 6.80 -2.22 -17.03
N VAL C 126 7.08 -1.48 -15.95
CA VAL C 126 6.05 -0.89 -15.12
C VAL C 126 6.53 0.48 -14.65
N ALA C 127 5.72 1.51 -14.88
CA ALA C 127 6.11 2.87 -14.53
C ALA C 127 5.34 3.36 -13.32
N CYS C 128 5.88 4.40 -12.68
CA CYS C 128 5.17 5.10 -11.62
C CYS C 128 5.74 6.51 -11.46
N GLY C 129 4.85 7.51 -11.50
CA GLY C 129 5.20 8.86 -11.11
C GLY C 129 4.81 9.13 -9.66
N GLY C 130 5.07 10.35 -9.22
CA GLY C 130 4.74 10.69 -7.85
C GLY C 130 4.91 12.15 -7.54
N LEU C 131 4.99 12.44 -6.24
CA LEU C 131 5.23 13.79 -5.75
C LEU C 131 6.69 14.22 -5.84
N ASP C 132 7.60 13.30 -6.15
CA ASP C 132 9.02 13.60 -6.27
C ASP C 132 9.38 14.13 -7.67
N ASN C 133 8.35 14.35 -8.51
CA ASN C 133 8.45 14.90 -9.86
C ASN C 133 9.31 14.02 -10.76
N ILE C 134 9.27 12.71 -10.53
CA ILE C 134 10.15 11.76 -11.20
C ILE C 134 9.32 10.54 -11.59
N CYS C 135 9.58 10.01 -12.77
CA CYS C 135 8.92 8.82 -13.27
C CYS C 135 9.91 7.66 -13.19
N SER C 136 9.67 6.74 -12.28
CA SER C 136 10.52 5.55 -12.14
C SER C 136 9.92 4.43 -12.97
N ILE C 137 10.68 3.97 -13.96
CA ILE C 137 10.30 2.84 -14.79
C ILE C 137 11.12 1.63 -14.33
N TYR C 138 10.44 0.56 -13.96
CA TYR C 138 11.01 -0.67 -13.47
C TYR C 138 10.91 -1.76 -14.53
N ASN C 139 11.97 -2.54 -14.65
CA ASN C 139 11.98 -3.74 -15.48
C ASN C 139 11.58 -4.94 -14.63
N LEU C 140 10.70 -5.78 -15.18
CA LEU C 140 10.21 -6.96 -14.48
C LEU C 140 10.84 -8.24 -14.99
N LYS C 141 10.71 -8.50 -16.30
CA LYS C 141 11.26 -9.70 -16.91
C LYS C 141 12.75 -9.48 -17.17
N THR C 142 13.53 -9.57 -16.09
CA THR C 142 14.96 -9.39 -16.14
C THR C 142 15.67 -10.71 -15.82
N ARG C 143 17.00 -10.68 -15.93
CA ARG C 143 17.79 -11.88 -15.71
C ARG C 143 17.77 -12.30 -14.25
N GLU C 144 17.71 -11.35 -13.32
CA GLU C 144 17.61 -11.65 -11.90
C GLU C 144 16.15 -11.84 -11.51
N GLY C 145 15.92 -12.10 -10.23
CA GLY C 145 14.58 -12.30 -9.74
C GLY C 145 13.96 -11.07 -9.09
N ASN C 146 14.80 -10.11 -8.71
CA ASN C 146 14.31 -8.89 -8.12
C ASN C 146 13.81 -7.93 -9.20
N VAL C 147 13.38 -6.75 -8.78
CA VAL C 147 12.88 -5.72 -9.69
C VAL C 147 13.74 -4.49 -9.45
N ARG C 148 14.67 -4.23 -10.37
CA ARG C 148 15.58 -3.10 -10.23
C ARG C 148 15.00 -1.85 -10.87
N VAL C 149 15.49 -0.70 -10.40
CA VAL C 149 15.15 0.58 -11.00
C VAL C 149 15.80 0.65 -12.37
N SER C 150 15.01 0.58 -13.44
CA SER C 150 15.58 0.64 -14.77
C SER C 150 15.90 2.08 -15.16
N ARG C 151 14.89 2.95 -15.19
CA ARG C 151 15.11 4.34 -15.56
C ARG C 151 14.39 5.27 -14.60
N GLU C 152 14.87 6.53 -14.55
CA GLU C 152 14.30 7.58 -13.70
C GLU C 152 14.22 8.86 -14.53
N LEU C 153 13.06 9.09 -15.14
CA LEU C 153 12.82 10.28 -15.96
C LEU C 153 12.46 11.44 -15.04
N ALA C 154 13.38 12.38 -14.87
CA ALA C 154 13.22 13.45 -13.88
C ALA C 154 13.16 14.83 -14.51
N GLY C 155 12.73 14.93 -15.76
CA GLY C 155 12.68 16.21 -16.44
C GLY C 155 11.47 17.08 -16.18
N HIS C 156 10.66 16.75 -15.17
CA HIS C 156 9.45 17.51 -14.88
C HIS C 156 9.67 18.45 -13.70
N THR C 157 8.68 19.33 -13.50
CA THR C 157 8.66 20.28 -12.40
C THR C 157 7.48 20.07 -11.46
N GLY C 158 6.29 19.83 -12.00
CA GLY C 158 5.13 19.53 -11.19
C GLY C 158 4.94 18.05 -10.95
N TYR C 159 4.01 17.75 -10.03
CA TYR C 159 3.73 16.36 -9.65
C TYR C 159 3.15 15.59 -10.81
N LEU C 160 3.50 14.31 -10.91
CA LEU C 160 3.00 13.47 -11.98
C LEU C 160 1.62 12.93 -11.63
N SER C 161 0.78 12.79 -12.64
CA SER C 161 -0.62 12.45 -12.45
C SER C 161 -1.04 11.18 -13.16
N CYS C 162 -0.59 10.95 -14.39
CA CYS C 162 -0.85 9.71 -15.11
C CYS C 162 0.34 9.38 -16.00
N CYS C 163 0.79 8.14 -15.96
CA CYS C 163 1.80 7.62 -16.86
C CYS C 163 1.18 6.56 -17.74
N ARG C 164 1.51 6.58 -19.04
CA ARG C 164 1.02 5.59 -19.98
C ARG C 164 2.17 5.08 -20.85
N PHE C 165 2.17 3.78 -21.09
CA PHE C 165 3.16 3.12 -21.94
C PHE C 165 2.60 2.90 -23.34
N LEU C 166 3.27 3.48 -24.34
CA LEU C 166 2.97 3.18 -25.73
C LEU C 166 3.59 1.86 -26.13
N ASP C 167 4.92 1.77 -26.07
CA ASP C 167 5.66 0.54 -26.30
C ASP C 167 6.69 0.47 -25.17
N ASP C 168 7.67 -0.42 -25.26
CA ASP C 168 8.78 -0.47 -24.31
C ASP C 168 9.80 0.64 -24.53
N ASN C 169 9.55 1.58 -25.44
CA ASN C 169 10.45 2.67 -25.74
C ASN C 169 9.83 4.04 -25.47
N GLN C 170 8.51 4.17 -25.56
CA GLN C 170 7.85 5.47 -25.50
C GLN C 170 6.83 5.48 -24.36
N ILE C 171 6.99 6.44 -23.45
CA ILE C 171 6.08 6.69 -22.34
C ILE C 171 5.59 8.14 -22.42
N VAL C 172 4.30 8.34 -22.17
CA VAL C 172 3.71 9.68 -22.06
C VAL C 172 3.27 9.91 -20.62
N THR C 173 3.72 11.03 -20.05
CA THR C 173 3.45 11.37 -18.66
C THR C 173 2.71 12.69 -18.57
N SER C 174 1.87 12.82 -17.54
CA SER C 174 1.11 14.04 -17.28
C SER C 174 1.58 14.61 -15.95
N SER C 175 2.51 15.56 -16.02
CA SER C 175 2.99 16.20 -14.81
C SER C 175 2.15 17.42 -14.46
N GLY C 176 2.44 18.00 -13.29
CA GLY C 176 1.72 19.13 -12.76
C GLY C 176 2.30 20.48 -13.09
N ASP C 177 3.28 20.55 -13.98
CA ASP C 177 3.82 21.82 -14.47
C ASP C 177 3.14 22.29 -15.75
N THR C 178 1.84 21.99 -15.89
CA THR C 178 0.95 22.45 -16.97
C THR C 178 1.41 21.96 -18.35
N THR C 179 2.03 20.79 -18.39
CA THR C 179 2.49 20.22 -19.65
C THR C 179 2.56 18.71 -19.54
N CYS C 180 2.44 18.04 -20.68
CA CYS C 180 2.68 16.62 -20.82
C CYS C 180 3.99 16.41 -21.57
N ALA C 181 4.51 15.19 -21.51
CA ALA C 181 5.77 14.89 -22.20
C ALA C 181 5.60 13.64 -23.04
N LEU C 182 6.66 13.33 -23.79
CA LEU C 182 6.76 12.11 -24.57
C LEU C 182 8.24 11.75 -24.62
N TRP C 183 8.59 10.66 -23.95
CA TRP C 183 9.95 10.29 -23.63
C TRP C 183 10.41 9.12 -24.50
N ASP C 184 11.72 9.04 -24.71
CA ASP C 184 12.37 7.77 -25.01
C ASP C 184 12.99 7.25 -23.72
N ILE C 185 12.77 5.97 -23.43
CA ILE C 185 13.06 5.44 -22.10
C ILE C 185 14.55 5.27 -21.87
N GLU C 186 15.24 4.58 -22.80
CA GLU C 186 16.66 4.32 -22.61
C GLU C 186 17.53 5.55 -22.83
N THR C 187 17.03 6.57 -23.55
CA THR C 187 17.83 7.78 -23.71
C THR C 187 17.79 8.65 -22.46
N GLY C 188 16.61 8.80 -21.85
CA GLY C 188 16.46 9.56 -20.64
C GLY C 188 15.94 10.97 -20.83
N GLN C 189 15.85 11.45 -22.07
CA GLN C 189 15.39 12.81 -22.35
C GLN C 189 14.01 12.77 -22.99
N GLN C 190 13.27 13.86 -22.82
CA GLN C 190 11.92 13.96 -23.35
C GLN C 190 11.96 14.40 -24.81
N THR C 191 11.41 13.58 -25.70
CA THR C 191 11.43 13.89 -27.12
C THR C 191 10.45 14.99 -27.46
N THR C 192 9.25 14.94 -26.90
CA THR C 192 8.21 15.91 -27.22
C THR C 192 7.65 16.51 -25.94
N THR C 193 7.35 17.80 -25.97
CA THR C 193 6.76 18.50 -24.83
C THR C 193 5.46 19.15 -25.28
N PHE C 194 4.35 18.69 -24.69
CA PHE C 194 3.00 19.13 -25.05
C PHE C 194 2.60 20.19 -24.04
N THR C 195 2.63 21.47 -24.45
CA THR C 195 2.42 22.58 -23.49
C THR C 195 1.41 23.62 -24.02
N GLY C 196 0.12 23.34 -23.79
CA GLY C 196 -0.91 24.35 -23.97
C GLY C 196 -1.80 24.53 -22.74
N HIS C 197 -1.72 23.64 -21.75
CA HIS C 197 -2.59 23.73 -20.58
C HIS C 197 -2.17 24.86 -19.66
N THR C 198 -3.15 25.40 -18.93
CA THR C 198 -2.93 26.44 -17.94
C THR C 198 -2.99 25.92 -16.50
N GLY C 199 -3.90 24.98 -16.22
CA GLY C 199 -3.95 24.34 -14.92
C GLY C 199 -3.07 23.10 -14.86
N ASP C 200 -3.07 22.46 -13.68
CA ASP C 200 -2.29 21.25 -13.48
C ASP C 200 -2.92 20.09 -14.24
N VAL C 201 -2.12 19.42 -15.06
CA VAL C 201 -2.64 18.36 -15.93
C VAL C 201 -2.89 17.10 -15.08
N MET C 202 -4.13 16.63 -15.08
CA MET C 202 -4.55 15.61 -14.13
C MET C 202 -4.67 14.21 -14.71
N SER C 203 -4.98 14.04 -15.99
CA SER C 203 -5.18 12.69 -16.48
C SER C 203 -4.84 12.55 -17.96
N LEU C 204 -4.57 11.31 -18.36
CA LEU C 204 -4.31 10.94 -19.73
C LEU C 204 -5.27 9.83 -20.16
N SER C 205 -5.48 9.75 -21.47
CA SER C 205 -6.18 8.60 -22.05
C SER C 205 -5.64 8.40 -23.46
N LEU C 206 -5.13 7.20 -23.73
CA LEU C 206 -4.62 6.84 -25.03
C LEU C 206 -5.70 6.21 -25.91
N ALA C 207 -5.60 6.47 -27.20
CA ALA C 207 -6.42 5.82 -28.19
C ALA C 207 -5.94 4.38 -28.40
N PRO C 208 -6.81 3.47 -28.85
CA PRO C 208 -6.37 2.07 -29.07
C PRO C 208 -5.34 1.90 -30.17
N ASP C 209 -5.24 2.82 -31.13
CA ASP C 209 -4.20 2.74 -32.15
C ASP C 209 -2.90 3.45 -31.74
N THR C 210 -2.87 4.04 -30.54
CA THR C 210 -1.70 4.71 -29.93
C THR C 210 -1.13 5.82 -30.81
N ARG C 211 -1.99 6.51 -31.55
CA ARG C 211 -1.55 7.61 -32.40
C ARG C 211 -1.78 8.97 -31.77
N LEU C 212 -2.72 9.10 -30.84
CA LEU C 212 -3.08 10.39 -30.26
C LEU C 212 -3.70 10.15 -28.89
N PHE C 213 -3.50 11.12 -27.99
CA PHE C 213 -3.97 10.97 -26.62
C PHE C 213 -4.66 12.24 -26.16
N VAL C 214 -5.62 12.09 -25.27
CA VAL C 214 -6.26 13.24 -24.65
C VAL C 214 -5.75 13.41 -23.23
N SER C 215 -5.78 14.66 -22.76
CA SER C 215 -5.21 15.03 -21.47
C SER C 215 -6.13 16.04 -20.80
N GLY C 216 -6.40 15.82 -19.52
CA GLY C 216 -7.27 16.68 -18.74
C GLY C 216 -6.56 17.39 -17.62
N ALA C 217 -6.69 18.72 -17.62
CA ALA C 217 -6.05 19.61 -16.66
C ALA C 217 -7.07 20.13 -15.65
N CYS C 218 -6.62 21.08 -14.83
CA CYS C 218 -7.47 21.68 -13.80
C CYS C 218 -8.25 22.89 -14.28
N ASP C 219 -8.05 23.31 -15.53
CA ASP C 219 -8.79 24.43 -16.10
C ASP C 219 -9.99 23.99 -16.92
N ALA C 220 -10.50 22.77 -16.68
CA ALA C 220 -11.63 22.12 -17.35
C ALA C 220 -11.40 21.92 -18.85
N SER C 221 -10.17 22.05 -19.34
CA SER C 221 -9.86 21.86 -20.74
C SER C 221 -9.29 20.46 -20.94
N ALA C 222 -9.98 19.67 -21.76
CA ALA C 222 -9.50 18.36 -22.20
C ALA C 222 -8.96 18.52 -23.62
N LYS C 223 -7.65 18.39 -23.77
CA LYS C 223 -7.00 18.62 -25.05
C LYS C 223 -6.56 17.30 -25.68
N LEU C 224 -6.82 17.15 -26.97
CA LEU C 224 -6.32 16.04 -27.75
C LEU C 224 -5.01 16.45 -28.41
N TRP C 225 -3.94 15.77 -28.03
CA TRP C 225 -2.59 15.94 -28.56
C TRP C 225 -2.26 14.78 -29.50
N ASP C 226 -1.38 15.07 -30.46
CA ASP C 226 -0.88 14.10 -31.43
C ASP C 226 0.60 13.89 -31.17
N VAL C 227 1.00 12.64 -30.93
CA VAL C 227 2.38 12.34 -30.56
C VAL C 227 3.34 12.46 -31.74
N ARG C 228 2.85 12.40 -32.97
CA ARG C 228 3.72 12.45 -34.14
C ARG C 228 4.32 13.83 -34.33
N GLU C 229 3.47 14.85 -34.41
CA GLU C 229 3.95 16.23 -34.56
C GLU C 229 4.27 16.84 -33.19
N GLY C 230 3.29 16.88 -32.30
CA GLY C 230 3.48 17.48 -30.99
C GLY C 230 2.64 18.71 -30.77
N MET C 231 1.60 18.87 -31.59
CA MET C 231 0.73 20.03 -31.54
C MET C 231 -0.63 19.66 -30.95
N CYS C 232 -1.28 20.63 -30.32
CA CYS C 232 -2.61 20.44 -29.77
C CYS C 232 -3.61 20.34 -30.90
N ARG C 233 -4.10 19.13 -31.17
CA ARG C 233 -5.03 18.93 -32.26
C ARG C 233 -6.40 19.48 -31.92
N GLN C 234 -6.92 19.15 -30.73
CA GLN C 234 -8.26 19.59 -30.36
C GLN C 234 -8.30 20.05 -28.92
N THR C 235 -9.35 20.79 -28.58
CA THR C 235 -9.53 21.36 -27.25
C THR C 235 -11.01 21.36 -26.90
N PHE C 236 -11.35 20.85 -25.71
CA PHE C 236 -12.73 20.72 -25.27
C PHE C 236 -12.90 21.41 -23.92
N THR C 237 -13.94 22.23 -23.80
CA THR C 237 -14.25 22.89 -22.54
C THR C 237 -15.76 22.84 -22.31
N GLY C 238 -16.19 21.99 -21.37
CA GLY C 238 -17.60 21.88 -21.03
C GLY C 238 -17.85 21.62 -19.57
N HIS C 239 -16.81 21.64 -18.76
CA HIS C 239 -16.91 21.38 -17.33
C HIS C 239 -16.90 22.67 -16.53
N GLU C 240 -17.66 22.68 -15.44
CA GLU C 240 -17.65 23.81 -14.53
C GLU C 240 -16.42 23.78 -13.61
N SER C 241 -16.08 22.60 -13.11
CA SER C 241 -14.96 22.41 -12.20
C SER C 241 -13.80 21.73 -12.93
N ASP C 242 -12.77 21.41 -12.17
CA ASP C 242 -11.55 20.82 -12.70
C ASP C 242 -11.73 19.34 -13.03
N ILE C 243 -10.99 18.90 -14.07
CA ILE C 243 -11.09 17.54 -14.59
C ILE C 243 -10.19 16.60 -13.78
N ASN C 244 -10.72 15.43 -13.43
CA ASN C 244 -9.96 14.44 -12.66
C ASN C 244 -9.57 13.20 -13.45
N ALA C 245 -10.33 12.84 -14.49
CA ALA C 245 -10.11 11.57 -15.16
C ALA C 245 -10.75 11.58 -16.54
N ILE C 246 -10.12 10.87 -17.48
CA ILE C 246 -10.60 10.71 -18.85
C ILE C 246 -10.40 9.26 -19.24
N CYS C 247 -11.31 8.74 -20.08
CA CYS C 247 -11.11 7.44 -20.72
C CYS C 247 -11.72 7.47 -22.12
N PHE C 248 -10.93 7.06 -23.12
CA PHE C 248 -11.41 6.94 -24.49
C PHE C 248 -12.54 5.93 -24.64
N PHE C 249 -13.35 6.16 -25.67
CA PHE C 249 -14.27 5.15 -26.16
C PHE C 249 -13.47 4.08 -26.91
N PRO C 250 -13.91 2.83 -26.88
CA PRO C 250 -13.15 1.76 -27.58
C PRO C 250 -13.06 1.92 -29.09
N ASN C 251 -13.92 2.72 -29.72
CA ASN C 251 -13.75 3.03 -31.13
C ASN C 251 -12.67 4.08 -31.35
N GLY C 252 -12.32 4.84 -30.30
CA GLY C 252 -11.32 5.87 -30.41
C GLY C 252 -11.79 7.17 -31.01
N ASN C 253 -13.10 7.37 -31.14
CA ASN C 253 -13.65 8.59 -31.70
C ASN C 253 -14.39 9.44 -30.67
N ALA C 254 -14.29 9.09 -29.38
CA ALA C 254 -14.98 9.80 -28.31
C ALA C 254 -14.28 9.47 -27.00
N PHE C 255 -14.59 10.26 -25.97
CA PHE C 255 -14.01 10.00 -24.67
C PHE C 255 -14.90 10.56 -23.56
N ALA C 256 -15.00 9.81 -22.47
CA ALA C 256 -15.67 10.29 -21.27
C ALA C 256 -14.67 11.01 -20.37
N THR C 257 -15.17 11.98 -19.61
CA THR C 257 -14.33 12.84 -18.79
C THR C 257 -15.03 13.13 -17.47
N GLY C 258 -14.34 12.86 -16.37
CA GLY C 258 -14.86 13.16 -15.04
C GLY C 258 -14.36 14.49 -14.51
N SER C 259 -15.04 14.98 -13.48
CA SER C 259 -14.70 16.28 -12.89
C SER C 259 -15.18 16.30 -11.45
N ASP C 260 -14.80 17.37 -10.72
CA ASP C 260 -15.29 17.55 -9.36
C ASP C 260 -16.69 18.14 -9.30
N ASP C 261 -17.30 18.48 -10.43
CA ASP C 261 -18.65 19.03 -10.47
C ASP C 261 -19.71 17.93 -10.62
N ALA C 262 -19.35 16.68 -10.27
CA ALA C 262 -20.25 15.51 -10.29
C ALA C 262 -20.86 15.26 -11.67
N THR C 263 -20.10 15.51 -12.72
CA THR C 263 -20.62 15.40 -14.08
C THR C 263 -19.60 14.73 -15.01
N CYS C 264 -19.82 13.45 -15.27
CA CYS C 264 -19.17 12.81 -16.41
C CYS C 264 -19.71 13.43 -17.69
N ARG C 265 -18.83 13.69 -18.65
CA ARG C 265 -19.25 14.26 -19.92
C ARG C 265 -18.58 13.48 -21.04
N LEU C 266 -19.36 13.06 -22.04
CA LEU C 266 -18.82 12.25 -23.13
C LEU C 266 -18.62 13.17 -24.33
N PHE C 267 -17.38 13.62 -24.51
CA PHE C 267 -17.03 14.47 -25.64
C PHE C 267 -16.79 13.62 -26.89
N ASP C 268 -17.04 14.23 -28.04
CA ASP C 268 -16.92 13.59 -29.35
C ASP C 268 -15.80 14.26 -30.13
N LEU C 269 -15.12 13.47 -30.97
CA LEU C 269 -13.98 13.99 -31.70
C LEU C 269 -14.34 14.51 -33.08
N ARG C 270 -15.09 13.71 -33.84
CA ARG C 270 -15.51 14.14 -35.18
C ARG C 270 -16.53 15.26 -35.12
N ALA C 271 -17.37 15.28 -34.09
CA ALA C 271 -18.31 16.37 -33.87
C ALA C 271 -17.71 17.52 -33.06
N ASP C 272 -16.58 17.28 -32.40
CA ASP C 272 -15.75 18.30 -31.73
C ASP C 272 -16.51 18.98 -30.58
N GLN C 273 -17.43 18.27 -29.94
CA GLN C 273 -18.15 18.82 -28.79
C GLN C 273 -18.65 17.70 -27.90
N GLU C 274 -19.23 18.09 -26.78
CA GLU C 274 -19.86 17.17 -25.84
C GLU C 274 -21.09 16.51 -26.46
N LEU C 275 -21.31 15.25 -26.11
CA LEU C 275 -22.53 14.54 -26.51
C LEU C 275 -23.54 14.42 -25.36
N MET C 276 -23.13 13.81 -24.25
CA MET C 276 -24.05 13.59 -23.14
C MET C 276 -23.39 13.95 -21.81
N THR C 277 -24.24 14.09 -20.80
CA THR C 277 -23.89 14.58 -19.48
C THR C 277 -24.48 13.64 -18.44
N TYR C 278 -23.62 12.90 -17.76
CA TYR C 278 -24.03 11.82 -16.86
C TYR C 278 -24.09 12.35 -15.43
N SER C 279 -25.06 13.24 -15.21
CA SER C 279 -25.20 13.95 -13.94
C SER C 279 -26.53 13.61 -13.29
N HIS C 280 -26.47 13.16 -12.03
CA HIS C 280 -27.65 12.91 -11.24
C HIS C 280 -27.86 14.08 -10.27
N ASP C 281 -29.01 14.07 -9.59
CA ASP C 281 -29.36 15.19 -8.73
C ASP C 281 -28.92 15.03 -7.28
N ASN C 282 -28.67 13.79 -6.82
CA ASN C 282 -28.28 13.55 -5.44
C ASN C 282 -26.78 13.36 -5.27
N ILE C 283 -25.97 13.83 -6.21
CA ILE C 283 -24.52 13.71 -6.15
C ILE C 283 -23.92 15.11 -6.05
N ILE C 284 -23.25 15.38 -4.93
CA ILE C 284 -22.47 16.61 -4.76
C ILE C 284 -21.02 16.20 -4.56
N CYS C 285 -20.66 15.06 -5.15
CA CYS C 285 -19.39 14.39 -4.88
C CYS C 285 -18.54 14.36 -6.15
N GLY C 286 -17.22 14.35 -5.95
CA GLY C 286 -16.32 14.40 -7.08
C GLY C 286 -16.11 13.06 -7.75
N ILE C 287 -15.69 13.12 -9.00
CA ILE C 287 -15.31 11.94 -9.76
C ILE C 287 -13.80 11.77 -9.59
N THR C 288 -13.32 10.53 -9.51
CA THR C 288 -11.90 10.30 -9.37
C THR C 288 -11.34 9.44 -10.50
N SER C 289 -12.09 8.46 -10.99
CA SER C 289 -11.64 7.68 -12.13
C SER C 289 -12.82 7.28 -12.99
N VAL C 290 -12.56 7.11 -14.29
CA VAL C 290 -13.57 6.83 -15.30
C VAL C 290 -13.01 5.72 -16.20
N SER C 291 -13.82 4.69 -16.46
CA SER C 291 -13.41 3.61 -17.34
C SER C 291 -14.60 3.14 -18.17
N PHE C 292 -14.28 2.62 -19.36
CA PHE C 292 -15.26 2.03 -20.27
C PHE C 292 -15.05 0.53 -20.39
N SER C 293 -16.15 -0.18 -20.63
CA SER C 293 -16.09 -1.60 -20.98
C SER C 293 -15.67 -1.76 -22.44
N LYS C 294 -15.61 -3.01 -22.89
CA LYS C 294 -15.14 -3.30 -24.25
C LYS C 294 -16.11 -2.79 -25.30
N SER C 295 -17.42 -2.90 -25.05
CA SER C 295 -18.40 -2.40 -25.99
C SER C 295 -18.62 -0.90 -25.88
N GLY C 296 -18.26 -0.30 -24.75
CA GLY C 296 -18.51 1.11 -24.53
C GLY C 296 -19.94 1.46 -24.16
N ARG C 297 -20.79 0.45 -23.93
CA ARG C 297 -22.16 0.73 -23.49
C ARG C 297 -22.18 1.20 -22.05
N LEU C 298 -21.38 0.59 -21.19
CA LEU C 298 -21.33 0.95 -19.79
C LEU C 298 -20.34 2.10 -19.56
N LEU C 299 -20.44 2.71 -18.39
CA LEU C 299 -19.56 3.81 -17.99
C LEU C 299 -19.27 3.62 -16.51
N LEU C 300 -18.10 3.06 -16.21
CA LEU C 300 -17.68 2.86 -14.83
C LEU C 300 -17.10 4.17 -14.30
N ALA C 301 -17.78 4.79 -13.34
CA ALA C 301 -17.38 6.09 -12.81
C ALA C 301 -17.14 5.97 -11.31
N GLY C 302 -15.91 6.28 -10.90
CA GLY C 302 -15.52 6.24 -9.51
C GLY C 302 -15.84 7.51 -8.74
N TYR C 303 -17.10 7.70 -8.36
CA TYR C 303 -17.46 8.87 -7.57
C TYR C 303 -16.91 8.72 -6.15
N ASP C 304 -16.50 9.84 -5.54
CA ASP C 304 -15.81 9.78 -4.26
C ASP C 304 -16.77 9.86 -3.07
N ASP C 305 -18.02 9.41 -3.24
CA ASP C 305 -18.96 9.22 -2.15
C ASP C 305 -18.94 7.79 -1.61
N PHE C 306 -17.76 7.17 -1.61
CA PHE C 306 -17.35 5.89 -1.02
C PHE C 306 -17.79 4.69 -1.87
N ASN C 307 -18.31 4.91 -3.07
CA ASN C 307 -18.76 3.81 -3.91
C ASN C 307 -18.73 4.21 -5.38
N CYS C 308 -18.62 3.20 -6.24
CA CYS C 308 -18.59 3.39 -7.68
C CYS C 308 -20.01 3.37 -8.26
N ASN C 309 -20.14 3.84 -9.50
CA ASN C 309 -21.43 3.84 -10.17
C ASN C 309 -21.27 3.45 -11.63
N VAL C 310 -22.31 2.83 -12.17
CA VAL C 310 -22.34 2.33 -13.53
C VAL C 310 -23.37 3.16 -14.29
N TRP C 311 -22.92 4.11 -15.10
CA TRP C 311 -23.81 4.84 -15.97
C TRP C 311 -24.01 4.09 -17.28
N ASP C 312 -25.15 4.33 -17.91
CA ASP C 312 -25.40 3.88 -19.27
C ASP C 312 -24.93 4.98 -20.22
N ALA C 313 -23.96 4.66 -21.07
CA ALA C 313 -23.32 5.65 -21.92
C ALA C 313 -24.13 6.03 -23.16
N LEU C 314 -25.41 5.67 -23.22
CA LEU C 314 -26.28 6.12 -24.30
C LEU C 314 -27.57 6.75 -23.84
N LYS C 315 -27.99 6.55 -22.58
CA LYS C 315 -29.22 7.14 -22.07
C LYS C 315 -29.04 7.91 -20.78
N ALA C 316 -27.82 7.98 -20.24
CA ALA C 316 -27.46 8.67 -18.99
C ALA C 316 -28.19 8.12 -17.77
N ASP C 317 -28.69 6.89 -17.84
CA ASP C 317 -29.40 6.27 -16.74
C ASP C 317 -28.42 5.50 -15.86
N ARG C 318 -28.71 5.47 -14.57
CA ARG C 318 -27.95 4.64 -13.64
C ARG C 318 -28.21 3.16 -13.93
N ALA C 319 -27.18 2.34 -13.74
CA ALA C 319 -27.30 0.91 -13.98
C ALA C 319 -26.81 0.05 -12.81
N GLY C 320 -26.05 0.59 -11.87
CA GLY C 320 -25.65 -0.18 -10.71
C GLY C 320 -24.67 0.53 -9.81
N VAL C 321 -24.92 0.45 -8.50
CA VAL C 321 -24.01 1.00 -7.50
C VAL C 321 -23.06 -0.09 -7.07
N LEU C 322 -21.76 0.17 -7.15
CA LEU C 322 -20.74 -0.75 -6.66
C LEU C 322 -20.28 -0.22 -5.30
N ALA C 323 -21.02 -0.62 -4.27
CA ALA C 323 -20.71 -0.25 -2.89
C ALA C 323 -19.92 -1.35 -2.20
N GLY C 324 -19.22 -0.96 -1.14
CA GLY C 324 -18.41 -1.90 -0.39
C GLY C 324 -17.04 -1.37 -0.02
N HIS C 325 -16.79 -0.10 -0.35
CA HIS C 325 -15.53 0.54 -0.02
C HIS C 325 -15.74 1.53 1.13
N ASP C 326 -14.82 1.50 2.10
CA ASP C 326 -14.94 2.31 3.29
C ASP C 326 -14.47 3.75 3.08
N ASN C 327 -13.92 4.07 1.92
CA ASN C 327 -13.36 5.39 1.67
C ASN C 327 -13.44 5.66 0.17
N ARG C 328 -12.82 6.75 -0.28
CA ARG C 328 -12.88 7.19 -1.67
C ARG C 328 -12.28 6.16 -2.62
N VAL C 329 -13.00 5.85 -3.69
CA VAL C 329 -12.44 5.01 -4.74
C VAL C 329 -11.48 5.86 -5.59
N SER C 330 -10.23 5.43 -5.66
CA SER C 330 -9.21 6.26 -6.27
C SER C 330 -8.93 5.91 -7.72
N CYS C 331 -8.99 4.63 -8.09
CA CYS C 331 -8.79 4.30 -9.51
C CYS C 331 -9.45 2.96 -9.81
N LEU C 332 -10.15 2.90 -10.93
CA LEU C 332 -10.73 1.65 -11.38
C LEU C 332 -10.44 1.43 -12.85
N GLY C 333 -10.32 0.17 -13.22
CA GLY C 333 -9.96 -0.21 -14.58
C GLY C 333 -10.67 -1.44 -15.09
N VAL C 334 -11.12 -1.38 -16.32
CA VAL C 334 -11.74 -2.51 -17.00
C VAL C 334 -10.64 -3.24 -17.76
N THR C 335 -10.70 -4.58 -17.76
CA THR C 335 -9.73 -5.40 -18.46
C THR C 335 -9.81 -5.18 -19.97
N ASP C 336 -8.71 -5.51 -20.65
CA ASP C 336 -8.62 -5.28 -22.09
C ASP C 336 -9.47 -6.26 -22.90
N ASP C 337 -9.91 -7.36 -22.32
CA ASP C 337 -10.89 -8.23 -22.96
C ASP C 337 -12.30 -7.99 -22.47
N GLY C 338 -12.47 -7.31 -21.35
CA GLY C 338 -13.78 -7.02 -20.82
C GLY C 338 -14.30 -7.97 -19.77
N MET C 339 -13.42 -8.75 -19.13
CA MET C 339 -13.90 -9.81 -18.25
C MET C 339 -14.37 -9.28 -16.90
N ALA C 340 -13.72 -8.24 -16.37
CA ALA C 340 -14.07 -7.71 -15.06
C ALA C 340 -13.61 -6.26 -14.98
N VAL C 341 -13.95 -5.61 -13.88
CA VAL C 341 -13.49 -4.25 -13.60
C VAL C 341 -13.03 -4.17 -12.14
N ALA C 342 -11.81 -3.69 -11.93
CA ALA C 342 -11.23 -3.65 -10.59
C ALA C 342 -11.20 -2.22 -10.07
N THR C 343 -11.71 -2.05 -8.85
CA THR C 343 -11.72 -0.76 -8.16
C THR C 343 -10.72 -0.81 -7.01
N GLY C 344 -9.81 0.16 -6.98
CA GLY C 344 -8.91 0.36 -5.87
C GLY C 344 -9.22 1.66 -5.18
N SER C 345 -9.48 1.57 -3.89
CA SER C 345 -10.00 2.67 -3.07
C SER C 345 -9.02 2.97 -1.94
N TRP C 346 -9.42 3.91 -1.08
CA TRP C 346 -8.58 4.34 0.03
C TRP C 346 -8.75 3.51 1.28
N ASP C 347 -9.59 2.46 1.25
CA ASP C 347 -9.58 1.47 2.32
C ASP C 347 -8.58 0.35 2.05
N SER C 348 -7.60 0.60 1.18
CA SER C 348 -6.46 -0.26 0.86
C SER C 348 -6.88 -1.58 0.21
N PHE C 349 -8.07 -1.62 -0.39
CA PHE C 349 -8.59 -2.83 -1.00
C PHE C 349 -8.60 -2.70 -2.51
N LEU C 350 -8.53 -3.84 -3.19
CA LEU C 350 -8.62 -3.92 -4.65
C LEU C 350 -9.73 -4.91 -4.97
N LYS C 351 -10.96 -4.44 -5.06
CA LYS C 351 -12.08 -5.32 -5.35
C LYS C 351 -12.20 -5.52 -6.85
N ILE C 352 -12.51 -6.76 -7.25
CA ILE C 352 -12.64 -7.11 -8.66
C ILE C 352 -14.11 -7.43 -8.90
N TRP C 353 -14.86 -6.44 -9.38
CA TRP C 353 -16.27 -6.60 -9.68
C TRP C 353 -16.45 -7.31 -11.01
N ASN C 354 -17.32 -8.31 -11.03
CA ASN C 354 -17.64 -9.03 -12.26
C ASN C 354 -19.16 -9.17 -12.35
N THR D 6 6.42 41.48 -23.45
CA THR D 6 6.91 40.68 -24.56
C THR D 6 6.58 39.20 -24.38
N ALA D 7 6.66 38.73 -23.12
CA ALA D 7 6.33 37.35 -22.84
C ALA D 7 4.83 37.09 -22.97
N SER D 8 4.00 38.00 -22.43
CA SER D 8 2.56 37.87 -22.56
C SER D 8 2.10 38.05 -24.00
N ILE D 9 2.78 38.90 -24.77
CA ILE D 9 2.45 39.10 -26.17
C ILE D 9 2.73 37.84 -26.98
N ALA D 10 3.88 37.20 -26.74
CA ALA D 10 4.20 35.95 -27.41
C ALA D 10 3.29 34.81 -26.96
N GLN D 11 2.88 34.81 -25.68
CA GLN D 11 1.94 33.80 -25.18
C GLN D 11 0.58 33.95 -25.83
N ALA D 12 0.07 35.18 -25.95
CA ALA D 12 -1.20 35.42 -26.63
C ALA D 12 -1.10 35.12 -28.12
N ARG D 13 0.05 35.38 -28.73
CA ARG D 13 0.24 35.05 -30.15
C ARG D 13 0.23 33.54 -30.37
N LYS D 14 0.91 32.78 -29.49
CA LYS D 14 0.88 31.32 -29.58
C LYS D 14 -0.52 30.78 -29.33
N LEU D 15 -1.27 31.39 -28.39
CA LEU D 15 -2.63 30.94 -28.10
C LEU D 15 -3.57 31.22 -29.27
N VAL D 16 -3.44 32.38 -29.90
CA VAL D 16 -4.34 32.70 -31.02
C VAL D 16 -3.94 31.91 -32.27
N GLU D 17 -2.65 31.55 -32.43
CA GLU D 17 -2.28 30.66 -33.52
C GLU D 17 -2.81 29.25 -33.28
N GLN D 18 -2.82 28.80 -32.01
CA GLN D 18 -3.42 27.51 -31.69
C GLN D 18 -4.92 27.52 -31.94
N LEU D 19 -5.60 28.62 -31.62
CA LEU D 19 -7.04 28.72 -31.88
C LEU D 19 -7.32 28.80 -33.38
N LYS D 20 -6.46 29.46 -34.15
CA LYS D 20 -6.64 29.53 -35.59
C LYS D 20 -6.38 28.18 -36.24
N MET D 21 -5.42 27.41 -35.73
CA MET D 21 -5.16 26.08 -36.26
C MET D 21 -6.27 25.11 -35.88
N GLU D 22 -6.82 25.25 -34.67
CA GLU D 22 -7.93 24.40 -34.24
C GLU D 22 -9.24 24.77 -34.92
N ALA D 23 -9.36 26.02 -35.40
CA ALA D 23 -10.58 26.43 -36.09
C ALA D 23 -10.70 25.77 -37.46
N ASN D 24 -9.58 25.53 -38.14
CA ASN D 24 -9.59 24.97 -39.49
C ASN D 24 -9.56 23.44 -39.44
N ILE D 25 -10.58 22.87 -38.81
CA ILE D 25 -10.78 21.43 -38.73
C ILE D 25 -12.15 21.11 -39.30
N ASP D 26 -12.21 20.16 -40.24
CA ASP D 26 -13.46 19.77 -40.86
C ASP D 26 -14.37 19.08 -39.84
N ARG D 27 -15.55 19.64 -39.62
CA ARG D 27 -16.51 19.10 -38.67
C ARG D 27 -17.30 17.96 -39.33
N ILE D 28 -18.31 17.46 -38.61
CA ILE D 28 -19.23 16.47 -39.14
C ILE D 28 -20.54 16.64 -38.37
N LYS D 29 -21.62 16.12 -38.93
CA LYS D 29 -22.90 16.13 -38.24
C LYS D 29 -22.85 15.24 -37.02
N VAL D 30 -23.47 15.71 -35.93
CA VAL D 30 -23.53 14.96 -34.68
C VAL D 30 -24.37 13.70 -34.85
N SER D 31 -25.38 13.73 -35.73
CA SER D 31 -26.21 12.57 -36.00
C SER D 31 -25.42 11.44 -36.65
N LYS D 32 -24.51 11.76 -37.57
CA LYS D 32 -23.73 10.74 -38.26
C LYS D 32 -22.72 10.08 -37.33
N ALA D 33 -22.02 10.87 -36.52
CA ALA D 33 -21.06 10.32 -35.56
C ALA D 33 -21.78 9.55 -34.46
N ALA D 34 -22.97 10.02 -34.06
CA ALA D 34 -23.78 9.30 -33.08
C ALA D 34 -24.27 7.97 -33.64
N ALA D 35 -24.62 7.93 -34.92
CA ALA D 35 -25.02 6.68 -35.56
C ALA D 35 -23.82 5.73 -35.69
N ASP D 36 -22.63 6.26 -35.95
CA ASP D 36 -21.43 5.42 -36.00
C ASP D 36 -21.10 4.85 -34.63
N LEU D 37 -21.25 5.65 -33.57
CA LEU D 37 -21.01 5.16 -32.21
C LEU D 37 -22.05 4.13 -31.81
N MET D 38 -23.31 4.35 -32.21
CA MET D 38 -24.37 3.37 -31.97
C MET D 38 -24.10 2.06 -32.71
N ALA D 39 -23.59 2.16 -33.94
CA ALA D 39 -23.28 0.96 -34.72
C ALA D 39 -22.11 0.19 -34.11
N TYR D 40 -21.09 0.90 -33.62
CA TYR D 40 -19.97 0.25 -32.93
C TYR D 40 -20.44 -0.44 -31.65
N CYS D 41 -21.24 0.27 -30.84
CA CYS D 41 -21.75 -0.27 -29.59
C CYS D 41 -22.69 -1.45 -29.80
N GLU D 42 -23.44 -1.46 -30.91
CA GLU D 42 -24.34 -2.56 -31.18
C GLU D 42 -23.60 -3.76 -31.77
N ALA D 43 -22.61 -3.52 -32.63
CA ALA D 43 -21.86 -4.60 -33.24
C ALA D 43 -20.85 -5.22 -32.27
N HIS D 44 -20.49 -4.53 -31.20
CA HIS D 44 -19.59 -5.10 -30.19
C HIS D 44 -20.30 -5.41 -28.88
N ALA D 45 -21.63 -5.40 -28.85
CA ALA D 45 -22.36 -5.70 -27.62
C ALA D 45 -22.32 -7.17 -27.26
N LYS D 46 -22.04 -8.05 -28.22
CA LYS D 46 -21.99 -9.49 -27.93
C LYS D 46 -20.79 -9.85 -27.08
N GLU D 47 -19.63 -9.26 -27.36
CA GLU D 47 -18.40 -9.56 -26.63
C GLU D 47 -18.18 -8.59 -25.46
N ASP D 48 -19.21 -8.44 -24.62
CA ASP D 48 -19.15 -7.57 -23.45
C ASP D 48 -19.70 -8.35 -22.26
N PRO D 49 -18.82 -8.95 -21.44
CA PRO D 49 -19.29 -9.72 -20.28
C PRO D 49 -19.81 -8.92 -19.10
N LEU D 50 -19.97 -7.60 -19.23
CA LEU D 50 -20.54 -6.79 -18.16
C LEU D 50 -22.03 -6.53 -18.32
N LEU D 51 -22.55 -6.52 -19.55
CA LEU D 51 -23.99 -6.42 -19.76
C LEU D 51 -24.64 -7.75 -20.08
N THR D 52 -23.90 -8.69 -20.67
CA THR D 52 -24.32 -10.08 -20.77
C THR D 52 -23.45 -10.91 -19.83
N PRO D 53 -23.92 -11.23 -18.63
CA PRO D 53 -23.11 -12.03 -17.69
C PRO D 53 -22.93 -13.46 -18.20
N VAL D 54 -21.67 -13.83 -18.41
CA VAL D 54 -21.31 -15.14 -18.95
C VAL D 54 -21.46 -16.18 -17.84
N PRO D 55 -21.69 -17.46 -18.18
CA PRO D 55 -21.72 -18.50 -17.13
C PRO D 55 -20.35 -18.80 -16.55
N ALA D 56 -20.31 -19.69 -15.55
CA ALA D 56 -19.08 -20.01 -14.84
C ALA D 56 -18.05 -20.74 -15.70
N SER D 57 -18.46 -21.30 -16.84
CA SER D 57 -17.50 -21.93 -17.75
C SER D 57 -16.61 -20.90 -18.42
N GLU D 58 -17.20 -19.82 -18.92
CA GLU D 58 -16.47 -18.75 -19.59
C GLU D 58 -16.15 -17.59 -18.65
N ASN D 59 -16.01 -17.87 -17.37
CA ASN D 59 -15.72 -16.84 -16.36
C ASN D 59 -14.54 -17.30 -15.52
N PRO D 60 -13.36 -16.69 -15.69
CA PRO D 60 -12.21 -17.05 -14.82
C PRO D 60 -12.34 -16.54 -13.40
N PHE D 61 -13.29 -15.65 -13.12
CA PHE D 61 -13.53 -15.15 -11.77
C PHE D 61 -14.71 -15.92 -11.19
N ARG D 62 -14.44 -16.82 -10.24
CA ARG D 62 -15.45 -17.68 -9.66
C ARG D 62 -15.29 -17.72 -8.16
N GLU D 63 -16.29 -18.30 -7.49
CA GLU D 63 -16.25 -18.45 -6.04
C GLU D 63 -15.19 -19.46 -5.64
N LYS D 64 -14.49 -19.16 -4.54
CA LYS D 64 -13.49 -20.05 -3.97
C LYS D 64 -14.05 -20.68 -2.70
N LYS D 65 -13.85 -21.99 -2.56
CA LYS D 65 -14.38 -22.72 -1.41
C LYS D 65 -13.67 -22.32 -0.12
N PHE D 66 -12.34 -22.29 -0.15
CA PHE D 66 -11.55 -21.94 1.03
C PHE D 66 -10.16 -21.44 0.60
N VAL E 2 24.16 -14.14 -12.48
CA VAL E 2 23.83 -15.53 -12.72
C VAL E 2 25.09 -16.43 -12.75
N GLN E 3 25.57 -16.78 -11.57
CA GLN E 3 26.71 -17.67 -11.43
C GLN E 3 26.46 -18.60 -10.26
N LEU E 4 26.46 -19.91 -10.53
CA LEU E 4 26.26 -20.94 -9.52
C LEU E 4 27.46 -21.88 -9.55
N VAL E 5 28.26 -21.85 -8.48
CA VAL E 5 29.44 -22.69 -8.38
C VAL E 5 29.31 -23.61 -7.17
N GLU E 6 29.13 -24.91 -7.43
CA GLU E 6 28.98 -25.89 -6.39
C GLU E 6 30.22 -26.75 -6.27
N SER E 7 30.46 -27.26 -5.07
CA SER E 7 31.69 -27.99 -4.77
C SER E 7 31.44 -28.98 -3.64
N GLY E 8 32.27 -30.02 -3.60
CA GLY E 8 32.17 -31.06 -2.60
C GLY E 8 32.06 -32.44 -3.21
N GLY E 9 33.00 -33.32 -2.89
CA GLY E 9 32.92 -34.72 -3.29
C GLY E 9 33.83 -35.04 -4.46
N GLY E 10 33.73 -36.29 -4.89
CA GLY E 10 34.49 -36.78 -6.03
C GLY E 10 35.10 -38.14 -5.77
N LEU E 11 35.55 -38.37 -4.54
CA LEU E 11 36.07 -39.67 -4.08
C LEU E 11 35.54 -39.85 -2.66
N VAL E 12 34.39 -40.50 -2.53
CA VAL E 12 33.71 -40.67 -1.25
C VAL E 12 33.51 -42.16 -1.01
N GLN E 13 33.92 -42.62 0.17
CA GLN E 13 33.65 -43.99 0.57
C GLN E 13 32.15 -44.17 0.82
N PRO E 14 31.55 -45.26 0.32
CA PRO E 14 30.11 -45.45 0.52
C PRO E 14 29.76 -45.74 1.98
N GLY E 15 28.68 -45.10 2.43
CA GLY E 15 28.29 -45.15 3.83
C GLY E 15 28.72 -43.96 4.64
N GLY E 16 29.47 -43.03 4.06
CA GLY E 16 29.92 -41.84 4.75
C GLY E 16 29.15 -40.60 4.35
N SER E 17 29.23 -39.57 5.19
CA SER E 17 28.54 -38.32 4.96
C SER E 17 29.45 -37.33 4.22
N ARG E 18 28.83 -36.40 3.51
CA ARG E 18 29.55 -35.37 2.78
C ARG E 18 28.64 -34.17 2.59
N LYS E 19 29.18 -32.97 2.75
CA LYS E 19 28.42 -31.73 2.70
C LYS E 19 28.87 -30.93 1.49
N LEU E 20 27.95 -30.68 0.57
CA LEU E 20 28.22 -29.97 -0.68
C LEU E 20 27.72 -28.53 -0.57
N SER E 21 28.58 -27.59 -0.95
CA SER E 21 28.27 -26.16 -0.84
C SER E 21 28.19 -25.55 -2.22
N CYS E 22 27.11 -24.81 -2.47
CA CYS E 22 26.89 -24.12 -3.74
C CYS E 22 26.83 -22.62 -3.46
N SER E 23 27.81 -21.88 -3.98
CA SER E 23 27.83 -20.43 -3.91
C SER E 23 27.02 -19.84 -5.05
N ALA E 24 26.16 -18.88 -4.72
CA ALA E 24 25.24 -18.23 -5.65
C ALA E 24 25.58 -16.75 -5.73
N SER E 25 26.18 -16.33 -6.83
CA SER E 25 26.55 -14.93 -7.03
C SER E 25 25.90 -14.41 -8.31
N GLY E 26 25.34 -13.20 -8.23
CA GLY E 26 24.81 -12.52 -9.40
C GLY E 26 23.32 -12.30 -9.42
N PHE E 27 22.58 -12.77 -8.42
CA PHE E 27 21.12 -12.67 -8.44
C PHE E 27 20.58 -12.63 -7.02
N ALA E 28 19.27 -12.39 -6.92
CA ALA E 28 18.56 -12.35 -5.65
C ALA E 28 18.29 -13.79 -5.21
N PHE E 29 19.25 -14.35 -4.47
CA PHE E 29 19.13 -15.73 -4.01
C PHE E 29 18.09 -15.90 -2.91
N SER E 30 17.77 -14.82 -2.18
CA SER E 30 16.88 -14.90 -1.01
C SER E 30 15.43 -15.18 -1.37
N SER E 31 15.05 -15.13 -2.64
CA SER E 31 13.67 -15.37 -3.05
C SER E 31 13.60 -16.40 -4.18
N PHE E 32 14.49 -17.38 -4.14
CA PHE E 32 14.57 -18.43 -5.15
C PHE E 32 14.45 -19.79 -4.48
N GLY E 33 13.40 -20.53 -4.83
CA GLY E 33 13.37 -21.95 -4.53
C GLY E 33 14.43 -22.66 -5.37
N MET E 34 15.20 -23.54 -4.74
CA MET E 34 16.33 -24.18 -5.38
C MET E 34 16.09 -25.68 -5.51
N HIS E 35 16.40 -26.22 -6.68
CA HIS E 35 16.27 -27.65 -6.95
C HIS E 35 17.65 -28.29 -7.10
N TRP E 36 17.70 -29.60 -6.92
CA TRP E 36 18.88 -30.40 -7.22
C TRP E 36 18.56 -31.47 -8.25
N VAL E 37 19.56 -31.80 -9.07
CA VAL E 37 19.40 -32.75 -10.18
C VAL E 37 20.62 -33.68 -10.22
N ARG E 38 20.39 -34.98 -10.17
CA ARG E 38 21.44 -35.96 -10.42
C ARG E 38 21.61 -36.21 -11.92
N GLN E 39 22.82 -36.61 -12.31
CA GLN E 39 23.08 -37.15 -13.63
C GLN E 39 24.07 -38.29 -13.49
N ALA E 40 23.57 -39.51 -13.62
CA ALA E 40 24.45 -40.68 -13.61
C ALA E 40 25.30 -40.69 -14.88
N PRO E 41 26.49 -41.32 -14.83
CA PRO E 41 27.28 -41.47 -16.06
C PRO E 41 26.57 -42.32 -17.09
N GLU E 42 26.64 -41.87 -18.36
CA GLU E 42 25.94 -42.35 -19.55
C GLU E 42 24.46 -42.67 -19.32
N LYS E 43 23.80 -41.85 -18.49
CA LYS E 43 22.38 -42.00 -18.19
C LYS E 43 21.74 -40.61 -18.14
N GLY E 44 20.41 -40.61 -17.99
CA GLY E 44 19.66 -39.38 -18.00
C GLY E 44 19.67 -38.66 -16.66
N LEU E 45 19.04 -37.49 -16.65
CA LEU E 45 18.93 -36.67 -15.46
C LEU E 45 17.80 -37.18 -14.56
N GLU E 46 17.88 -36.83 -13.27
CA GLU E 46 16.83 -37.17 -12.31
C GLU E 46 16.89 -36.21 -11.13
N TRP E 47 15.70 -35.92 -10.59
CA TRP E 47 15.51 -34.92 -9.55
C TRP E 47 15.94 -35.45 -8.18
N VAL E 48 16.31 -34.53 -7.28
CA VAL E 48 16.72 -34.88 -5.92
C VAL E 48 15.82 -34.23 -4.89
N ALA E 49 15.86 -32.89 -4.81
CA ALA E 49 15.22 -32.17 -3.72
C ALA E 49 14.96 -30.73 -4.14
N TYR E 50 14.24 -30.02 -3.28
CA TYR E 50 13.77 -28.66 -3.54
C TYR E 50 13.55 -27.92 -2.22
N ILE E 51 13.95 -26.65 -2.21
CA ILE E 51 13.74 -25.76 -1.08
C ILE E 51 12.92 -24.58 -1.59
N SER E 52 11.84 -24.25 -0.89
CA SER E 52 11.06 -23.08 -1.26
C SER E 52 11.78 -21.80 -0.87
N SER E 53 11.20 -20.66 -1.28
CA SER E 53 11.77 -19.36 -0.94
C SER E 53 11.64 -19.11 0.56
N GLY E 54 12.77 -18.79 1.20
CA GLY E 54 12.78 -18.63 2.63
C GLY E 54 12.72 -19.91 3.43
N SER E 55 13.01 -21.05 2.78
CA SER E 55 13.04 -22.38 3.41
C SER E 55 11.70 -22.77 4.03
N GLY E 56 10.59 -22.34 3.43
CA GLY E 56 9.29 -22.61 3.99
C GLY E 56 8.84 -24.05 3.80
N THR E 57 8.97 -24.56 2.58
CA THR E 57 8.48 -25.90 2.25
C THR E 57 9.58 -26.65 1.51
N ILE E 58 10.04 -27.75 2.10
CA ILE E 58 11.11 -28.56 1.54
C ILE E 58 10.51 -29.85 0.99
N TYR E 59 10.94 -30.23 -0.22
CA TYR E 59 10.53 -31.48 -0.83
C TYR E 59 11.76 -32.33 -1.15
N TYR E 60 11.58 -33.65 -1.06
CA TYR E 60 12.60 -34.62 -1.43
C TYR E 60 12.02 -35.61 -2.43
N ALA E 61 12.89 -36.39 -3.04
CA ALA E 61 12.45 -37.45 -3.92
C ALA E 61 12.13 -38.71 -3.11
N ASP E 62 11.55 -39.70 -3.78
CA ASP E 62 11.14 -40.93 -3.10
C ASP E 62 12.33 -41.82 -2.76
N THR E 63 13.37 -41.82 -3.59
CA THR E 63 14.50 -42.72 -3.40
C THR E 63 15.61 -42.14 -2.55
N VAL E 64 15.53 -40.86 -2.17
CA VAL E 64 16.57 -40.24 -1.35
C VAL E 64 15.93 -39.60 -0.12
N LYS E 65 14.70 -40.00 0.19
CA LYS E 65 13.99 -39.44 1.34
C LYS E 65 14.59 -39.95 2.65
N GLY E 66 14.87 -39.02 3.55
CA GLY E 66 15.40 -39.34 4.87
C GLY E 66 16.91 -39.41 4.96
N ARG E 67 17.56 -39.93 3.91
CA ARG E 67 19.01 -40.08 3.94
C ARG E 67 19.72 -38.74 3.77
N PHE E 68 19.09 -37.78 3.12
CA PHE E 68 19.70 -36.50 2.83
C PHE E 68 19.07 -35.41 3.69
N THR E 69 19.84 -34.37 4.00
CA THR E 69 19.31 -33.16 4.61
C THR E 69 19.87 -31.95 3.86
N ILE E 70 19.17 -30.83 3.97
CA ILE E 70 19.45 -29.69 3.11
C ILE E 70 19.18 -28.41 3.88
N SER E 71 19.95 -27.37 3.55
CA SER E 71 19.85 -26.11 4.27
C SER E 71 20.23 -24.97 3.33
N ARG E 72 19.77 -23.77 3.68
CA ARG E 72 20.00 -22.56 2.90
C ARG E 72 20.53 -21.47 3.80
N ASP E 73 21.66 -20.87 3.43
CA ASP E 73 22.23 -19.75 4.17
C ASP E 73 22.07 -18.49 3.31
N ASP E 74 21.15 -17.62 3.72
CA ASP E 74 20.84 -16.42 2.93
C ASP E 74 21.91 -15.32 2.98
N PRO E 75 22.48 -14.91 4.14
CA PRO E 75 23.45 -13.81 4.10
C PRO E 75 24.75 -14.12 3.37
N LYS E 76 25.12 -15.39 3.22
CA LYS E 76 26.26 -15.75 2.38
C LYS E 76 25.83 -16.18 0.98
N ASN E 77 24.52 -16.28 0.74
CA ASN E 77 23.93 -16.72 -0.54
C ASN E 77 24.46 -18.09 -0.95
N THR E 78 24.37 -19.05 -0.04
CA THR E 78 24.90 -20.39 -0.27
C THR E 78 23.83 -21.43 0.03
N LEU E 79 23.98 -22.59 -0.61
CA LEU E 79 23.07 -23.71 -0.41
C LEU E 79 23.87 -24.94 -0.04
N PHE E 80 23.45 -25.64 1.00
CA PHE E 80 24.20 -26.78 1.54
C PHE E 80 23.36 -28.05 1.42
N LEU E 81 23.96 -29.10 0.88
CA LEU E 81 23.35 -30.42 0.81
C LEU E 81 24.23 -31.40 1.58
N GLN E 82 23.76 -31.84 2.74
CA GLN E 82 24.52 -32.77 3.57
C GLN E 82 23.92 -34.17 3.41
N MET E 83 24.73 -35.08 2.87
CA MET E 83 24.27 -36.42 2.53
C MET E 83 24.90 -37.41 3.49
N THR E 84 24.04 -38.18 4.17
CA THR E 84 24.48 -39.21 5.10
C THR E 84 24.05 -40.57 4.57
N SER E 85 24.92 -41.58 4.79
CA SER E 85 24.71 -42.97 4.38
C SER E 85 24.49 -43.08 2.87
N LEU E 86 25.54 -42.72 2.12
CA LEU E 86 25.47 -42.74 0.66
C LEU E 86 25.41 -44.17 0.12
N ARG E 87 24.65 -44.34 -0.95
CA ARG E 87 24.45 -45.61 -1.61
C ARG E 87 25.37 -45.68 -2.83
N SER E 88 25.51 -46.88 -3.41
CA SER E 88 26.37 -47.07 -4.56
C SER E 88 25.77 -46.52 -5.85
N GLU E 89 24.52 -46.06 -5.84
CA GLU E 89 23.89 -45.48 -7.01
C GLU E 89 23.93 -43.95 -7.01
N ASP E 90 24.49 -43.33 -5.97
CA ASP E 90 24.57 -41.89 -5.88
C ASP E 90 25.78 -41.30 -6.58
N THR E 91 26.59 -42.13 -7.24
CA THR E 91 27.73 -41.65 -8.02
C THR E 91 27.21 -40.92 -9.26
N ALA E 92 27.29 -39.59 -9.25
CA ALA E 92 26.65 -38.79 -10.28
C ALA E 92 27.28 -37.41 -10.32
N MET E 93 26.84 -36.63 -11.30
CA MET E 93 27.11 -35.20 -11.35
C MET E 93 25.86 -34.46 -10.84
N TYR E 94 26.07 -33.55 -9.91
CA TYR E 94 24.98 -32.88 -9.21
C TYR E 94 24.89 -31.45 -9.72
N TYR E 95 23.65 -31.02 -10.02
CA TYR E 95 23.35 -29.69 -10.49
C TYR E 95 22.44 -29.00 -9.47
N CYS E 96 22.81 -27.79 -9.07
CA CYS E 96 21.98 -26.94 -8.23
C CYS E 96 21.39 -25.85 -9.10
N VAL E 97 20.05 -25.83 -9.24
CA VAL E 97 19.41 -24.94 -10.20
C VAL E 97 18.43 -24.01 -9.50
N ARG E 98 18.41 -22.77 -10.00
CA ARG E 98 17.45 -21.74 -9.64
C ARG E 98 16.03 -22.13 -10.07
N SER E 99 15.05 -21.55 -9.39
CA SER E 99 13.65 -21.65 -9.79
C SER E 99 12.86 -20.53 -9.11
N ILE E 100 12.06 -19.81 -9.88
CA ILE E 100 11.14 -18.81 -9.36
C ILE E 100 9.75 -19.11 -9.92
N TYR E 101 8.73 -18.94 -9.09
CA TYR E 101 7.38 -19.41 -9.43
C TYR E 101 6.41 -18.24 -9.35
N TYR E 102 5.98 -17.74 -10.51
CA TYR E 102 4.90 -16.78 -10.64
C TYR E 102 4.33 -16.93 -12.06
N TYR E 103 3.33 -16.11 -12.38
CA TYR E 103 2.72 -16.18 -13.70
C TYR E 103 3.65 -15.63 -14.76
N GLY E 104 3.94 -16.44 -15.78
CA GLY E 104 4.91 -16.08 -16.79
C GLY E 104 6.35 -16.30 -16.40
N SER E 105 6.60 -16.93 -15.26
CA SER E 105 7.95 -17.19 -14.81
C SER E 105 8.57 -18.35 -15.59
N SER E 106 9.89 -18.39 -15.60
CA SER E 106 10.66 -19.49 -16.18
C SER E 106 11.55 -20.08 -15.10
N PRO E 107 11.03 -21.00 -14.29
CA PRO E 107 11.89 -21.72 -13.35
C PRO E 107 12.75 -22.75 -14.09
N PHE E 108 13.75 -23.27 -13.36
CA PHE E 108 14.80 -24.16 -13.89
C PHE E 108 15.61 -23.50 -15.00
N ASP E 109 15.69 -22.17 -15.02
CA ASP E 109 16.26 -21.47 -16.16
C ASP E 109 17.78 -21.49 -16.18
N PHE E 110 18.44 -21.48 -15.03
CA PHE E 110 19.89 -21.48 -14.99
C PHE E 110 20.39 -22.71 -14.25
N TRP E 111 21.52 -23.24 -14.72
CA TRP E 111 22.07 -24.49 -14.25
C TRP E 111 23.49 -24.28 -13.75
N GLY E 112 23.85 -25.04 -12.72
CA GLY E 112 25.22 -25.06 -12.25
C GLY E 112 26.14 -25.78 -13.22
N GLN E 113 27.44 -25.66 -12.97
CA GLN E 113 28.42 -26.32 -13.83
C GLN E 113 28.44 -27.82 -13.63
N GLY E 114 27.98 -28.31 -12.49
CA GLY E 114 27.86 -29.74 -12.27
C GLY E 114 29.03 -30.31 -11.52
N THR E 115 28.85 -30.59 -10.23
CA THR E 115 29.94 -31.19 -9.47
C THR E 115 29.92 -32.71 -9.63
N THR E 116 31.09 -33.32 -9.49
CA THR E 116 31.24 -34.75 -9.70
C THR E 116 31.40 -35.43 -8.34
N LEU E 117 30.71 -36.56 -8.15
CA LEU E 117 30.83 -37.31 -6.90
C LEU E 117 30.71 -38.78 -7.23
N THR E 118 31.83 -39.50 -7.17
CA THR E 118 31.88 -40.93 -7.41
C THR E 118 32.12 -41.68 -6.12
N VAL E 119 31.53 -42.87 -6.01
CA VAL E 119 31.71 -43.73 -4.86
C VAL E 119 32.45 -44.99 -5.29
N SER E 120 33.23 -45.54 -4.37
CA SER E 120 33.99 -46.75 -4.65
C SER E 120 33.13 -47.99 -4.49
N SER E 121 33.34 -48.96 -5.37
CA SER E 121 32.58 -50.22 -5.31
C SER E 121 33.43 -51.38 -5.82
N SER E 136 1.21 -43.30 -8.57
CA SER E 136 2.50 -43.00 -7.95
C SER E 136 3.26 -41.95 -8.76
N ASP E 137 4.46 -42.32 -9.22
CA ASP E 137 5.27 -41.40 -10.00
C ASP E 137 4.74 -41.27 -11.42
N ILE E 138 4.88 -40.06 -11.98
CA ILE E 138 4.48 -39.80 -13.36
C ILE E 138 5.63 -40.25 -14.25
N VAL E 139 5.54 -41.45 -14.78
CA VAL E 139 6.63 -42.02 -15.58
C VAL E 139 6.59 -41.38 -16.97
N MET E 140 7.73 -40.80 -17.38
CA MET E 140 7.82 -40.07 -18.64
C MET E 140 8.49 -40.99 -19.66
N THR E 141 7.69 -41.79 -20.35
CA THR E 141 8.19 -42.79 -21.30
C THR E 141 8.53 -42.12 -22.62
N GLN E 142 9.79 -41.70 -22.76
CA GLN E 142 10.29 -41.22 -24.04
C GLN E 142 10.65 -42.43 -24.89
N ALA E 143 9.90 -42.65 -25.97
CA ALA E 143 10.13 -43.80 -26.84
C ALA E 143 11.45 -43.66 -27.61
N THR E 144 11.64 -42.53 -28.27
CA THR E 144 12.88 -42.28 -29.00
C THR E 144 14.02 -41.95 -28.03
N SER E 145 15.23 -42.32 -28.44
CA SER E 145 16.41 -42.03 -27.64
C SER E 145 17.59 -41.49 -28.43
N SER E 146 17.59 -41.60 -29.76
CA SER E 146 18.67 -41.09 -30.59
C SER E 146 18.14 -40.88 -32.00
N VAL E 147 18.25 -39.66 -32.50
CA VAL E 147 17.77 -39.32 -33.84
C VAL E 147 18.93 -38.71 -34.63
N PRO E 148 19.52 -39.44 -35.57
CA PRO E 148 20.54 -38.84 -36.45
C PRO E 148 19.89 -37.98 -37.51
N VAL E 149 20.39 -36.74 -37.65
CA VAL E 149 19.78 -35.77 -38.55
C VAL E 149 20.86 -34.76 -38.94
N THR E 150 20.76 -34.26 -40.17
CA THR E 150 21.67 -33.24 -40.67
C THR E 150 21.20 -31.86 -40.19
N PRO E 151 22.11 -30.89 -40.12
CA PRO E 151 21.69 -29.52 -39.77
C PRO E 151 20.91 -28.87 -40.90
N GLY E 152 19.82 -28.22 -40.54
CA GLY E 152 19.00 -27.48 -41.47
C GLY E 152 17.65 -28.08 -41.83
N GLU E 153 17.12 -29.00 -41.01
CA GLU E 153 15.82 -29.60 -41.26
C GLU E 153 15.01 -29.62 -39.98
N SER E 154 13.69 -29.74 -40.15
CA SER E 154 12.78 -29.79 -39.01
C SER E 154 12.91 -31.14 -38.30
N VAL E 155 13.12 -31.09 -36.98
CA VAL E 155 13.34 -32.29 -36.18
C VAL E 155 12.21 -32.38 -35.15
N SER E 156 11.62 -33.56 -35.01
CA SER E 156 10.45 -33.78 -34.15
C SER E 156 10.79 -34.79 -33.07
N ILE E 157 10.80 -34.35 -31.82
CA ILE E 157 11.02 -35.22 -30.66
C ILE E 157 9.69 -35.36 -29.92
N SER E 158 9.26 -36.60 -29.72
CA SER E 158 8.01 -36.87 -29.01
C SER E 158 8.29 -37.21 -27.55
N CYS E 159 7.33 -36.85 -26.69
CA CYS E 159 7.40 -37.15 -25.27
C CYS E 159 6.04 -37.64 -24.80
N ARG E 160 6.00 -38.88 -24.32
CA ARG E 160 4.79 -39.49 -23.81
C ARG E 160 4.80 -39.43 -22.28
N SER E 161 3.65 -39.09 -21.70
CA SER E 161 3.49 -39.04 -20.26
C SER E 161 2.65 -40.22 -19.81
N SER E 162 2.46 -40.32 -18.49
CA SER E 162 1.59 -41.32 -17.90
C SER E 162 0.41 -40.72 -17.17
N LYS E 163 0.25 -39.40 -17.22
CA LYS E 163 -0.86 -38.71 -16.58
C LYS E 163 -1.14 -37.43 -17.38
N SER E 164 -2.41 -37.05 -17.44
CA SER E 164 -2.81 -35.84 -18.14
C SER E 164 -2.29 -34.61 -17.40
N LEU E 165 -1.27 -33.97 -17.97
CA LEU E 165 -0.63 -32.83 -17.35
C LEU E 165 -1.45 -31.55 -17.43
N LEU E 166 -2.52 -31.53 -18.21
CA LEU E 166 -3.38 -30.35 -18.34
C LEU E 166 -4.13 -30.14 -17.04
N HIS E 167 -3.68 -29.17 -16.24
CA HIS E 167 -4.30 -28.85 -14.98
C HIS E 167 -5.57 -28.02 -15.23
N SER E 168 -6.34 -27.79 -14.17
CA SER E 168 -7.60 -27.06 -14.28
C SER E 168 -7.38 -25.61 -14.69
N ASN E 169 -6.30 -24.98 -14.24
CA ASN E 169 -6.04 -23.59 -14.53
C ASN E 169 -5.55 -23.33 -15.95
N GLY E 170 -5.29 -24.37 -16.75
CA GLY E 170 -5.13 -24.23 -18.17
C GLY E 170 -3.72 -24.43 -18.70
N ASN E 171 -2.70 -24.39 -17.86
CA ASN E 171 -1.32 -24.51 -18.32
C ASN E 171 -0.78 -25.92 -18.07
N THR E 172 -0.21 -26.50 -19.12
CA THR E 172 0.32 -27.86 -19.08
C THR E 172 1.76 -27.83 -18.62
N TYR E 173 2.03 -28.41 -17.46
CA TYR E 173 3.33 -28.29 -16.78
C TYR E 173 4.31 -29.32 -17.32
N LEU E 174 4.85 -29.05 -18.51
CA LEU E 174 5.96 -29.82 -19.05
C LEU E 174 7.01 -28.87 -19.62
N TYR E 175 8.26 -29.08 -19.24
CA TYR E 175 9.37 -28.23 -19.66
C TYR E 175 10.30 -29.03 -20.56
N TRP E 176 10.88 -28.35 -21.55
CA TRP E 176 11.88 -28.91 -22.44
C TRP E 176 13.24 -28.31 -22.13
N PHE E 177 14.25 -29.18 -22.01
CA PHE E 177 15.60 -28.86 -21.59
C PHE E 177 16.61 -29.34 -22.62
N LEU E 178 17.60 -28.49 -22.90
CA LEU E 178 18.69 -28.79 -23.82
C LEU E 178 19.97 -28.98 -23.03
N GLN E 179 20.72 -30.04 -23.32
CA GLN E 179 22.03 -30.26 -22.72
C GLN E 179 23.05 -30.52 -23.82
N ARG E 180 24.02 -29.62 -23.94
CA ARG E 180 25.09 -29.78 -24.92
C ARG E 180 26.08 -30.84 -24.46
N PRO E 181 26.73 -31.53 -25.40
CA PRO E 181 27.75 -32.53 -25.02
C PRO E 181 28.97 -31.87 -24.38
N GLY E 182 29.29 -32.29 -23.17
CA GLY E 182 30.38 -31.69 -22.42
C GLY E 182 30.04 -30.37 -21.76
N GLN E 183 28.75 -30.06 -21.63
CA GLN E 183 28.32 -28.82 -20.98
C GLN E 183 27.23 -29.11 -19.95
N SER E 184 26.65 -28.06 -19.41
CA SER E 184 25.53 -28.17 -18.48
C SER E 184 24.21 -28.15 -19.23
N PRO E 185 23.14 -28.68 -18.64
CA PRO E 185 21.82 -28.54 -19.26
C PRO E 185 21.35 -27.09 -19.28
N GLN E 186 20.36 -26.83 -20.12
CA GLN E 186 19.82 -25.48 -20.25
C GLN E 186 18.32 -25.57 -20.50
N LEU E 187 17.54 -24.80 -19.76
CA LEU E 187 16.14 -24.61 -20.08
C LEU E 187 16.01 -23.89 -21.41
N LEU E 188 15.18 -24.41 -22.29
CA LEU E 188 14.85 -23.67 -23.50
C LEU E 188 13.37 -23.51 -23.76
N ILE E 189 12.50 -24.38 -23.22
CA ILE E 189 11.05 -24.18 -23.34
C ILE E 189 10.39 -24.48 -22.01
N TYR E 190 9.56 -23.55 -21.52
CA TYR E 190 8.76 -23.80 -20.33
C TYR E 190 7.28 -23.78 -20.68
N ARG E 191 6.53 -24.71 -20.06
CA ARG E 191 5.10 -24.93 -20.22
C ARG E 191 4.69 -25.28 -21.64
N MET E 192 5.63 -25.82 -22.43
CA MET E 192 5.52 -26.32 -23.82
C MET E 192 4.82 -25.39 -24.82
N SER E 193 4.65 -24.12 -24.48
CA SER E 193 4.23 -23.09 -25.42
C SER E 193 5.20 -21.94 -25.46
N ASN E 194 5.60 -21.43 -24.30
CA ASN E 194 6.47 -20.27 -24.20
C ASN E 194 7.94 -20.68 -24.34
N LEU E 195 8.76 -19.72 -24.77
CA LEU E 195 10.19 -19.93 -24.93
C LEU E 195 10.93 -19.19 -23.82
N ALA E 196 12.11 -19.72 -23.46
CA ALA E 196 12.90 -19.15 -22.39
C ALA E 196 13.55 -17.84 -22.83
N SER E 197 14.00 -17.07 -21.85
CA SER E 197 14.63 -15.77 -22.10
C SER E 197 16.07 -16.01 -22.49
N GLY E 198 16.30 -16.17 -23.79
CA GLY E 198 17.64 -16.34 -24.30
C GLY E 198 17.76 -17.36 -25.42
N VAL E 199 16.70 -18.12 -25.66
CA VAL E 199 16.69 -19.13 -26.71
C VAL E 199 16.21 -18.48 -28.00
N PRO E 200 16.81 -18.77 -29.15
CA PRO E 200 16.29 -18.24 -30.42
C PRO E 200 14.98 -18.90 -30.82
N ASP E 201 14.22 -18.18 -31.65
CA ASP E 201 12.87 -18.58 -32.05
C ASP E 201 12.95 -19.63 -33.17
N ARG E 202 13.37 -20.84 -32.78
CA ARG E 202 13.39 -21.97 -33.70
C ARG E 202 12.63 -23.14 -33.09
N PHE E 203 12.60 -23.20 -31.77
CA PHE E 203 12.05 -24.33 -31.04
C PHE E 203 10.58 -24.06 -30.72
N SER E 204 9.71 -24.99 -31.11
CA SER E 204 8.29 -24.87 -30.82
C SER E 204 7.80 -26.12 -30.11
N GLY E 205 6.75 -25.96 -29.31
CA GLY E 205 6.15 -27.07 -28.58
C GLY E 205 4.67 -27.20 -28.91
N SER E 206 4.23 -28.44 -29.10
CA SER E 206 2.84 -28.72 -29.44
C SER E 206 2.39 -29.97 -28.69
N GLY E 207 1.11 -30.28 -28.81
CA GLY E 207 0.53 -31.43 -28.13
C GLY E 207 -0.55 -31.02 -27.14
N SER E 208 -1.32 -32.03 -26.72
CA SER E 208 -2.48 -31.81 -25.85
C SER E 208 -2.54 -32.93 -24.80
N GLY E 209 -1.96 -32.65 -23.62
CA GLY E 209 -2.12 -33.50 -22.46
C GLY E 209 -1.35 -34.81 -22.48
N THR E 210 -1.74 -35.73 -23.35
CA THR E 210 -1.16 -37.07 -23.36
C THR E 210 0.24 -37.08 -23.95
N ALA E 211 0.40 -36.50 -25.13
CA ALA E 211 1.67 -36.56 -25.85
C ALA E 211 2.08 -35.16 -26.30
N PHE E 212 3.36 -34.85 -26.14
CA PHE E 212 3.89 -33.53 -26.49
C PHE E 212 5.00 -33.70 -27.53
N THR E 213 5.25 -32.61 -28.26
CA THR E 213 6.12 -32.66 -29.43
C THR E 213 6.98 -31.41 -29.47
N LEU E 214 8.29 -31.60 -29.58
CA LEU E 214 9.25 -30.53 -29.78
C LEU E 214 9.64 -30.50 -31.26
N THR E 215 9.42 -29.36 -31.90
CA THR E 215 9.70 -29.18 -33.32
C THR E 215 10.80 -28.14 -33.49
N ILE E 216 11.88 -28.53 -34.17
CA ILE E 216 12.98 -27.65 -34.51
C ILE E 216 12.83 -27.29 -35.98
N SER E 217 12.79 -25.99 -36.29
CA SER E 217 12.66 -25.54 -37.67
C SER E 217 13.93 -25.82 -38.46
N ARG E 218 15.05 -25.24 -38.05
CA ARG E 218 16.34 -25.53 -38.64
C ARG E 218 17.35 -25.82 -37.53
N LEU E 219 18.19 -26.83 -37.76
CA LEU E 219 19.17 -27.25 -36.78
C LEU E 219 20.53 -26.66 -37.10
N GLU E 220 21.30 -26.35 -36.06
CA GLU E 220 22.59 -25.71 -36.19
C GLU E 220 23.64 -26.49 -35.40
N ALA E 221 24.87 -25.98 -35.40
CA ALA E 221 25.96 -26.66 -34.70
C ALA E 221 25.81 -26.55 -33.18
N GLU E 222 25.14 -25.51 -32.69
CA GLU E 222 24.90 -25.35 -31.27
C GLU E 222 23.58 -25.96 -30.82
N ASP E 223 22.79 -26.51 -31.74
CA ASP E 223 21.51 -27.09 -31.40
C ASP E 223 21.56 -28.60 -31.17
N VAL E 224 22.75 -29.20 -31.27
CA VAL E 224 22.89 -30.63 -31.01
C VAL E 224 23.03 -30.86 -29.52
N GLY E 225 22.64 -32.05 -29.08
CA GLY E 225 22.71 -32.40 -27.67
C GLY E 225 21.58 -33.34 -27.30
N VAL E 226 21.33 -33.41 -25.99
CA VAL E 226 20.33 -34.30 -25.41
C VAL E 226 19.16 -33.44 -24.95
N TYR E 227 17.94 -33.87 -25.27
CA TYR E 227 16.72 -33.14 -24.95
C TYR E 227 15.96 -33.91 -23.88
N TYR E 228 15.65 -33.25 -22.78
CA TYR E 228 14.86 -33.82 -21.70
C TYR E 228 13.50 -33.14 -21.62
N CYS E 229 12.49 -33.90 -21.21
CA CYS E 229 11.17 -33.37 -20.92
C CYS E 229 10.83 -33.66 -19.46
N MET E 230 10.38 -32.63 -18.75
CA MET E 230 10.06 -32.71 -17.33
C MET E 230 8.57 -32.45 -17.13
N GLN E 231 7.93 -33.29 -16.32
CA GLN E 231 6.61 -32.94 -15.79
C GLN E 231 6.76 -32.21 -14.47
N HIS E 232 5.97 -31.17 -14.28
CA HIS E 232 6.01 -30.39 -13.04
C HIS E 232 4.62 -30.31 -12.42
N LEU E 233 3.79 -31.33 -12.64
CA LEU E 233 2.44 -31.30 -12.10
C LEU E 233 2.42 -31.71 -10.64
N GLU E 234 3.17 -32.76 -10.28
CA GLU E 234 3.21 -33.26 -8.91
C GLU E 234 4.63 -33.70 -8.57
N TYR E 235 5.01 -33.53 -7.31
CA TYR E 235 6.29 -34.03 -6.84
C TYR E 235 6.20 -35.54 -6.61
N PRO E 236 7.29 -36.29 -6.88
CA PRO E 236 8.61 -35.90 -7.39
C PRO E 236 8.64 -35.59 -8.88
N LEU E 237 9.60 -34.75 -9.28
CA LEU E 237 9.69 -34.25 -10.65
C LEU E 237 10.44 -35.29 -11.48
N THR E 238 9.71 -36.24 -12.03
CA THR E 238 10.32 -37.32 -12.82
C THR E 238 10.65 -36.78 -14.20
N PHE E 239 11.92 -36.89 -14.58
CA PHE E 239 12.40 -36.35 -15.84
C PHE E 239 12.15 -37.37 -16.96
N GLY E 240 12.65 -37.06 -18.16
CA GLY E 240 12.58 -37.98 -19.27
C GLY E 240 13.87 -38.75 -19.47
N ALA E 241 13.85 -39.63 -20.47
CA ALA E 241 15.05 -40.41 -20.81
C ALA E 241 16.11 -39.53 -21.45
N GLY E 242 15.72 -38.65 -22.36
CA GLY E 242 16.66 -37.76 -23.02
C GLY E 242 17.02 -38.22 -24.42
N THR E 243 16.41 -37.61 -25.42
CA THR E 243 16.67 -37.97 -26.82
C THR E 243 17.85 -37.16 -27.34
N LYS E 244 18.85 -37.83 -27.88
CA LYS E 244 20.06 -37.17 -28.33
C LYS E 244 20.03 -36.95 -29.84
N LEU E 245 20.75 -35.93 -30.28
CA LEU E 245 20.85 -35.59 -31.70
C LEU E 245 22.32 -35.63 -32.12
N GLU E 246 22.63 -36.49 -33.08
CA GLU E 246 23.97 -36.61 -33.62
C GLU E 246 23.96 -36.27 -35.10
N LEU E 247 25.12 -35.83 -35.60
CA LEU E 247 25.24 -35.45 -37.00
C LEU E 247 26.43 -36.14 -37.65
#